data_7AIZ
#
_entry.id   7AIZ
#
_cell.length_a   75.521
_cell.length_b   80.041
_cell.length_c   107.210
_cell.angle_alpha   84.000
_cell.angle_beta   72.480
_cell.angle_gamma   75.030
#
_symmetry.space_group_name_H-M   'P 1'
#
loop_
_entity.id
_entity.type
_entity.pdbx_description
1 polymer 'Nitrogenase vanadium-iron protein alpha chain'
2 polymer 'Nitrogenase vanadium-iron protein beta chain'
3 polymer 'Nitrogenase vanadium-iron protein delta chain'
4 non-polymer FeV
5 non-polymer '3-HYDROXY-3-CARBOXY-ADIPIC ACID'
6 non-polymer 'BICARBONATE ION'
7 non-polymer 'CARBON MONOXIDE'
8 non-polymer 1,2-ETHANEDIOL
9 non-polymer 2-AMINO-2-HYDROXYMETHYL-PROPANE-1,3-DIOL
10 non-polymer 'FE(8)-S(7) CLUSTER'
11 non-polymer 'MAGNESIUM ION'
12 water water
#
loop_
_entity_poly.entity_id
_entity_poly.type
_entity_poly.pdbx_seq_one_letter_code
_entity_poly.pdbx_strand_id
1 'polypeptide(L)'
;MPMVLLECDKDIPERQKHIYLKAPNEDTREFLPIANAATIPGTLSERGCAFCGAKLVIGGVLKDTIQMIHGPLGCAYDTW
HTKRYPTDNGHFNMKYVWSTDMKESHVVFGGEKRLEKSMHEAFDEMPDIKRMIVYTTCPTALIGDDIKAVAKKVMKDRPD
VDVFTVECPGFSGVSQSKGHHVLNIGWINEKVETMEKEITSEYTMNFIGDFNIQGDTQLLQTYWDRLGIQVVAHFTGNGT
YDDLRCMHQAQLNVVNCARSSGYIANELKKRYGIPRLDIDSWGFNYMAEGIRKICAFFGIEEKGEELIAEEYAKWKPKLD
WYKERLQGKKMAIWTGGPRLWHWTKSVEDDLGVQVVAMSSKFGHEEDFEKVIARGKEGTYYIDDGNELEFFEIIDLVKPD
VIFTGPRVGELVKKLHIPYVNGHGYHNGPYMGFEGFVNLARDMYNAVHNPLRHLAAVDIRDKSQTTPVIVRGAA
;
A,D
2 'polypeptide(L)'
;MSNCELTVLKPAEVKLSPRDREGIINPMYDCQPAGAQYAGIGIKDCIPLVHGGQGCTMFVRLLFAQHFKENFDVASTSLH
EESAVFGGAKRVEEGVLVLARRYPNLRVIPIITTCSTEVIGDDIEGSIRVCNRALEAEFPDRKIYLAPVHTPSFKGSHVT
GYAECVKSVFKTITDAHGKGQPSGKLNVFPGWVNPGDVVLLKRYFKEMDVEANIYMDTEDFDSPMLPNKSIETHGRTTVE
DIADSANALATLSLARYEGNTTGELLQKTFAVPNALVNTPYGIKNTDDMLRKIAEVTGKEIPESLVRERGIALDALADLA
HMFFANKKVAIFGHPDLVLGLAQFCMEVELEPVLLLIGDDQGNKYKKDPRIEELKNTAHFDIEIVHNADLWELEKRINAG
LQLDLIMGHSKGRYVAIEANIPMVRVGFPTFDRAGLYRKPSIGYQGAMELGEMIANAMFAHMEYTRNKEWILNTW
;
B,E
3 'polypeptide(L)'
;MSQSHLDDLFAYVEERCLWQFFSRTWDREENIEGVLNQVGRLLTGQEPLRGTPQERLFYADALAMANDVRERFPWASQVN
KEEIEFLLDGLKSRLVDVTITRSTNRELNHHLY
;
C,F
#
loop_
_chem_comp.id
_chem_comp.type
_chem_comp.name
_chem_comp.formula
BCT non-polymer 'BICARBONATE ION' 'C H O3 -1'
CLF non-polymer 'FE(8)-S(7) CLUSTER' 'Fe8 S7'
CMO non-polymer 'CARBON MONOXIDE' 'C O'
D6N non-polymer FeV 'C Fe7 N S7 V'
EDO non-polymer 1,2-ETHANEDIOL 'C2 H6 O2'
HCA non-polymer '3-HYDROXY-3-CARBOXY-ADIPIC ACID' 'C7 H10 O7'
MG non-polymer 'MAGNESIUM ION' 'Mg 2'
TRS non-polymer 2-AMINO-2-HYDROXYMETHYL-PROPANE-1,3-DIOL 'C4 H12 N O3 1'
#
# COMPACT_ATOMS: atom_id res chain seq x y z
N PRO A 2 22.80 28.36 40.29
CA PRO A 2 21.81 28.60 41.35
C PRO A 2 20.55 27.82 41.01
N MET A 3 19.62 27.76 41.92
CA MET A 3 18.28 27.20 41.66
C MET A 3 17.46 28.23 40.89
N VAL A 4 16.58 27.77 40.01
CA VAL A 4 15.93 28.66 39.02
C VAL A 4 14.41 28.68 39.18
N LEU A 5 13.86 29.87 39.38
CA LEU A 5 12.42 30.11 39.30
C LEU A 5 12.09 30.55 37.88
N LEU A 6 11.55 29.65 37.07
CA LEU A 6 11.14 30.01 35.71
C LEU A 6 9.89 30.87 35.78
N GLU A 7 9.74 31.70 34.74
CA GLU A 7 8.58 32.58 34.64
C GLU A 7 7.29 31.79 34.64
N CYS A 8 7.25 30.64 33.94
CA CYS A 8 6.04 29.82 33.90
C CYS A 8 5.71 29.15 35.23
N ASP A 9 6.62 29.26 36.21
CA ASP A 9 6.40 28.63 37.53
C ASP A 9 6.19 29.69 38.61
N LYS A 10 5.95 30.96 38.26
CA LYS A 10 5.73 32.01 39.29
C LYS A 10 4.60 31.60 40.25
N ASP A 11 3.57 30.88 39.82
CA ASP A 11 2.43 30.49 40.69
C ASP A 11 2.63 29.10 41.27
N ILE A 12 3.71 28.40 40.93
CA ILE A 12 4.07 27.11 41.56
C ILE A 12 5.55 27.22 41.93
N PRO A 13 5.88 28.20 42.81
CA PRO A 13 7.28 28.52 43.04
C PRO A 13 8.10 27.45 43.77
N GLU A 14 7.43 26.43 44.31
CA GLU A 14 8.11 25.25 44.85
C GLU A 14 8.97 24.59 43.75
N ARG A 15 8.62 24.80 42.48
CA ARG A 15 9.43 24.22 41.39
C ARG A 15 10.86 24.73 41.38
N GLN A 16 11.14 25.89 41.98
CA GLN A 16 12.53 26.36 41.96
C GLN A 16 13.49 25.34 42.61
N LYS A 17 13.07 24.61 43.63
N LYS A 17 12.99 24.61 43.63
CA LYS A 17 14.05 23.71 44.26
CA LYS A 17 13.72 23.56 44.40
C LYS A 17 14.26 22.46 43.41
C LYS A 17 14.04 22.34 43.52
N HIS A 18 13.55 22.35 42.27
CA HIS A 18 13.69 21.22 41.34
C HIS A 18 14.51 21.57 40.12
N ILE A 19 14.99 22.79 40.02
CA ILE A 19 15.68 23.23 38.79
C ILE A 19 17.00 23.91 39.16
N TYR A 20 18.08 23.30 38.71
CA TYR A 20 19.44 23.78 38.99
C TYR A 20 20.08 24.25 37.67
N LEU A 21 20.58 25.49 37.67
CA LEU A 21 21.45 26.00 36.61
C LEU A 21 22.88 26.02 37.13
N LYS A 22 23.74 25.14 36.65
CA LYS A 22 25.11 24.99 37.18
C LYS A 22 25.97 26.18 36.82
N ALA A 23 26.56 26.84 37.83
CA ALA A 23 27.32 28.07 37.60
C ALA A 23 28.72 27.86 38.15
N PRO A 24 29.71 28.61 37.62
CA PRO A 24 31.10 28.47 38.07
C PRO A 24 31.27 28.62 39.58
N ASN A 25 32.18 27.77 40.07
CA ASN A 25 32.64 27.79 41.48
C ASN A 25 31.59 27.34 42.48
N GLU A 26 30.43 26.90 42.09
CA GLU A 26 29.43 26.53 43.12
C GLU A 26 29.83 25.22 43.76
N ASP A 27 29.47 25.09 45.04
CA ASP A 27 29.48 23.78 45.71
C ASP A 27 28.16 23.12 45.38
N THR A 28 28.23 22.13 44.48
CA THR A 28 27.03 21.49 43.97
C THR A 28 26.25 20.75 45.06
N ARG A 29 26.87 20.51 46.22
CA ARG A 29 26.13 19.85 47.32
C ARG A 29 25.06 20.77 47.88
N GLU A 30 25.16 22.08 47.62
CA GLU A 30 24.18 23.05 48.10
C GLU A 30 23.04 23.27 47.12
N PHE A 31 23.07 22.61 45.97
CA PHE A 31 22.13 22.86 44.86
C PHE A 31 21.59 21.59 44.30
N LEU A 32 21.44 20.54 45.07
CA LEU A 32 20.93 19.26 44.55
C LEU A 32 19.42 19.36 44.46
N PRO A 33 18.83 19.19 43.26
CA PRO A 33 17.39 19.25 43.15
C PRO A 33 16.76 18.27 44.13
N ILE A 34 15.61 18.70 44.62
CA ILE A 34 14.66 17.76 45.17
C ILE A 34 14.36 16.80 44.02
N ALA A 35 14.26 15.54 44.38
CA ALA A 35 13.79 14.58 43.40
C ALA A 35 13.00 13.50 44.09
N ASN A 36 12.19 12.81 43.33
CA ASN A 36 11.41 11.67 43.84
C ASN A 36 10.44 12.15 44.93
N ALA A 37 9.90 13.34 44.77
CA ALA A 37 8.84 13.89 45.64
C ALA A 37 7.52 13.89 44.90
N ALA A 38 6.46 14.27 45.59
CA ALA A 38 5.12 14.29 45.01
C ALA A 38 5.10 15.18 43.74
N THR A 39 4.24 14.81 42.83
CA THR A 39 4.00 15.64 41.63
C THR A 39 3.03 16.75 42.00
N ILE A 40 3.14 17.90 41.31
CA ILE A 40 2.13 18.97 41.47
C ILE A 40 0.99 18.68 40.49
N PRO A 41 -0.27 18.56 40.96
CA PRO A 41 -1.41 18.37 40.06
C PRO A 41 -1.52 19.47 39.03
N GLY A 42 -1.97 19.09 37.81
CA GLY A 42 -2.34 20.07 36.78
C GLY A 42 -1.20 20.66 36.02
N THR A 43 0.05 20.16 36.19
CA THR A 43 1.26 20.75 35.60
C THR A 43 1.57 20.24 34.18
N LEU A 44 1.02 19.12 33.78
CA LEU A 44 1.54 18.39 32.56
C LEU A 44 2.97 17.99 32.81
N SER A 45 3.24 17.47 34.03
CA SER A 45 4.39 16.60 34.33
C SER A 45 4.43 15.48 33.31
N GLU A 46 5.62 15.01 33.01
CA GLU A 46 5.85 13.84 32.11
C GLU A 46 5.66 12.50 32.82
N ARG A 47 5.46 12.48 34.13
CA ARG A 47 5.46 11.23 34.89
C ARG A 47 4.36 10.26 34.49
N GLY A 48 4.69 8.99 34.63
CA GLY A 48 3.76 7.87 34.57
C GLY A 48 3.51 7.28 35.95
N CYS A 49 2.99 6.06 36.00
CA CYS A 49 2.58 5.42 37.25
C CYS A 49 3.44 4.24 37.62
N ALA A 50 3.24 3.80 38.89
CA ALA A 50 4.06 2.72 39.43
C ALA A 50 3.84 1.42 38.68
N PHE A 51 2.61 1.15 38.23
CA PHE A 51 2.29 -0.08 37.49
C PHE A 51 3.13 -0.06 36.20
N CYS A 52 3.24 1.09 35.56
CA CYS A 52 4.08 1.16 34.36
C CYS A 52 5.51 0.69 34.62
N GLY A 53 6.08 1.15 35.76
CA GLY A 53 7.46 0.78 36.08
C GLY A 53 7.65 -0.71 36.32
N ALA A 54 6.65 -1.39 36.82
CA ALA A 54 6.73 -2.83 37.01
C ALA A 54 6.47 -3.59 35.71
N LYS A 55 5.33 -3.41 35.09
CA LYS A 55 4.94 -4.27 33.95
C LYS A 55 5.56 -3.82 32.63
N LEU A 56 5.46 -2.53 32.30
CA LEU A 56 5.93 -2.09 30.96
C LEU A 56 7.43 -2.13 30.92
N VAL A 57 8.06 -1.64 31.98
CA VAL A 57 9.52 -1.42 31.94
C VAL A 57 10.31 -2.69 32.18
N ILE A 58 9.93 -3.45 33.20
CA ILE A 58 10.77 -4.58 33.65
C ILE A 58 10.17 -5.94 33.30
N GLY A 59 9.00 -6.25 33.86
CA GLY A 59 8.48 -7.59 33.74
C GLY A 59 8.12 -7.96 32.31
N GLY A 60 7.53 -6.98 31.59
CA GLY A 60 7.00 -7.18 30.24
C GLY A 60 8.04 -7.44 29.19
N VAL A 61 9.31 -7.30 29.55
CA VAL A 61 10.45 -7.52 28.62
C VAL A 61 10.64 -9.00 28.36
N LEU A 62 10.26 -9.84 29.32
CA LEU A 62 10.51 -11.28 29.24
C LEU A 62 9.85 -11.91 28.05
N LYS A 63 10.50 -12.93 27.47
CA LYS A 63 9.99 -13.46 26.19
C LYS A 63 9.00 -14.61 26.34
N ASP A 64 8.77 -15.15 27.53
CA ASP A 64 8.07 -16.43 27.71
C ASP A 64 7.08 -16.39 28.84
N THR A 65 6.56 -15.22 29.18
CA THR A 65 5.80 -15.00 30.41
C THR A 65 4.50 -14.27 30.10
N ILE A 66 3.40 -14.80 30.58
CA ILE A 66 2.13 -14.09 30.54
C ILE A 66 2.16 -12.91 31.49
N GLN A 67 1.70 -11.75 31.02
CA GLN A 67 1.67 -10.51 31.80
C GLN A 67 0.22 -10.20 32.14
N MET A 68 -0.22 -10.74 33.30
CA MET A 68 -1.61 -10.69 33.69
C MET A 68 -1.91 -9.46 34.49
N ILE A 69 -2.60 -8.49 33.91
CA ILE A 69 -2.86 -7.23 34.57
C ILE A 69 -4.21 -7.27 35.22
N HIS A 70 -4.21 -7.35 36.56
CA HIS A 70 -5.45 -7.52 37.31
C HIS A 70 -6.09 -6.14 37.54
N GLY A 71 -7.11 -5.84 36.75
CA GLY A 71 -7.73 -4.51 36.73
C GLY A 71 -8.65 -4.41 35.53
N PRO A 72 -9.19 -3.22 35.34
CA PRO A 72 -10.01 -2.96 34.17
C PRO A 72 -9.09 -2.93 32.93
N LEU A 73 -9.71 -2.97 31.76
CA LEU A 73 -8.90 -3.25 30.54
C LEU A 73 -7.99 -2.11 30.13
N GLY A 74 -8.19 -0.89 30.58
CA GLY A 74 -7.37 0.25 30.12
C GLY A 74 -5.91 0.07 30.41
N CYS A 75 -5.59 -0.39 31.65
CA CYS A 75 -4.18 -0.52 32.01
C CYS A 75 -3.44 -1.45 31.06
N ALA A 76 -4.13 -2.49 30.62
CA ALA A 76 -3.58 -3.46 29.66
C ALA A 76 -3.46 -2.83 28.27
N TYR A 77 -4.54 -2.26 27.77
CA TYR A 77 -4.53 -1.61 26.43
C TYR A 77 -3.38 -0.62 26.36
N ASP A 78 -3.18 0.15 27.45
CA ASP A 78 -2.24 1.25 27.48
C ASP A 78 -0.78 0.81 27.49
N THR A 79 -0.50 -0.46 27.78
CA THR A 79 0.87 -0.97 27.85
C THR A 79 1.15 -1.98 26.78
N TRP A 80 0.49 -1.80 25.62
CA TRP A 80 0.53 -2.77 24.50
C TRP A 80 0.69 -1.98 23.20
N HIS A 81 1.69 -2.35 22.42
CA HIS A 81 2.09 -1.63 21.18
C HIS A 81 2.80 -0.33 21.49
N THR A 82 3.56 -0.28 22.60
CA THR A 82 4.21 0.98 23.00
C THR A 82 5.71 0.80 23.29
N LYS A 83 6.25 -0.41 23.26
CA LYS A 83 7.66 -0.70 23.62
C LYS A 83 8.37 -1.33 22.44
N ARG A 84 9.69 -1.20 22.46
CA ARG A 84 10.53 -1.78 21.40
C ARG A 84 11.62 -2.66 22.01
N TYR A 85 11.21 -3.80 22.55
CA TYR A 85 12.15 -4.79 23.14
C TYR A 85 11.93 -6.10 22.41
N PRO A 86 12.63 -6.31 21.26
CA PRO A 86 12.52 -7.54 20.55
C PRO A 86 12.97 -8.74 21.39
N THR A 87 12.58 -9.92 20.92
CA THR A 87 13.11 -11.16 21.44
C THR A 87 13.67 -11.99 20.31
N ASP A 88 14.27 -13.14 20.67
CA ASP A 88 14.66 -14.18 19.70
C ASP A 88 13.64 -15.32 19.62
N ASN A 89 12.38 -15.07 20.02
CA ASN A 89 11.30 -16.09 19.89
C ASN A 89 10.11 -15.49 19.18
N GLY A 90 10.29 -14.46 18.34
CA GLY A 90 9.13 -13.92 17.59
C GLY A 90 8.37 -12.86 18.36
N HIS A 91 8.95 -12.24 19.38
CA HIS A 91 8.40 -11.03 20.00
C HIS A 91 7.10 -11.34 20.68
N PHE A 92 7.02 -12.47 21.38
CA PHE A 92 5.82 -12.84 22.15
C PHE A 92 5.44 -11.70 23.09
N ASN A 93 6.42 -11.12 23.76
CA ASN A 93 6.24 -10.02 24.71
C ASN A 93 5.53 -8.82 24.16
N MET A 94 5.72 -8.52 22.88
CA MET A 94 5.11 -7.34 22.25
C MET A 94 3.76 -7.69 21.57
N LYS A 95 3.56 -8.95 21.26
CA LYS A 95 2.33 -9.32 20.57
C LYS A 95 1.13 -9.39 21.47
N TYR A 96 1.31 -9.62 22.77
CA TYR A 96 0.15 -9.95 23.63
C TYR A 96 0.15 -9.11 24.90
N VAL A 97 -1.06 -8.86 25.39
CA VAL A 97 -1.29 -8.31 26.76
C VAL A 97 -2.55 -8.97 27.30
N TRP A 98 -2.58 -9.10 28.64
CA TRP A 98 -3.68 -9.83 29.30
C TRP A 98 -4.32 -8.93 30.35
N SER A 99 -5.62 -9.03 30.48
CA SER A 99 -6.37 -8.28 31.48
C SER A 99 -7.37 -9.22 32.11
N THR A 100 -7.66 -8.96 33.40
CA THR A 100 -8.79 -9.63 34.06
C THR A 100 -10.13 -8.99 33.74
N ASP A 101 -10.14 -7.89 32.99
CA ASP A 101 -11.39 -7.23 32.56
C ASP A 101 -12.31 -7.01 33.74
N MET A 102 -11.79 -6.28 34.74
N MET A 102 -11.76 -6.40 34.80
CA MET A 102 -12.56 -5.97 35.95
CA MET A 102 -12.57 -6.09 35.98
C MET A 102 -13.82 -5.17 35.63
C MET A 102 -13.81 -5.32 35.57
N LYS A 103 -14.95 -5.64 36.15
CA LYS A 103 -16.27 -5.02 35.94
C LYS A 103 -16.77 -4.46 37.27
N GLU A 104 -17.91 -3.77 37.21
CA GLU A 104 -18.52 -3.23 38.44
C GLU A 104 -18.80 -4.33 39.47
N SER A 105 -19.23 -5.49 39.06
CA SER A 105 -19.59 -6.54 40.01
C SER A 105 -18.35 -6.95 40.82
N HIS A 106 -17.18 -6.87 40.21
CA HIS A 106 -15.93 -7.25 40.89
C HIS A 106 -15.51 -6.17 41.86
N VAL A 107 -15.79 -4.91 41.59
CA VAL A 107 -15.57 -3.86 42.61
C VAL A 107 -16.47 -4.16 43.81
N VAL A 108 -17.69 -4.58 43.55
CA VAL A 108 -18.67 -4.78 44.65
C VAL A 108 -18.27 -6.02 45.47
N PHE A 109 -18.03 -7.14 44.81
CA PHE A 109 -17.94 -8.44 45.43
C PHE A 109 -16.52 -8.96 45.53
N GLY A 110 -15.54 -8.30 44.89
CA GLY A 110 -14.18 -8.76 44.87
C GLY A 110 -13.81 -9.30 43.49
N GLY A 111 -12.52 -9.27 43.20
CA GLY A 111 -12.01 -9.71 41.90
C GLY A 111 -11.12 -10.95 41.95
N GLU A 112 -11.03 -11.63 43.11
CA GLU A 112 -10.09 -12.75 43.19
C GLU A 112 -10.50 -13.93 42.33
N LYS A 113 -11.79 -14.24 42.26
CA LYS A 113 -12.22 -15.38 41.41
C LYS A 113 -12.10 -14.99 39.94
N ARG A 114 -12.34 -13.74 39.62
CA ARG A 114 -12.20 -13.24 38.22
C ARG A 114 -10.71 -13.38 37.82
N LEU A 115 -9.77 -13.02 38.68
CA LEU A 115 -8.35 -13.21 38.41
C LEU A 115 -8.05 -14.69 38.21
N GLU A 116 -8.49 -15.51 39.19
CA GLU A 116 -8.17 -16.94 39.11
C GLU A 116 -8.65 -17.54 37.73
N LYS A 117 -9.89 -17.22 37.37
CA LYS A 117 -10.43 -17.71 36.11
C LYS A 117 -9.59 -17.21 34.91
N SER A 118 -9.26 -15.93 34.92
CA SER A 118 -8.43 -15.34 33.83
C SER A 118 -7.10 -16.07 33.74
N MET A 119 -6.49 -16.40 34.86
CA MET A 119 -5.18 -17.04 34.88
C MET A 119 -5.30 -18.40 34.22
N HIS A 120 -6.25 -19.21 34.64
CA HIS A 120 -6.39 -20.53 34.02
C HIS A 120 -6.73 -20.41 32.53
N GLU A 121 -7.56 -19.45 32.16
CA GLU A 121 -7.86 -19.25 30.72
C GLU A 121 -6.57 -18.96 29.95
N ALA A 122 -5.72 -18.10 30.51
CA ALA A 122 -4.50 -17.70 29.80
C ALA A 122 -3.61 -18.92 29.58
N PHE A 123 -3.44 -19.77 30.64
CA PHE A 123 -2.63 -20.98 30.48
C PHE A 123 -3.31 -21.98 29.54
N ASP A 124 -4.63 -22.04 29.52
CA ASP A 124 -5.32 -22.96 28.62
C ASP A 124 -5.17 -22.49 27.16
N GLU A 125 -5.21 -21.19 26.93
CA GLU A 125 -5.19 -20.65 25.55
C GLU A 125 -3.82 -20.81 24.94
N MET A 126 -2.76 -20.83 25.74
CA MET A 126 -1.39 -20.93 25.25
C MET A 126 -0.67 -22.00 26.05
N PRO A 127 -0.91 -23.28 25.69
CA PRO A 127 -0.42 -24.39 26.52
C PRO A 127 1.09 -24.52 26.55
N ASP A 128 1.82 -23.84 25.67
CA ASP A 128 3.31 -23.84 25.69
C ASP A 128 3.89 -22.85 26.72
N ILE A 129 3.05 -21.98 27.29
CA ILE A 129 3.54 -20.91 28.19
C ILE A 129 3.17 -21.34 29.62
N LYS A 130 4.17 -21.37 30.48
CA LYS A 130 3.95 -21.91 31.85
C LYS A 130 4.44 -20.96 32.92
N ARG A 131 4.62 -19.70 32.58
CA ARG A 131 5.13 -18.68 33.50
C ARG A 131 4.24 -17.45 33.43
N MET A 132 4.06 -16.75 34.55
CA MET A 132 3.15 -15.61 34.57
C MET A 132 3.61 -14.67 35.63
N ILE A 133 3.42 -13.37 35.37
CA ILE A 133 3.49 -12.31 36.39
C ILE A 133 2.12 -11.67 36.48
N VAL A 134 1.60 -11.54 37.68
CA VAL A 134 0.32 -10.85 37.92
C VAL A 134 0.63 -9.52 38.56
N TYR A 135 0.02 -8.47 38.06
CA TYR A 135 0.17 -7.09 38.57
C TYR A 135 -1.15 -6.60 39.05
N THR A 136 -1.15 -5.91 40.21
CA THR A 136 -2.34 -5.11 40.60
C THR A 136 -2.27 -3.74 39.84
N THR A 137 -3.42 -3.09 39.85
CA THR A 137 -3.65 -1.77 39.31
C THR A 137 -4.44 -0.96 40.32
N CYS A 138 -4.71 0.32 40.05
CA CYS A 138 -5.42 1.16 41.02
C CYS A 138 -6.58 0.45 41.72
N PRO A 139 -7.61 -0.07 41.03
CA PRO A 139 -8.83 -0.43 41.75
C PRO A 139 -8.69 -1.79 42.43
N THR A 140 -7.88 -2.71 41.90
CA THR A 140 -7.69 -4.00 42.56
C THR A 140 -6.88 -3.85 43.84
N ALA A 141 -5.99 -2.90 43.91
CA ALA A 141 -5.34 -2.53 45.20
C ALA A 141 -6.41 -1.96 46.11
N LEU A 142 -7.23 -1.03 45.64
CA LEU A 142 -8.19 -0.38 46.53
C LEU A 142 -9.19 -1.35 47.13
N ILE A 143 -9.60 -2.37 46.43
CA ILE A 143 -10.59 -3.33 46.95
C ILE A 143 -9.88 -4.45 47.70
N GLY A 144 -8.55 -4.52 47.70
CA GLY A 144 -7.83 -5.47 48.60
C GLY A 144 -7.79 -6.88 48.07
N ASP A 145 -7.90 -7.10 46.77
CA ASP A 145 -7.74 -8.48 46.25
C ASP A 145 -6.32 -8.97 46.57
N ASP A 146 -6.24 -10.17 47.07
CA ASP A 146 -4.96 -10.74 47.52
C ASP A 146 -4.41 -11.63 46.36
N ILE A 147 -3.70 -10.99 45.44
CA ILE A 147 -3.27 -11.69 44.25
C ILE A 147 -2.19 -12.71 44.56
N LYS A 148 -1.44 -12.55 45.66
CA LYS A 148 -0.43 -13.55 46.07
C LYS A 148 -1.13 -14.83 46.51
N ALA A 149 -2.25 -14.74 47.19
CA ALA A 149 -3.02 -15.91 47.62
C ALA A 149 -3.69 -16.60 46.44
N VAL A 150 -4.17 -15.81 45.45
CA VAL A 150 -4.71 -16.43 44.24
C VAL A 150 -3.62 -17.19 43.48
N ALA A 151 -2.48 -16.54 43.32
CA ALA A 151 -1.37 -17.20 42.62
C ALA A 151 -0.97 -18.49 43.32
N LYS A 152 -0.97 -18.47 44.66
CA LYS A 152 -0.64 -19.68 45.42
C LYS A 152 -1.60 -20.81 45.12
N LYS A 153 -2.90 -20.50 45.05
CA LYS A 153 -3.92 -21.50 44.74
C LYS A 153 -3.70 -22.00 43.31
N VAL A 154 -3.48 -21.10 42.34
CA VAL A 154 -3.27 -21.55 40.96
C VAL A 154 -2.06 -22.47 40.88
N MET A 155 -0.95 -22.14 41.51
CA MET A 155 0.22 -23.02 41.42
C MET A 155 -0.04 -24.38 42.10
N LYS A 156 -0.84 -24.41 43.20
CA LYS A 156 -1.23 -25.69 43.82
C LYS A 156 -2.04 -26.51 42.82
N ASP A 157 -2.98 -25.88 42.16
CA ASP A 157 -3.94 -26.56 41.26
C ASP A 157 -3.32 -26.96 39.93
N ARG A 158 -2.24 -26.30 39.56
CA ARG A 158 -1.60 -26.43 38.24
C ARG A 158 -0.10 -26.53 38.45
N PRO A 159 0.43 -27.69 38.89
CA PRO A 159 1.81 -27.76 39.36
C PRO A 159 2.87 -27.54 38.29
N ASP A 160 2.50 -27.43 37.02
CA ASP A 160 3.51 -27.15 35.97
C ASP A 160 3.64 -25.65 35.65
N VAL A 161 2.96 -24.79 36.39
CA VAL A 161 3.15 -23.34 36.17
C VAL A 161 3.91 -22.74 37.34
N ASP A 162 4.49 -21.57 37.12
CA ASP A 162 5.09 -20.73 38.18
C ASP A 162 4.59 -19.32 38.01
N VAL A 163 4.16 -18.69 39.08
CA VAL A 163 3.55 -17.36 39.05
C VAL A 163 4.23 -16.46 40.06
N PHE A 164 4.50 -15.24 39.64
CA PHE A 164 5.03 -14.16 40.46
C PHE A 164 4.02 -13.04 40.53
N THR A 165 3.97 -12.30 41.63
CA THR A 165 2.98 -11.23 41.80
C THR A 165 3.64 -9.95 42.22
N VAL A 166 3.06 -8.83 41.76
CA VAL A 166 3.54 -7.50 42.04
C VAL A 166 2.35 -6.64 42.46
N GLU A 167 2.46 -6.02 43.65
CA GLU A 167 1.47 -5.00 44.12
C GLU A 167 1.96 -3.63 43.68
N CYS A 168 1.35 -3.04 42.66
N CYS A 168 1.36 -3.07 42.70
CA CYS A 168 1.85 -1.81 41.93
CA CYS A 168 1.86 -1.76 42.24
C CYS A 168 0.69 -0.95 41.47
C CYS A 168 0.80 -0.92 41.58
N PRO A 169 -0.24 -0.54 42.36
CA PRO A 169 -1.25 0.34 41.84
C PRO A 169 -0.60 1.67 41.45
N GLY A 170 -1.23 2.33 40.49
CA GLY A 170 -0.64 3.51 39.91
C GLY A 170 -0.51 4.67 40.84
N PHE A 171 -1.28 4.73 41.92
CA PHE A 171 -1.16 5.78 42.92
C PHE A 171 -0.07 5.50 43.95
N SER A 172 0.54 4.35 43.89
CA SER A 172 1.66 4.11 44.80
C SER A 172 2.91 4.93 44.42
N GLY A 173 3.67 5.36 45.41
CA GLY A 173 4.80 6.23 45.12
C GLY A 173 4.34 7.48 44.38
N VAL A 174 5.16 7.96 43.50
CA VAL A 174 4.95 9.26 42.79
C VAL A 174 5.15 9.12 41.29
N SER A 175 5.52 7.94 40.80
CA SER A 175 6.06 7.81 39.45
C SER A 175 6.28 6.33 39.19
N GLN A 176 6.87 6.03 37.99
CA GLN A 176 7.26 4.65 37.70
C GLN A 176 8.24 4.04 38.68
N SER A 177 9.00 4.88 39.39
CA SER A 177 10.11 4.38 40.23
C SER A 177 9.64 3.35 41.26
N LYS A 178 8.50 3.57 41.87
CA LYS A 178 8.02 2.68 42.92
C LYS A 178 7.80 1.29 42.36
N GLY A 179 7.31 1.18 41.10
CA GLY A 179 7.12 -0.15 40.53
C GLY A 179 8.41 -0.93 40.43
N HIS A 180 9.48 -0.27 40.07
CA HIS A 180 10.80 -0.92 39.99
C HIS A 180 11.12 -1.59 41.33
N HIS A 181 10.99 -0.82 42.36
CA HIS A 181 11.41 -1.26 43.67
C HIS A 181 10.61 -2.49 44.11
N VAL A 182 9.30 -2.41 44.03
N VAL A 182 9.30 -2.40 44.07
CA VAL A 182 8.43 -3.52 44.48
CA VAL A 182 8.47 -3.53 44.54
C VAL A 182 8.71 -4.82 43.72
C VAL A 182 8.80 -4.79 43.73
N LEU A 183 8.91 -4.71 42.41
CA LEU A 183 9.23 -5.87 41.61
C LEU A 183 10.61 -6.47 41.98
N ASN A 184 11.61 -5.63 42.06
CA ASN A 184 13.00 -6.09 42.36
C ASN A 184 13.03 -6.87 43.68
N ILE A 185 12.46 -6.27 44.71
CA ILE A 185 12.55 -6.88 46.06
C ILE A 185 11.70 -8.15 46.11
N GLY A 186 10.50 -8.14 45.53
CA GLY A 186 9.74 -9.39 45.55
C GLY A 186 10.49 -10.47 44.81
N TRP A 187 11.11 -10.14 43.67
CA TRP A 187 11.76 -11.20 42.88
C TRP A 187 12.92 -11.84 43.70
N ILE A 188 13.76 -11.03 44.27
CA ILE A 188 14.86 -11.60 45.05
C ILE A 188 14.34 -12.33 46.29
N ASN A 189 13.26 -11.87 46.89
CA ASN A 189 12.74 -12.55 48.09
C ASN A 189 12.16 -13.89 47.76
N GLU A 190 11.48 -13.98 46.60
CA GLU A 190 10.62 -15.17 46.34
C GLU A 190 11.23 -16.11 45.32
N LYS A 191 11.89 -15.59 44.28
CA LYS A 191 12.13 -16.41 43.10
C LYS A 191 13.61 -16.69 42.82
N VAL A 192 14.49 -15.84 43.23
CA VAL A 192 15.93 -16.18 43.10
C VAL A 192 16.23 -17.40 43.95
N GLU A 193 17.04 -18.30 43.39
CA GLU A 193 17.46 -19.54 44.07
C GLU A 193 16.28 -20.50 44.21
N THR A 194 15.34 -20.45 43.26
CA THR A 194 14.33 -21.49 43.14
C THR A 194 14.57 -22.38 41.94
N MET A 195 15.67 -22.19 41.25
N MET A 195 15.68 -22.17 41.25
CA MET A 195 16.21 -23.27 40.41
CA MET A 195 16.13 -22.98 40.10
C MET A 195 17.65 -22.94 40.06
C MET A 195 17.66 -22.86 39.98
N GLU A 196 18.28 -23.85 39.34
CA GLU A 196 19.69 -23.73 38.95
C GLU A 196 19.80 -24.16 37.51
N LYS A 197 20.86 -23.65 36.92
CA LYS A 197 21.23 -24.05 35.55
C LYS A 197 22.66 -24.58 35.50
N GLU A 198 22.97 -25.24 34.40
CA GLU A 198 24.35 -25.67 34.12
C GLU A 198 25.28 -24.48 33.95
N ILE A 199 26.44 -24.50 34.59
CA ILE A 199 27.51 -23.49 34.41
C ILE A 199 28.47 -24.07 33.37
N THR A 200 28.68 -23.31 32.31
CA THR A 200 29.44 -23.73 31.10
C THR A 200 30.69 -22.88 30.89
N SER A 201 31.02 -22.01 31.84
CA SER A 201 32.21 -21.19 31.75
C SER A 201 32.86 -21.03 33.11
N GLU A 202 34.16 -20.76 33.09
CA GLU A 202 34.86 -20.33 34.31
C GLU A 202 34.47 -18.92 34.73
N TYR A 203 33.86 -18.16 33.80
CA TYR A 203 33.56 -16.75 34.04
C TYR A 203 32.04 -16.56 33.87
N THR A 204 31.36 -16.13 34.91
CA THR A 204 29.92 -15.99 34.89
C THR A 204 29.51 -14.64 35.43
N MET A 205 28.43 -14.09 34.85
CA MET A 205 27.90 -12.81 35.30
C MET A 205 26.42 -12.75 35.07
N ASN A 206 25.76 -11.86 35.78
CA ASN A 206 24.45 -11.34 35.38
C ASN A 206 24.67 -9.95 34.79
N PHE A 207 23.80 -9.60 33.84
CA PHE A 207 23.77 -8.20 33.35
C PHE A 207 22.44 -7.61 33.82
N ILE A 208 22.57 -6.64 34.70
CA ILE A 208 21.42 -6.13 35.48
C ILE A 208 21.08 -4.70 35.03
N GLY A 209 19.80 -4.52 34.65
CA GLY A 209 19.34 -3.19 34.25
C GLY A 209 19.59 -2.88 32.78
N ASP A 210 19.16 -3.76 31.93
CA ASP A 210 19.21 -3.55 30.45
C ASP A 210 18.00 -4.29 29.93
N PHE A 211 17.18 -3.61 29.12
CA PHE A 211 15.85 -4.04 28.71
C PHE A 211 15.74 -4.30 27.22
N ASN A 212 16.88 -4.47 26.55
CA ASN A 212 16.95 -4.90 25.14
C ASN A 212 16.25 -3.92 24.22
N ILE A 213 16.35 -2.64 24.44
CA ILE A 213 15.70 -1.68 23.54
C ILE A 213 16.36 -1.81 22.16
N GLN A 214 15.53 -2.05 21.15
CA GLN A 214 15.97 -2.29 19.76
C GLN A 214 17.14 -3.26 19.71
N GLY A 215 17.20 -4.28 20.59
CA GLY A 215 18.26 -5.27 20.44
C GLY A 215 19.54 -4.94 21.17
N ASP A 216 19.59 -3.93 22.03
CA ASP A 216 20.79 -3.60 22.82
C ASP A 216 21.40 -4.83 23.49
N THR A 217 20.60 -5.63 24.14
CA THR A 217 21.11 -6.77 24.93
C THR A 217 21.75 -7.82 24.02
N GLN A 218 21.12 -8.04 22.87
CA GLN A 218 21.64 -9.01 21.89
C GLN A 218 22.94 -8.52 21.30
N LEU A 219 23.11 -7.21 21.11
CA LEU A 219 24.37 -6.64 20.64
C LEU A 219 25.44 -6.87 21.71
N LEU A 220 25.18 -6.49 22.94
CA LEU A 220 26.16 -6.68 24.02
C LEU A 220 26.49 -8.15 24.16
N GLN A 221 25.55 -9.05 23.96
CA GLN A 221 25.80 -10.48 24.09
C GLN A 221 26.89 -10.95 23.12
N THR A 222 27.03 -10.29 21.96
CA THR A 222 28.14 -10.68 21.06
C THR A 222 29.48 -10.46 21.73
N TYR A 223 29.58 -9.47 22.60
CA TYR A 223 30.83 -9.26 23.38
C TYR A 223 31.03 -10.39 24.37
N TRP A 224 29.99 -10.74 25.14
CA TRP A 224 30.20 -11.76 26.19
C TRP A 224 30.53 -13.09 25.53
N ASP A 225 29.91 -13.42 24.40
CA ASP A 225 30.21 -14.70 23.73
C ASP A 225 31.65 -14.66 23.24
N ARG A 226 32.11 -13.56 22.68
CA ARG A 226 33.49 -13.45 22.17
C ARG A 226 34.48 -13.66 23.34
N LEU A 227 34.17 -13.10 24.49
CA LEU A 227 35.04 -13.14 25.65
C LEU A 227 34.93 -14.46 26.42
N GLY A 228 34.01 -15.31 26.07
CA GLY A 228 33.77 -16.58 26.76
C GLY A 228 33.18 -16.45 28.14
N ILE A 229 32.39 -15.43 28.39
CA ILE A 229 31.67 -15.21 29.66
C ILE A 229 30.26 -15.74 29.49
N GLN A 230 29.84 -16.61 30.42
CA GLN A 230 28.46 -17.00 30.49
C GLN A 230 27.65 -15.94 31.22
N VAL A 231 26.52 -15.52 30.62
CA VAL A 231 25.55 -14.67 31.34
C VAL A 231 24.48 -15.58 31.90
N VAL A 232 24.48 -15.71 33.23
CA VAL A 232 23.47 -16.53 33.91
C VAL A 232 22.11 -15.94 33.63
N ALA A 233 21.95 -14.64 33.88
CA ALA A 233 20.66 -13.97 33.61
C ALA A 233 20.90 -12.54 33.17
N HIS A 234 20.06 -12.10 32.21
CA HIS A 234 19.85 -10.72 31.88
C HIS A 234 18.58 -10.23 32.59
N PHE A 235 18.73 -9.14 33.35
CA PHE A 235 17.59 -8.52 34.05
C PHE A 235 17.22 -7.25 33.29
N THR A 236 16.26 -7.31 32.35
CA THR A 236 15.48 -8.45 31.89
C THR A 236 15.51 -8.60 30.36
N GLY A 237 16.40 -7.85 29.69
CA GLY A 237 16.43 -7.84 28.20
C GLY A 237 16.54 -9.21 27.57
N ASN A 238 15.63 -9.48 26.63
CA ASN A 238 15.60 -10.78 25.93
C ASN A 238 15.69 -11.95 26.91
N GLY A 239 15.09 -11.77 28.09
CA GLY A 239 15.23 -12.73 29.19
C GLY A 239 14.12 -13.73 29.26
N THR A 240 14.32 -14.71 30.16
CA THR A 240 13.29 -15.67 30.50
C THR A 240 13.01 -15.61 31.99
N TYR A 241 11.82 -15.99 32.35
CA TYR A 241 11.44 -16.10 33.76
C TYR A 241 12.44 -16.99 34.49
N ASP A 242 12.68 -18.21 33.94
CA ASP A 242 13.49 -19.20 34.66
C ASP A 242 14.94 -18.78 34.71
N ASP A 243 15.50 -18.10 33.74
CA ASP A 243 16.89 -17.63 33.88
C ASP A 243 16.99 -16.72 35.11
N LEU A 244 15.97 -15.88 35.35
CA LEU A 244 15.99 -14.95 36.49
C LEU A 244 15.96 -15.70 37.83
N ARG A 245 15.46 -16.92 37.85
CA ARG A 245 15.43 -17.72 39.09
C ARG A 245 16.84 -18.21 39.43
N CYS A 246 17.83 -18.05 38.53
CA CYS A 246 19.18 -18.62 38.68
C CYS A 246 20.20 -17.55 39.03
N MET A 247 19.79 -16.31 39.35
CA MET A 247 20.70 -15.16 39.45
C MET A 247 21.78 -15.36 40.49
N HIS A 248 21.48 -16.12 41.53
CA HIS A 248 22.43 -16.36 42.62
C HIS A 248 23.68 -17.08 42.16
N GLN A 249 23.65 -17.71 41.00
CA GLN A 249 24.79 -18.50 40.54
C GLN A 249 25.90 -17.64 39.99
N ALA A 250 25.66 -16.38 39.61
CA ALA A 250 26.69 -15.59 38.94
C ALA A 250 27.83 -15.19 39.85
N GLN A 251 28.99 -15.02 39.29
CA GLN A 251 30.18 -14.50 40.00
C GLN A 251 30.19 -12.99 40.13
N LEU A 252 29.56 -12.28 39.17
CA LEU A 252 29.67 -10.82 39.06
C LEU A 252 28.30 -10.31 38.60
N ASN A 253 27.88 -9.18 39.16
CA ASN A 253 26.70 -8.46 38.63
C ASN A 253 27.18 -7.18 37.96
N VAL A 254 26.94 -7.07 36.65
CA VAL A 254 27.26 -5.85 35.89
C VAL A 254 25.97 -5.04 35.78
N VAL A 255 25.98 -3.82 36.25
CA VAL A 255 24.78 -2.93 36.28
C VAL A 255 24.96 -1.82 35.27
N ASN A 256 23.92 -1.63 34.46
CA ASN A 256 23.81 -0.40 33.66
C ASN A 256 22.73 0.50 34.26
N CYS A 257 21.47 0.09 34.29
CA CYS A 257 20.43 0.91 34.90
C CYS A 257 20.42 0.75 36.44
N ALA A 258 21.19 1.58 37.07
CA ALA A 258 21.27 1.56 38.53
C ALA A 258 19.96 2.04 39.17
N ARG A 259 19.13 2.79 38.45
CA ARG A 259 17.87 3.35 38.98
C ARG A 259 16.84 2.22 39.10
N SER A 260 16.53 1.56 37.97
CA SER A 260 15.48 0.55 38.01
C SER A 260 15.87 -0.73 38.69
N SER A 261 17.19 -1.06 38.68
CA SER A 261 17.64 -2.43 38.94
C SER A 261 18.80 -2.48 39.95
N GLY A 262 19.23 -1.33 40.46
CA GLY A 262 20.24 -1.36 41.51
C GLY A 262 19.76 -2.17 42.71
N TYR A 263 18.49 -2.09 43.03
CA TYR A 263 17.88 -2.79 44.19
C TYR A 263 18.31 -4.24 44.19
N ILE A 264 18.07 -4.94 43.09
CA ILE A 264 18.34 -6.41 43.09
C ILE A 264 19.85 -6.65 43.09
N ALA A 265 20.66 -5.78 42.47
CA ALA A 265 22.13 -5.94 42.56
C ALA A 265 22.55 -5.78 44.03
N ASN A 266 22.01 -4.79 44.73
CA ASN A 266 22.38 -4.57 46.14
C ASN A 266 22.00 -5.78 46.97
N GLU A 267 20.83 -6.35 46.77
CA GLU A 267 20.38 -7.50 47.57
C GLU A 267 21.16 -8.75 47.18
N LEU A 268 21.52 -8.92 45.92
CA LEU A 268 22.37 -10.07 45.51
C LEU A 268 23.73 -9.98 46.21
N LYS A 269 24.29 -8.79 46.32
CA LYS A 269 25.55 -8.64 47.06
C LYS A 269 25.34 -8.98 48.53
N LYS A 270 24.34 -8.41 49.15
CA LYS A 270 24.09 -8.63 50.59
C LYS A 270 23.89 -10.12 50.85
N ARG A 271 23.07 -10.78 50.09
CA ARG A 271 22.63 -12.15 50.40
C ARG A 271 23.55 -13.21 49.86
N TYR A 272 24.25 -12.98 48.75
CA TYR A 272 25.02 -14.00 48.06
C TYR A 272 26.47 -13.61 47.85
N GLY A 273 26.86 -12.41 48.23
CA GLY A 273 28.25 -11.98 48.11
C GLY A 273 28.66 -11.64 46.69
N ILE A 274 27.72 -11.44 45.77
CA ILE A 274 28.07 -11.20 44.36
C ILE A 274 28.41 -9.71 44.24
N PRO A 275 29.61 -9.33 43.82
CA PRO A 275 29.93 -7.92 43.70
C PRO A 275 29.08 -7.21 42.61
N ARG A 276 28.79 -5.93 42.92
CA ARG A 276 28.10 -5.00 41.97
C ARG A 276 29.11 -4.12 41.30
N LEU A 277 29.18 -4.22 39.95
CA LEU A 277 30.01 -3.33 39.13
C LEU A 277 29.09 -2.46 38.29
N ASP A 278 29.17 -1.16 38.49
CA ASP A 278 28.39 -0.23 37.65
C ASP A 278 29.24 0.18 36.45
N ILE A 279 28.62 0.12 35.28
CA ILE A 279 29.26 0.55 34.01
C ILE A 279 28.33 1.51 33.33
N ASP A 280 28.81 1.98 32.16
CA ASP A 280 28.03 2.70 31.19
C ASP A 280 28.10 1.91 29.90
N SER A 281 26.97 1.30 29.51
CA SER A 281 26.94 0.49 28.26
C SER A 281 26.43 1.30 27.05
N TRP A 282 26.14 2.59 27.28
CA TRP A 282 26.11 3.59 26.20
C TRP A 282 27.41 4.40 26.25
N GLY A 283 27.90 4.79 25.10
CA GLY A 283 29.11 5.63 24.98
C GLY A 283 30.26 4.77 24.49
N PHE A 284 31.00 5.29 23.53
CA PHE A 284 32.06 4.48 22.86
C PHE A 284 33.23 4.24 23.81
N ASN A 285 33.80 5.29 24.32
CA ASN A 285 34.94 5.10 25.24
C ASN A 285 34.42 4.52 26.57
N TYR A 286 33.19 4.83 26.98
CA TYR A 286 32.63 4.15 28.18
C TYR A 286 32.54 2.64 27.97
N MET A 287 32.13 2.16 26.81
CA MET A 287 31.99 0.72 26.60
C MET A 287 33.39 0.07 26.77
N ALA A 288 34.41 0.73 26.28
CA ALA A 288 35.78 0.20 26.43
C ALA A 288 36.15 0.10 27.90
N GLU A 289 35.88 1.13 28.66
CA GLU A 289 36.16 1.04 30.12
C GLU A 289 35.41 -0.13 30.74
N GLY A 290 34.12 -0.25 30.41
CA GLY A 290 33.35 -1.34 31.02
C GLY A 290 33.91 -2.71 30.67
N ILE A 291 34.24 -2.92 29.40
CA ILE A 291 34.83 -4.22 29.02
C ILE A 291 36.16 -4.44 29.79
N ARG A 292 36.95 -3.40 29.86
CA ARG A 292 38.23 -3.59 30.58
C ARG A 292 37.97 -3.93 32.04
N LYS A 293 37.02 -3.34 32.72
CA LYS A 293 36.75 -3.71 34.12
C LYS A 293 36.27 -5.15 34.23
N ILE A 294 35.33 -5.56 33.39
CA ILE A 294 34.83 -6.95 33.42
C ILE A 294 36.02 -7.90 33.21
N CYS A 295 36.87 -7.61 32.25
CA CYS A 295 37.99 -8.52 31.92
C CYS A 295 39.05 -8.52 33.03
N ALA A 296 39.26 -7.36 33.66
CA ALA A 296 40.19 -7.31 34.83
C ALA A 296 39.61 -8.15 35.98
N PHE A 297 38.32 -8.06 36.25
CA PHE A 297 37.69 -8.91 37.29
C PHE A 297 37.92 -10.39 36.98
N PHE A 298 37.78 -10.81 35.75
CA PHE A 298 37.87 -12.26 35.41
C PHE A 298 39.33 -12.71 35.14
N GLY A 299 40.22 -11.77 34.95
CA GLY A 299 41.59 -12.11 34.58
C GLY A 299 41.74 -12.52 33.12
N ILE A 300 40.94 -11.92 32.24
CA ILE A 300 40.97 -12.17 30.76
C ILE A 300 41.30 -10.89 30.01
N GLU A 301 42.21 -10.12 30.56
CA GLU A 301 42.54 -8.80 30.03
C GLU A 301 42.89 -8.86 28.51
N GLU A 302 43.72 -9.78 28.07
CA GLU A 302 44.17 -9.84 26.66
C GLU A 302 42.95 -10.05 25.77
N LYS A 303 42.03 -10.93 26.13
CA LYS A 303 40.80 -11.15 25.32
C LYS A 303 40.02 -9.83 25.21
N GLY A 304 39.94 -9.07 26.28
CA GLY A 304 39.29 -7.75 26.26
C GLY A 304 39.99 -6.82 25.29
N GLU A 305 41.31 -6.79 25.30
CA GLU A 305 42.05 -5.86 24.42
C GLU A 305 41.90 -6.28 22.94
N GLU A 306 41.77 -7.56 22.64
CA GLU A 306 41.55 -7.99 21.26
C GLU A 306 40.18 -7.51 20.82
N LEU A 307 39.16 -7.68 21.65
CA LEU A 307 37.80 -7.23 21.30
C LEU A 307 37.80 -5.71 21.11
N ILE A 308 38.36 -4.96 22.02
CA ILE A 308 38.34 -3.49 21.93
C ILE A 308 39.05 -3.05 20.66
N ALA A 309 40.20 -3.62 20.40
CA ALA A 309 40.95 -3.21 19.20
C ALA A 309 40.12 -3.42 17.94
N GLU A 310 39.50 -4.59 17.85
CA GLU A 310 38.70 -4.88 16.63
C GLU A 310 37.54 -3.89 16.52
N GLU A 311 36.86 -3.63 17.62
CA GLU A 311 35.67 -2.77 17.62
C GLU A 311 36.10 -1.34 17.28
N TYR A 312 37.21 -0.85 17.79
CA TYR A 312 37.68 0.49 17.43
C TYR A 312 38.04 0.52 15.93
N ALA A 313 38.71 -0.51 15.43
CA ALA A 313 39.08 -0.56 13.99
C ALA A 313 37.80 -0.51 13.14
N LYS A 314 36.75 -1.22 13.53
CA LYS A 314 35.50 -1.28 12.76
C LYS A 314 34.76 0.06 12.82
N TRP A 315 34.64 0.67 13.99
CA TRP A 315 33.61 1.70 14.26
C TRP A 315 34.18 3.07 14.53
N LYS A 316 35.42 3.16 15.04
CA LYS A 316 35.91 4.51 15.42
C LYS A 316 35.99 5.50 14.24
N PRO A 317 36.43 5.10 13.04
CA PRO A 317 36.43 6.05 11.92
C PRO A 317 35.04 6.66 11.65
N LYS A 318 33.98 5.85 11.69
CA LYS A 318 32.63 6.43 11.53
C LYS A 318 32.28 7.35 12.67
N LEU A 319 32.60 6.93 13.90
CA LEU A 319 32.30 7.78 15.06
C LEU A 319 32.95 9.17 14.87
N ASP A 320 34.23 9.15 14.46
CA ASP A 320 34.98 10.40 14.29
C ASP A 320 34.47 11.24 13.13
N TRP A 321 33.92 10.60 12.12
CA TRP A 321 33.27 11.34 11.00
C TRP A 321 32.09 12.14 11.59
N TYR A 322 31.25 11.49 12.39
CA TYR A 322 30.12 12.18 13.02
C TYR A 322 30.61 13.26 13.99
N LYS A 323 31.67 12.99 14.76
CA LYS A 323 32.15 13.98 15.73
C LYS A 323 32.50 15.28 14.99
N GLU A 324 33.16 15.14 13.81
CA GLU A 324 33.56 16.34 13.07
C GLU A 324 32.34 17.19 12.74
N ARG A 325 31.22 16.57 12.40
CA ARG A 325 30.04 17.29 11.97
C ARG A 325 29.11 17.64 13.12
N LEU A 326 29.20 16.92 14.26
CA LEU A 326 28.31 17.20 15.39
C LEU A 326 28.97 18.07 16.46
N GLN A 327 30.29 18.29 16.35
CA GLN A 327 31.02 19.09 17.35
C GLN A 327 30.31 20.44 17.54
N GLY A 328 30.08 20.83 18.78
CA GLY A 328 29.50 22.13 19.11
C GLY A 328 27.99 22.16 19.02
N LYS A 329 27.33 21.13 18.48
CA LYS A 329 25.85 21.11 18.48
C LYS A 329 25.36 21.02 19.93
N LYS A 330 24.24 21.62 20.17
CA LYS A 330 23.59 21.68 21.49
C LYS A 330 22.47 20.65 21.56
N MET A 331 22.43 19.91 22.64
CA MET A 331 21.48 18.81 22.84
C MET A 331 20.73 18.96 24.16
N ALA A 332 19.47 18.58 24.17
CA ALA A 332 18.70 18.40 25.40
C ALA A 332 18.36 16.94 25.53
N ILE A 333 18.30 16.44 26.77
CA ILE A 333 17.86 15.07 27.07
C ILE A 333 16.73 15.16 28.08
N TRP A 334 15.54 14.78 27.65
CA TRP A 334 14.32 14.80 28.51
C TRP A 334 13.78 13.39 28.51
N THR A 335 14.27 12.57 29.43
CA THR A 335 13.95 11.15 29.51
C THR A 335 13.72 10.79 30.97
N GLY A 336 13.84 9.52 31.32
CA GLY A 336 13.51 9.10 32.69
C GLY A 336 14.50 9.56 33.76
N GLY A 337 15.78 9.47 33.48
CA GLY A 337 16.80 9.89 34.45
C GLY A 337 18.17 9.37 34.13
N PRO A 338 18.38 8.06 34.15
CA PRO A 338 19.72 7.51 33.94
C PRO A 338 20.40 7.91 32.62
N ARG A 339 19.65 8.03 31.53
CA ARG A 339 20.30 8.37 30.25
C ARG A 339 20.90 9.76 30.33
N LEU A 340 20.42 10.62 31.21
CA LEU A 340 21.06 11.93 31.41
C LEU A 340 22.54 11.72 31.82
N TRP A 341 22.75 10.90 32.86
CA TRP A 341 24.13 10.70 33.33
C TRP A 341 24.89 9.69 32.51
N HIS A 342 24.24 8.79 31.75
CA HIS A 342 25.01 7.94 30.84
C HIS A 342 25.42 8.67 29.57
N TRP A 343 24.69 9.74 29.18
CA TRP A 343 24.92 10.38 27.85
C TRP A 343 25.57 11.74 27.96
N THR A 344 25.45 12.52 29.03
CA THR A 344 25.91 13.90 28.93
C THR A 344 27.40 13.95 28.57
N LYS A 345 28.24 13.22 29.25
CA LYS A 345 29.69 13.25 29.00
C LYS A 345 30.11 12.37 27.88
N SER A 346 29.41 11.30 27.60
CA SER A 346 29.77 10.45 26.46
C SER A 346 29.50 11.16 25.14
N VAL A 347 28.37 11.86 24.98
CA VAL A 347 28.25 12.62 23.72
C VAL A 347 29.26 13.76 23.69
N GLU A 348 29.62 14.31 24.84
CA GLU A 348 30.61 15.40 24.83
C GLU A 348 31.99 14.85 24.41
N ASP A 349 32.42 13.76 25.02
CA ASP A 349 33.73 13.17 24.74
C ASP A 349 33.80 12.66 23.31
N ASP A 350 32.82 11.85 22.91
CA ASP A 350 32.93 11.03 21.69
C ASP A 350 32.34 11.73 20.47
N LEU A 351 31.49 12.72 20.67
CA LEU A 351 30.79 13.39 19.55
C LEU A 351 30.97 14.91 19.59
N GLY A 352 31.60 15.47 20.63
CA GLY A 352 31.74 16.92 20.76
C GLY A 352 30.45 17.65 20.97
N VAL A 353 29.41 16.96 21.43
CA VAL A 353 28.07 17.56 21.61
C VAL A 353 27.94 18.11 23.01
N GLN A 354 27.31 19.28 23.10
N GLN A 354 27.37 19.32 23.09
CA GLN A 354 27.18 19.98 24.37
CA GLN A 354 27.16 20.09 24.34
C GLN A 354 25.75 19.84 24.85
C GLN A 354 25.75 19.84 24.85
N VAL A 355 25.55 19.14 25.97
CA VAL A 355 24.21 18.95 26.53
C VAL A 355 23.91 20.18 27.39
N VAL A 356 22.91 20.93 26.94
CA VAL A 356 22.56 22.25 27.52
C VAL A 356 21.35 22.21 28.45
N ALA A 357 20.56 21.13 28.43
CA ALA A 357 19.40 21.03 29.32
C ALA A 357 19.03 19.57 29.44
N MET A 358 18.70 19.19 30.66
CA MET A 358 18.31 17.82 30.96
C MET A 358 17.13 17.81 31.92
N SER A 359 16.21 16.90 31.69
CA SER A 359 15.05 16.72 32.58
C SER A 359 14.87 15.23 32.80
N SER A 360 14.56 14.91 34.07
CA SER A 360 14.32 13.54 34.53
C SER A 360 12.89 13.43 35.01
N LYS A 361 12.13 12.49 34.46
CA LYS A 361 10.76 12.26 34.92
C LYS A 361 10.76 11.86 36.38
N PHE A 362 11.63 10.93 36.77
CA PHE A 362 11.41 10.19 38.02
C PHE A 362 12.72 9.87 38.73
N GLY A 363 13.85 10.46 38.30
CA GLY A 363 15.10 10.20 38.95
C GLY A 363 15.07 10.53 40.42
N HIS A 364 15.98 9.92 41.13
CA HIS A 364 16.16 10.16 42.58
C HIS A 364 17.31 11.16 42.74
N GLU A 365 17.55 11.60 43.99
CA GLU A 365 18.66 12.51 44.26
C GLU A 365 19.99 11.86 43.81
N GLU A 366 20.13 10.53 43.92
CA GLU A 366 21.27 9.76 43.43
CA GLU A 366 21.40 9.91 43.45
C GLU A 366 21.57 10.08 41.95
N ASP A 367 20.51 10.06 41.15
CA ASP A 367 20.64 10.30 39.69
C ASP A 367 21.11 11.72 39.45
N PHE A 368 20.62 12.68 40.21
CA PHE A 368 21.07 14.08 40.07
C PHE A 368 22.52 14.22 40.52
N GLU A 369 22.96 13.50 41.58
CA GLU A 369 24.38 13.55 41.94
C GLU A 369 25.23 13.18 40.75
N LYS A 370 24.85 12.09 40.10
CA LYS A 370 25.62 11.55 38.96
C LYS A 370 25.63 12.57 37.82
N VAL A 371 24.44 13.04 37.43
CA VAL A 371 24.40 13.87 36.21
C VAL A 371 25.08 15.22 36.44
N ILE A 372 24.93 15.80 37.64
CA ILE A 372 25.59 17.10 37.89
C ILE A 372 27.11 16.90 37.95
N ALA A 373 27.57 15.75 38.45
CA ALA A 373 29.01 15.49 38.49
C ALA A 373 29.61 15.43 37.10
N ARG A 374 28.85 14.85 36.16
CA ARG A 374 29.32 14.64 34.78
C ARG A 374 28.99 15.78 33.81
N GLY A 375 28.03 16.61 34.17
CA GLY A 375 27.43 17.61 33.28
C GLY A 375 28.16 18.94 33.27
N LYS A 376 27.78 19.82 32.37
CA LYS A 376 28.44 21.07 32.12
C LYS A 376 27.90 22.20 32.96
N GLU A 377 28.75 23.23 33.12
CA GLU A 377 28.30 24.54 33.60
C GLU A 377 27.46 25.22 32.52
N GLY A 378 26.44 25.94 32.94
CA GLY A 378 25.50 26.66 32.08
C GLY A 378 24.37 25.78 31.63
N THR A 379 24.36 24.51 32.05
CA THR A 379 23.31 23.56 31.74
C THR A 379 22.23 23.62 32.80
N TYR A 380 20.98 23.42 32.40
CA TYR A 380 19.83 23.26 33.29
C TYR A 380 19.57 21.80 33.61
N TYR A 381 19.34 21.52 34.88
CA TYR A 381 19.09 20.16 35.41
C TYR A 381 17.75 20.21 36.11
N ILE A 382 16.78 19.51 35.53
CA ILE A 382 15.36 19.65 35.92
C ILE A 382 14.84 18.31 36.43
N ASP A 383 14.32 18.35 37.65
CA ASP A 383 13.60 17.20 38.22
C ASP A 383 12.10 17.36 37.91
N ASP A 384 11.51 16.32 37.36
CA ASP A 384 10.06 16.26 37.13
C ASP A 384 9.62 17.48 36.30
N GLY A 385 10.23 17.67 35.15
CA GLY A 385 9.88 18.80 34.28
C GLY A 385 8.47 18.69 33.69
N ASN A 386 7.94 19.85 33.37
CA ASN A 386 6.60 19.91 32.74
C ASN A 386 6.66 20.69 31.44
N GLU A 387 5.56 20.62 30.71
CA GLU A 387 5.58 21.06 29.31
C GLU A 387 5.85 22.57 29.18
N LEU A 388 5.25 23.43 30.01
CA LEU A 388 5.55 24.87 29.89
C LEU A 388 7.00 25.12 30.19
N GLU A 389 7.59 24.39 31.15
CA GLU A 389 9.04 24.56 31.46
C GLU A 389 9.86 24.21 30.24
N PHE A 390 9.51 23.15 29.51
CA PHE A 390 10.24 22.76 28.32
C PHE A 390 10.28 23.93 27.32
N PHE A 391 9.15 24.60 27.12
CA PHE A 391 9.21 25.74 26.19
C PHE A 391 10.13 26.85 26.66
N GLU A 392 10.10 27.14 27.95
CA GLU A 392 10.92 28.25 28.51
C GLU A 392 12.40 27.87 28.41
N ILE A 393 12.70 26.62 28.72
CA ILE A 393 14.09 26.13 28.58
C ILE A 393 14.60 26.18 27.13
N ILE A 394 13.75 25.80 26.18
CA ILE A 394 14.13 25.93 24.73
C ILE A 394 14.51 27.38 24.42
N ASP A 395 13.75 28.33 24.94
N ASP A 395 13.74 28.34 24.91
CA ASP A 395 14.02 29.77 24.69
CA ASP A 395 14.08 29.75 24.65
C ASP A 395 15.33 30.18 25.37
C ASP A 395 15.46 30.03 25.27
N LEU A 396 15.69 29.55 26.46
CA LEU A 396 16.92 29.89 27.18
C LEU A 396 18.16 29.30 26.53
N VAL A 397 18.09 28.06 26.05
CA VAL A 397 19.30 27.33 25.63
C VAL A 397 19.35 26.99 24.16
N LYS A 398 18.24 27.11 23.44
CA LYS A 398 18.17 26.93 21.97
C LYS A 398 18.89 25.66 21.49
N PRO A 399 18.38 24.48 21.88
CA PRO A 399 19.01 23.24 21.46
C PRO A 399 18.90 23.05 19.93
N ASP A 400 19.91 22.40 19.39
CA ASP A 400 19.87 21.91 18.01
C ASP A 400 19.17 20.56 17.86
N VAL A 401 19.04 19.80 18.94
CA VAL A 401 18.40 18.49 18.87
C VAL A 401 17.90 18.18 20.28
N ILE A 402 16.81 17.46 20.38
CA ILE A 402 16.26 17.00 21.67
C ILE A 402 16.08 15.50 21.61
N PHE A 403 16.63 14.83 22.63
CA PHE A 403 16.40 13.39 22.81
C PHE A 403 15.32 13.22 23.85
N THR A 404 14.16 12.75 23.41
CA THR A 404 12.96 12.70 24.22
C THR A 404 11.97 11.72 23.63
N GLY A 405 10.80 11.59 24.22
CA GLY A 405 9.81 10.67 23.66
C GLY A 405 9.12 11.27 22.42
N PRO A 406 8.39 10.44 21.69
CA PRO A 406 7.82 10.84 20.41
C PRO A 406 6.81 11.97 20.51
N ARG A 407 5.97 11.96 21.51
CA ARG A 407 4.97 13.03 21.63
C ARG A 407 5.63 14.40 21.79
N VAL A 408 6.62 14.47 22.71
CA VAL A 408 7.35 15.75 22.87
C VAL A 408 8.08 16.07 21.57
N GLY A 409 8.68 15.06 20.94
CA GLY A 409 9.34 15.30 19.65
C GLY A 409 8.37 15.91 18.65
N GLU A 410 7.15 15.48 18.60
CA GLU A 410 6.13 16.03 17.67
C GLU A 410 5.72 17.45 18.08
N LEU A 411 5.81 17.78 19.35
CA LEU A 411 5.52 19.16 19.82
C LEU A 411 6.64 20.09 19.37
N VAL A 412 7.91 19.73 19.66
CA VAL A 412 9.02 20.66 19.38
C VAL A 412 9.29 20.74 17.88
N LYS A 413 8.82 19.79 17.07
CA LYS A 413 8.89 19.89 15.61
C LYS A 413 8.26 21.21 15.13
N LYS A 414 7.22 21.67 15.78
CA LYS A 414 6.53 22.89 15.36
C LYS A 414 7.46 24.09 15.50
N LEU A 415 8.43 24.00 16.40
CA LEU A 415 9.45 25.06 16.62
C LEU A 415 10.68 24.81 15.75
N HIS A 416 10.60 23.84 14.83
CA HIS A 416 11.65 23.47 13.88
C HIS A 416 12.84 22.86 14.60
N ILE A 417 12.64 22.24 15.76
CA ILE A 417 13.68 21.55 16.48
C ILE A 417 13.51 20.07 16.25
N PRO A 418 14.52 19.38 15.71
CA PRO A 418 14.40 17.94 15.45
C PRO A 418 14.62 17.14 16.74
N TYR A 419 14.15 15.92 16.70
CA TYR A 419 14.30 15.04 17.87
C TYR A 419 14.80 13.68 17.44
N VAL A 420 15.42 13.04 18.42
CA VAL A 420 15.72 11.59 18.38
C VAL A 420 14.97 10.97 19.54
N ASN A 421 14.40 9.80 19.35
CA ASN A 421 13.62 9.14 20.42
C ASN A 421 14.63 8.65 21.46
N GLY A 422 14.67 9.33 22.60
CA GLY A 422 15.63 9.02 23.64
C GLY A 422 15.26 7.78 24.46
N HIS A 423 14.06 7.27 24.25
CA HIS A 423 13.52 6.10 24.96
C HIS A 423 13.62 4.85 24.14
N GLY A 424 12.92 4.84 23.00
CA GLY A 424 12.82 3.68 22.12
C GLY A 424 13.74 3.73 20.91
N TYR A 425 14.50 4.80 20.80
CA TYR A 425 15.51 5.06 19.73
C TYR A 425 14.82 5.33 18.42
N HIS A 426 15.58 5.89 17.47
CA HIS A 426 15.15 5.98 16.07
C HIS A 426 15.58 4.68 15.41
N ASN A 427 16.84 4.60 14.97
CA ASN A 427 17.42 3.41 14.35
C ASN A 427 18.53 2.85 15.26
N GLY A 428 18.08 2.06 16.25
CA GLY A 428 18.99 1.44 17.20
C GLY A 428 19.48 0.08 16.73
N PRO A 429 20.17 -0.66 17.59
CA PRO A 429 20.44 -0.37 19.01
C PRO A 429 21.39 0.77 19.17
N TYR A 430 21.41 1.34 20.39
CA TYR A 430 22.31 2.44 20.73
C TYR A 430 23.40 2.06 21.76
N MET A 431 23.32 0.89 22.39
CA MET A 431 24.43 0.48 23.30
C MET A 431 25.61 -0.07 22.53
N GLY A 432 26.73 -0.11 23.23
CA GLY A 432 27.95 -0.69 22.67
C GLY A 432 28.65 0.22 21.69
N PHE A 433 29.69 -0.32 21.06
CA PHE A 433 30.49 0.48 20.12
C PHE A 433 29.65 0.85 18.87
N GLU A 434 29.12 -0.18 18.21
CA GLU A 434 28.28 0.08 17.02
C GLU A 434 27.10 0.96 17.41
N GLY A 435 26.50 0.72 18.57
CA GLY A 435 25.32 1.47 18.96
C GLY A 435 25.58 2.94 19.06
N PHE A 436 26.74 3.36 19.56
CA PHE A 436 26.96 4.81 19.67
C PHE A 436 27.09 5.44 18.26
N VAL A 437 27.65 4.68 17.34
CA VAL A 437 27.67 5.13 15.93
C VAL A 437 26.22 5.25 15.42
N ASN A 438 25.36 4.29 15.74
CA ASN A 438 23.94 4.41 15.34
C ASN A 438 23.30 5.67 15.94
N LEU A 439 23.59 5.97 17.21
CA LEU A 439 23.02 7.17 17.86
C LEU A 439 23.53 8.41 17.13
N ALA A 440 24.84 8.45 16.85
CA ALA A 440 25.44 9.58 16.19
C ALA A 440 24.79 9.80 14.79
N ARG A 441 24.61 8.69 14.07
CA ARG A 441 23.98 8.79 12.73
C ARG A 441 22.61 9.42 12.83
N ASP A 442 21.76 8.93 13.73
CA ASP A 442 20.43 9.53 13.88
C ASP A 442 20.51 10.98 14.28
N MET A 443 21.43 11.33 15.18
CA MET A 443 21.54 12.74 15.56
C MET A 443 21.90 13.58 14.33
N TYR A 444 22.86 13.09 13.57
CA TYR A 444 23.36 13.80 12.37
C TYR A 444 22.19 14.00 11.35
N ASN A 445 21.48 12.92 11.07
CA ASN A 445 20.37 13.02 10.09
C ASN A 445 19.22 13.86 10.58
N ALA A 446 19.00 13.88 11.90
CA ALA A 446 17.96 14.73 12.50
C ALA A 446 18.29 16.18 12.30
N VAL A 447 19.50 16.63 12.66
N VAL A 447 19.56 16.47 12.57
CA VAL A 447 19.78 18.10 12.66
CA VAL A 447 20.05 17.87 12.52
C VAL A 447 20.02 18.64 11.25
C VAL A 447 20.28 18.30 11.06
N HIS A 448 20.81 17.92 10.47
N HIS A 448 20.93 17.47 10.27
CA HIS A 448 21.22 18.32 9.11
CA HIS A 448 21.31 17.88 8.91
C HIS A 448 20.28 17.70 8.08
C HIS A 448 20.19 17.48 7.97
N ASN A 449 19.09 18.22 8.06
CA ASN A 449 17.83 17.73 7.50
C ASN A 449 17.26 18.85 6.67
N PRO A 450 17.06 18.63 5.35
CA PRO A 450 16.57 19.70 4.49
C PRO A 450 15.19 20.24 4.91
N LEU A 451 14.36 19.42 5.55
CA LEU A 451 13.01 19.85 5.89
C LEU A 451 13.02 21.01 6.88
N ARG A 452 13.98 21.01 7.79
CA ARG A 452 14.10 22.08 8.79
C ARG A 452 14.34 23.42 8.12
N HIS A 453 15.25 23.40 7.17
CA HIS A 453 15.54 24.63 6.40
C HIS A 453 14.36 25.04 5.55
N LEU A 454 13.70 24.08 4.94
CA LEU A 454 12.52 24.40 4.11
C LEU A 454 11.43 25.01 4.96
N ALA A 455 11.20 24.48 6.15
CA ALA A 455 10.10 24.95 6.98
C ALA A 455 10.25 26.42 7.36
N ALA A 456 11.48 26.89 7.48
CA ALA A 456 11.72 28.28 7.90
C ALA A 456 11.41 29.28 6.78
N VAL A 457 11.34 28.85 5.53
CA VAL A 457 11.11 29.77 4.41
C VAL A 457 9.63 30.12 4.32
N ASP A 458 9.29 31.41 4.32
CA ASP A 458 7.95 31.88 4.01
C ASP A 458 7.94 32.26 2.53
N ILE A 459 7.27 31.46 1.72
CA ILE A 459 7.23 31.68 0.27
C ILE A 459 6.62 33.04 -0.08
N ARG A 460 5.85 33.64 0.79
CA ARG A 460 5.24 34.97 0.50
C ARG A 460 6.28 36.09 0.56
N ASP A 461 7.44 35.84 1.14
CA ASP A 461 8.43 36.91 1.35
C ASP A 461 9.25 36.98 0.06
N LYS A 462 9.15 38.06 -0.68
CA LYS A 462 9.77 38.20 -2.02
C LYS A 462 11.28 38.33 -1.86
N SER A 463 11.76 38.70 -0.53
CA SER A 463 13.23 38.77 -0.20
C SER A 463 13.84 37.40 0.05
N GLN A 464 13.03 36.34 0.15
CA GLN A 464 13.50 34.98 0.53
C GLN A 464 13.55 34.13 -0.74
N THR A 465 14.58 33.30 -0.82
CA THR A 465 14.69 32.17 -1.74
C THR A 465 14.53 30.87 -0.92
N THR A 466 14.41 29.73 -1.61
CA THR A 466 14.39 28.40 -0.97
C THR A 466 15.77 27.80 -1.14
N PRO A 467 16.45 27.51 -0.02
CA PRO A 467 17.79 26.98 -0.09
C PRO A 467 17.84 25.50 -0.44
N VAL A 468 19.05 25.05 -0.80
CA VAL A 468 19.44 23.61 -0.91
C VAL A 468 20.54 23.35 0.11
N ILE A 469 20.45 22.23 0.81
CA ILE A 469 21.58 21.92 1.74
C ILE A 469 22.29 20.67 1.21
N VAL A 470 23.57 20.65 1.46
CA VAL A 470 24.46 19.55 1.11
C VAL A 470 24.65 18.75 2.40
N ARG A 471 24.36 17.47 2.31
N ARG A 471 24.39 17.47 2.35
CA ARG A 471 24.51 16.51 3.42
CA ARG A 471 24.61 16.64 3.53
C ARG A 471 25.73 15.66 3.14
C ARG A 471 25.83 15.77 3.27
N GLY A 472 25.94 14.67 3.99
CA GLY A 472 27.08 13.78 3.93
C GLY A 472 26.67 12.46 4.53
N ALA A 473 27.54 11.47 4.45
CA ALA A 473 27.35 10.19 5.11
C ALA A 473 28.74 9.67 5.48
N ALA A 474 28.83 9.01 6.64
CA ALA A 474 30.10 8.48 7.15
C ALA A 474 30.53 7.29 6.32
N ALA B 12 -26.87 -17.31 5.31
CA ALA B 12 -28.25 -17.61 5.80
C ALA B 12 -28.41 -17.22 7.28
N GLU B 13 -27.40 -17.14 8.19
CA GLU B 13 -27.66 -16.73 9.61
C GLU B 13 -26.72 -15.67 10.22
N VAL B 14 -27.26 -14.55 10.76
CA VAL B 14 -26.46 -13.51 11.46
C VAL B 14 -26.66 -13.70 12.95
N LYS B 15 -25.63 -14.14 13.64
CA LYS B 15 -25.72 -14.58 15.04
C LYS B 15 -24.87 -13.62 15.90
N LEU B 16 -25.42 -13.13 16.99
CA LEU B 16 -24.70 -12.33 18.00
C LEU B 16 -24.28 -13.28 19.10
N SER B 17 -23.04 -13.25 19.51
CA SER B 17 -22.64 -14.05 20.68
C SER B 17 -21.59 -13.28 21.45
N PRO B 18 -21.49 -13.50 22.77
CA PRO B 18 -20.49 -12.86 23.57
C PRO B 18 -19.16 -13.63 23.52
N ARG B 19 -18.09 -12.97 23.91
CA ARG B 19 -16.84 -13.69 24.18
C ARG B 19 -17.10 -14.74 25.26
N ASP B 20 -16.59 -15.93 25.12
CA ASP B 20 -16.83 -17.02 26.09
C ASP B 20 -15.78 -17.08 27.18
N ARG B 21 -14.83 -16.21 27.28
CA ARG B 21 -13.81 -16.11 28.33
C ARG B 21 -14.15 -14.92 29.22
N GLU B 22 -13.82 -15.07 30.53
CA GLU B 22 -13.91 -13.94 31.46
C GLU B 22 -12.80 -12.94 31.26
N GLY B 23 -11.59 -13.43 31.05
CA GLY B 23 -10.44 -12.55 30.84
C GLY B 23 -10.42 -11.98 29.41
N ILE B 24 -9.55 -11.03 29.24
CA ILE B 24 -9.22 -10.40 27.92
C ILE B 24 -7.79 -10.70 27.56
N ILE B 25 -7.61 -11.05 26.30
CA ILE B 25 -6.25 -11.07 25.70
C ILE B 25 -6.31 -10.12 24.50
N ASN B 26 -5.51 -9.08 24.50
CA ASN B 26 -5.42 -8.16 23.35
C ASN B 26 -6.71 -7.34 23.22
N PRO B 27 -6.93 -6.37 24.12
CA PRO B 27 -8.18 -5.60 24.14
C PRO B 27 -8.32 -4.77 22.84
N MET B 28 -9.57 -4.68 22.41
CA MET B 28 -9.91 -3.91 21.21
C MET B 28 -9.94 -2.42 21.43
N TYR B 29 -10.44 -1.97 22.59
CA TYR B 29 -10.62 -0.58 22.95
C TYR B 29 -9.85 -0.30 24.25
N ASP B 30 -9.63 0.98 24.47
CA ASP B 30 -9.17 1.49 25.76
C ASP B 30 -10.39 1.69 26.66
N CYS B 31 -10.14 2.18 27.89
CA CYS B 31 -11.20 2.42 28.89
C CYS B 31 -11.89 3.78 28.71
N GLN B 32 -13.00 3.95 29.43
CA GLN B 32 -13.78 5.19 29.34
C GLN B 32 -12.98 6.47 29.40
N PRO B 33 -12.08 6.67 30.38
CA PRO B 33 -11.42 7.95 30.47
C PRO B 33 -10.65 8.32 29.21
N ALA B 34 -10.11 7.32 28.52
CA ALA B 34 -9.36 7.61 27.27
C ALA B 34 -10.29 8.26 26.25
N GLY B 35 -11.49 7.78 26.15
CA GLY B 35 -12.49 8.31 25.21
C GLY B 35 -12.93 9.72 25.62
N ALA B 36 -13.07 9.93 26.94
CA ALA B 36 -13.41 11.27 27.43
C ALA B 36 -12.30 12.25 27.06
N GLN B 37 -11.03 11.82 27.19
CA GLN B 37 -9.91 12.69 26.81
C GLN B 37 -10.03 13.03 25.31
N TYR B 38 -10.33 12.03 24.49
CA TYR B 38 -10.43 12.27 23.04
C TYR B 38 -11.52 13.29 22.73
N ALA B 39 -12.66 13.18 23.40
CA ALA B 39 -13.72 14.19 23.22
C ALA B 39 -13.21 15.58 23.54
N GLY B 40 -12.51 15.71 24.67
CA GLY B 40 -12.10 17.03 25.12
C GLY B 40 -11.05 17.69 24.26
N ILE B 41 -10.14 16.91 23.69
CA ILE B 41 -9.03 17.54 22.92
C ILE B 41 -9.53 18.18 21.62
N GLY B 42 -10.78 17.94 21.23
CA GLY B 42 -11.38 18.58 20.07
C GLY B 42 -12.00 19.94 20.35
N ILE B 43 -11.90 20.41 21.58
CA ILE B 43 -12.46 21.72 21.99
C ILE B 43 -11.36 22.75 22.04
N LYS B 44 -11.59 23.94 21.51
N LYS B 44 -11.58 23.90 21.44
CA LYS B 44 -10.60 25.02 21.54
CA LYS B 44 -10.65 25.02 21.51
C LYS B 44 -10.50 25.58 22.96
C LYS B 44 -10.53 25.47 22.95
N ASP B 45 -9.27 25.77 23.38
CA ASP B 45 -9.03 26.35 24.72
C ASP B 45 -9.55 25.41 25.81
N CYS B 46 -9.32 24.14 25.58
CA CYS B 46 -9.68 23.06 26.53
C CYS B 46 -8.46 22.25 26.87
N ILE B 47 -8.28 21.96 28.15
CA ILE B 47 -7.28 20.98 28.67
C ILE B 47 -8.05 20.08 29.59
N PRO B 48 -8.33 18.83 29.23
CA PRO B 48 -8.95 17.93 30.18
C PRO B 48 -8.06 17.67 31.40
N LEU B 49 -8.70 17.42 32.53
CA LEU B 49 -8.00 17.10 33.77
C LEU B 49 -8.46 15.73 34.21
N VAL B 50 -7.57 14.77 34.18
CA VAL B 50 -7.92 13.37 34.43
C VAL B 50 -7.60 13.07 35.90
N HIS B 51 -8.66 12.81 36.67
CA HIS B 51 -8.55 12.69 38.12
C HIS B 51 -8.31 11.21 38.44
N GLY B 52 -7.02 10.89 38.76
CA GLY B 52 -6.60 9.53 38.98
C GLY B 52 -5.08 9.49 38.99
N GLY B 53 -4.59 8.28 38.90
CA GLY B 53 -3.15 8.10 38.79
C GLY B 53 -2.60 8.63 37.49
N GLN B 54 -1.30 8.78 37.43
CA GLN B 54 -0.62 9.50 36.33
C GLN B 54 -0.70 8.70 35.03
N GLY B 55 -0.71 7.39 35.08
CA GLY B 55 -0.69 6.57 33.84
C GLY B 55 -1.96 6.82 33.04
N CYS B 56 -3.07 7.10 33.72
CA CYS B 56 -4.37 7.28 33.08
C CYS B 56 -4.32 8.47 32.12
N THR B 57 -3.48 9.43 32.38
CA THR B 57 -3.22 10.57 31.48
C THR B 57 -2.11 10.23 30.51
N MET B 58 -0.93 9.88 30.99
CA MET B 58 0.24 9.85 30.10
C MET B 58 0.13 8.79 29.03
N PHE B 59 -0.43 7.65 29.34
CA PHE B 59 -0.54 6.58 28.33
C PHE B 59 -1.50 7.01 27.20
N VAL B 60 -2.51 7.81 27.54
CA VAL B 60 -3.52 8.24 26.57
C VAL B 60 -2.93 9.37 25.70
N ARG B 61 -2.18 10.28 26.29
CA ARG B 61 -1.45 11.24 25.46
C ARG B 61 -0.55 10.51 24.44
N LEU B 62 0.09 9.44 24.86
CA LEU B 62 0.93 8.66 23.95
C LEU B 62 0.04 8.04 22.86
N LEU B 63 -1.07 7.46 23.23
CA LEU B 63 -1.98 6.85 22.22
C LEU B 63 -2.38 7.88 21.16
N PHE B 64 -2.72 9.09 21.57
CA PHE B 64 -3.06 10.11 20.57
C PHE B 64 -1.87 10.47 19.70
N ALA B 65 -0.67 10.51 20.27
CA ALA B 65 0.54 10.72 19.47
C ALA B 65 0.75 9.58 18.50
N GLN B 66 0.42 8.36 18.85
CA GLN B 66 0.56 7.24 17.94
C GLN B 66 -0.36 7.41 16.75
N HIS B 67 -1.63 7.73 16.98
CA HIS B 67 -2.60 7.84 15.89
C HIS B 67 -2.31 9.07 15.02
N PHE B 68 -2.15 10.23 15.62
CA PHE B 68 -2.08 11.50 14.92
C PHE B 68 -0.69 12.01 14.61
N LYS B 69 0.32 11.44 15.28
CA LYS B 69 1.68 11.98 15.24
C LYS B 69 1.73 13.43 15.70
N GLU B 70 0.92 13.74 16.71
CA GLU B 70 0.87 15.07 17.33
C GLU B 70 0.70 14.96 18.84
N ASN B 71 1.20 15.99 19.50
CA ASN B 71 0.92 16.26 20.91
C ASN B 71 -0.48 16.85 21.11
N PHE B 72 -1.16 16.39 22.16
CA PHE B 72 -2.34 17.03 22.69
C PHE B 72 -2.20 17.21 24.19
N ASP B 73 -2.63 18.36 24.69
CA ASP B 73 -2.54 18.69 26.13
C ASP B 73 -3.67 18.12 26.91
N VAL B 74 -3.28 17.30 27.93
CA VAL B 74 -4.19 16.73 28.93
C VAL B 74 -3.37 16.76 30.20
N ALA B 75 -4.00 17.08 31.32
CA ALA B 75 -3.33 17.13 32.63
C ALA B 75 -3.86 16.01 33.52
N SER B 76 -3.03 15.70 34.53
CA SER B 76 -3.37 14.73 35.60
C SER B 76 -3.58 15.45 36.95
N THR B 77 -4.40 14.82 37.78
CA THR B 77 -4.44 15.25 39.20
C THR B 77 -3.37 14.56 40.03
N SER B 78 -2.64 13.57 39.45
CA SER B 78 -1.51 12.92 40.19
C SER B 78 -2.01 12.39 41.53
N LEU B 79 -2.98 11.50 41.51
CA LEU B 79 -3.40 10.82 42.74
C LEU B 79 -2.20 10.04 43.27
N HIS B 80 -1.90 10.20 44.55
CA HIS B 80 -0.83 9.47 45.23
C HIS B 80 -1.41 8.75 46.47
N GLU B 81 -0.53 8.17 47.28
CA GLU B 81 -1.00 7.24 48.33
C GLU B 81 -1.87 7.95 49.37
N GLU B 82 -1.56 9.16 49.75
CA GLU B 82 -2.33 9.86 50.79
C GLU B 82 -3.77 10.04 50.34
N SER B 83 -3.98 10.39 49.06
CA SER B 83 -5.35 10.58 48.55
C SER B 83 -6.09 9.25 48.47
N ALA B 84 -5.41 8.15 48.23
CA ALA B 84 -6.07 6.84 48.21
C ALA B 84 -6.59 6.47 49.57
N VAL B 85 -6.03 7.04 50.67
CA VAL B 85 -6.50 6.78 52.06
C VAL B 85 -7.51 7.81 52.52
N PHE B 86 -7.32 9.08 52.20
CA PHE B 86 -8.13 10.17 52.75
C PHE B 86 -9.05 10.84 51.72
N GLY B 87 -8.96 10.49 50.45
CA GLY B 87 -9.70 11.07 49.33
C GLY B 87 -8.86 12.07 48.59
N GLY B 88 -9.23 12.27 47.32
CA GLY B 88 -8.45 13.05 46.35
C GLY B 88 -9.03 14.38 45.95
N ALA B 89 -10.05 14.89 46.62
CA ALA B 89 -10.61 16.17 46.19
C ALA B 89 -9.58 17.30 46.10
N LYS B 90 -8.62 17.35 47.06
CA LYS B 90 -7.67 18.45 47.06
C LYS B 90 -6.80 18.36 45.79
N ARG B 91 -6.59 17.17 45.24
CA ARG B 91 -5.80 17.04 43.99
C ARG B 91 -6.56 17.61 42.79
N VAL B 92 -7.86 17.41 42.74
CA VAL B 92 -8.73 18.07 41.71
C VAL B 92 -8.63 19.56 41.83
N GLU B 93 -8.82 20.07 43.05
CA GLU B 93 -8.93 21.50 43.27
C GLU B 93 -7.61 22.15 42.96
N GLU B 94 -6.49 21.58 43.43
CA GLU B 94 -5.19 22.12 43.03
C GLU B 94 -5.01 22.07 41.52
N GLY B 95 -5.32 20.94 40.93
CA GLY B 95 -5.09 20.78 39.49
C GLY B 95 -5.84 21.81 38.64
N VAL B 96 -7.06 22.10 39.00
CA VAL B 96 -7.83 23.15 38.29
C VAL B 96 -7.14 24.49 38.41
N LEU B 97 -6.74 24.87 39.66
CA LEU B 97 -6.13 26.20 39.81
C LEU B 97 -4.80 26.28 39.12
N VAL B 98 -4.00 25.22 39.18
CA VAL B 98 -2.67 25.26 38.56
C VAL B 98 -2.84 25.36 37.02
N LEU B 99 -3.84 24.71 36.46
CA LEU B 99 -4.16 24.89 35.03
C LEU B 99 -4.53 26.35 34.77
N ALA B 100 -5.49 26.87 35.52
CA ALA B 100 -6.01 28.21 35.26
C ALA B 100 -4.90 29.25 35.37
N ARG B 101 -4.03 29.09 36.38
CA ARG B 101 -2.98 30.09 36.64
C ARG B 101 -1.92 30.05 35.54
N ARG B 102 -1.68 28.90 34.95
CA ARG B 102 -0.53 28.75 34.04
C ARG B 102 -0.97 28.80 32.56
N TYR B 103 -2.25 28.72 32.29
CA TYR B 103 -2.79 28.75 30.92
C TYR B 103 -3.88 29.84 30.88
N PRO B 104 -3.47 31.10 30.60
CA PRO B 104 -4.40 32.22 30.71
C PRO B 104 -5.56 32.23 29.73
N ASN B 105 -5.45 31.45 28.67
CA ASN B 105 -6.50 31.40 27.64
C ASN B 105 -7.41 30.20 27.86
N LEU B 106 -7.14 29.36 28.85
CA LEU B 106 -7.93 28.16 29.08
C LEU B 106 -9.37 28.53 29.41
N ARG B 107 -10.33 27.86 28.78
CA ARG B 107 -11.77 28.13 28.97
C ARG B 107 -12.57 26.92 29.43
N VAL B 108 -12.12 25.71 29.11
CA VAL B 108 -12.91 24.49 29.37
C VAL B 108 -12.03 23.43 30.00
N ILE B 109 -12.47 22.86 31.12
CA ILE B 109 -11.80 21.74 31.79
C ILE B 109 -12.85 20.67 32.08
N PRO B 110 -12.96 19.63 31.25
CA PRO B 110 -13.66 18.42 31.60
C PRO B 110 -12.82 17.73 32.68
N ILE B 111 -13.44 17.42 33.80
CA ILE B 111 -12.83 16.76 34.96
C ILE B 111 -13.28 15.32 34.87
N ILE B 112 -12.35 14.48 34.44
CA ILE B 112 -12.66 13.11 34.00
C ILE B 112 -12.25 12.18 35.13
N THR B 113 -13.16 11.37 35.61
CA THR B 113 -12.84 10.40 36.67
C THR B 113 -12.22 9.15 36.04
N THR B 114 -11.61 8.35 36.91
CA THR B 114 -10.96 7.09 36.54
C THR B 114 -11.46 5.99 37.46
N CYS B 115 -11.01 4.77 37.26
CA CYS B 115 -11.34 3.70 38.21
C CYS B 115 -11.00 4.11 39.65
N SER B 116 -9.85 4.66 39.89
CA SER B 116 -9.47 4.95 41.29
C SER B 116 -10.44 5.89 41.94
N THR B 117 -10.77 6.98 41.24
CA THR B 117 -11.51 8.08 41.87
C THR B 117 -13.00 7.79 41.88
N GLU B 118 -13.47 6.90 41.00
CA GLU B 118 -14.81 6.34 41.14
C GLU B 118 -14.89 5.37 42.33
N VAL B 119 -13.89 4.54 42.50
CA VAL B 119 -13.93 3.61 43.65
C VAL B 119 -13.92 4.41 44.95
N ILE B 120 -13.05 5.39 45.10
CA ILE B 120 -12.96 6.10 46.38
C ILE B 120 -14.04 7.14 46.54
N GLY B 121 -14.82 7.45 45.52
CA GLY B 121 -16.04 8.28 45.70
C GLY B 121 -15.73 9.75 45.91
N ASP B 122 -14.67 10.28 45.31
CA ASP B 122 -14.44 11.73 45.41
C ASP B 122 -15.65 12.47 44.86
N ASP B 123 -16.03 13.56 45.51
CA ASP B 123 -17.23 14.33 45.15
C ASP B 123 -16.82 15.41 44.15
N ILE B 124 -16.93 15.06 42.86
CA ILE B 124 -16.42 15.94 41.78
C ILE B 124 -17.27 17.21 41.75
N GLU B 125 -18.59 17.08 41.87
CA GLU B 125 -19.47 18.27 41.80
C GLU B 125 -19.18 19.22 42.96
N GLY B 126 -18.87 18.69 44.13
CA GLY B 126 -18.47 19.51 45.28
C GLY B 126 -17.17 20.24 45.02
N SER B 127 -16.19 19.53 44.44
CA SER B 127 -14.93 20.19 44.07
C SER B 127 -15.13 21.29 43.03
N ILE B 128 -16.05 21.05 42.07
CA ILE B 128 -16.37 22.07 41.06
C ILE B 128 -16.96 23.32 41.72
N ARG B 129 -17.82 23.16 42.73
CA ARG B 129 -18.35 24.35 43.41
C ARG B 129 -17.21 25.14 44.07
N VAL B 130 -16.30 24.42 44.77
CA VAL B 130 -15.12 25.10 45.36
C VAL B 130 -14.31 25.82 44.34
N CYS B 131 -14.00 25.15 43.22
CA CYS B 131 -13.15 25.77 42.19
C CYS B 131 -13.87 26.93 41.52
N ASN B 132 -15.16 26.83 41.28
CA ASN B 132 -15.91 27.95 40.68
C ASN B 132 -15.80 29.17 41.57
N ARG B 133 -15.97 28.98 42.90
CA ARG B 133 -15.81 30.12 43.83
C ARG B 133 -14.42 30.70 43.77
N ALA B 134 -13.40 29.82 43.79
CA ALA B 134 -12.00 30.25 43.81
C ALA B 134 -11.69 31.01 42.53
N LEU B 135 -12.12 30.45 41.40
CA LEU B 135 -11.80 31.05 40.08
C LEU B 135 -12.50 32.40 39.89
N GLU B 136 -13.74 32.47 40.36
CA GLU B 136 -14.49 33.76 40.26
C GLU B 136 -13.81 34.83 41.09
N ALA B 137 -13.25 34.46 42.24
CA ALA B 137 -12.58 35.46 43.09
C ALA B 137 -11.23 35.86 42.49
N GLU B 138 -10.46 34.88 41.99
CA GLU B 138 -9.08 35.12 41.56
C GLU B 138 -9.02 35.72 40.14
N PHE B 139 -9.99 35.39 39.28
CA PHE B 139 -10.01 35.81 37.85
C PHE B 139 -11.39 36.40 37.51
N PRO B 140 -11.73 37.58 38.06
CA PRO B 140 -13.10 38.10 37.90
C PRO B 140 -13.60 38.28 36.45
N ASP B 141 -12.67 38.55 35.54
CA ASP B 141 -13.07 38.76 34.13
C ASP B 141 -12.91 37.51 33.27
N ARG B 142 -12.75 36.35 33.86
CA ARG B 142 -12.60 35.06 33.14
C ARG B 142 -13.78 34.18 33.48
N LYS B 143 -14.20 33.35 32.53
CA LYS B 143 -15.15 32.26 32.76
C LYS B 143 -14.48 30.97 32.34
N ILE B 144 -14.37 30.01 33.26
CA ILE B 144 -13.84 28.68 32.92
C ILE B 144 -14.98 27.73 33.23
N TYR B 145 -15.26 26.88 32.25
CA TYR B 145 -16.33 25.90 32.36
C TYR B 145 -15.80 24.55 32.82
N LEU B 146 -16.18 24.13 34.03
CA LEU B 146 -15.74 22.85 34.61
C LEU B 146 -16.86 21.85 34.45
N ALA B 147 -16.62 20.77 33.70
CA ALA B 147 -17.65 19.80 33.39
C ALA B 147 -17.31 18.48 34.11
N PRO B 148 -18.23 17.95 34.91
CA PRO B 148 -17.94 16.70 35.61
C PRO B 148 -18.15 15.55 34.63
N VAL B 149 -17.16 14.68 34.48
CA VAL B 149 -17.30 13.56 33.54
C VAL B 149 -17.04 12.25 34.28
N HIS B 150 -18.08 11.51 34.54
CA HIS B 150 -18.00 10.27 35.30
C HIS B 150 -17.75 9.11 34.36
N THR B 151 -16.52 8.58 34.41
CA THR B 151 -16.04 7.56 33.45
C THR B 151 -15.33 6.44 34.18
N PRO B 152 -16.03 5.68 35.06
CA PRO B 152 -15.39 4.49 35.65
C PRO B 152 -14.95 3.51 34.56
N SER B 153 -13.76 2.99 34.64
CA SER B 153 -13.22 2.12 33.59
C SER B 153 -13.71 0.73 33.64
N PHE B 154 -14.37 0.36 34.72
CA PHE B 154 -14.89 -1.01 34.90
C PHE B 154 -16.30 -1.16 34.32
N LYS B 155 -16.74 -0.22 33.48
CA LYS B 155 -17.87 -0.49 32.59
C LYS B 155 -17.55 0.20 31.28
N GLY B 156 -18.28 -0.19 30.23
CA GLY B 156 -18.15 0.40 28.90
C GLY B 156 -16.73 0.38 28.37
N SER B 157 -16.37 1.46 27.67
CA SER B 157 -15.10 1.47 26.90
C SER B 157 -14.81 2.92 26.53
N HIS B 158 -13.76 3.15 25.78
CA HIS B 158 -13.49 4.51 25.29
C HIS B 158 -14.66 5.03 24.40
N VAL B 159 -15.39 4.11 23.78
CA VAL B 159 -16.56 4.56 22.99
C VAL B 159 -17.59 5.25 23.88
N THR B 160 -17.92 4.57 24.99
CA THR B 160 -18.90 5.12 25.91
C THR B 160 -18.36 6.36 26.62
N GLY B 161 -17.06 6.38 26.89
CA GLY B 161 -16.47 7.52 27.57
C GLY B 161 -16.48 8.75 26.70
N TYR B 162 -16.23 8.57 25.40
CA TYR B 162 -16.35 9.66 24.42
C TYR B 162 -17.77 10.27 24.51
N ALA B 163 -18.75 9.37 24.39
CA ALA B 163 -20.16 9.86 24.36
C ALA B 163 -20.49 10.59 25.66
N GLU B 164 -20.04 10.07 26.79
CA GLU B 164 -20.33 10.68 28.10
C GLU B 164 -19.72 12.06 28.21
N CYS B 165 -18.48 12.23 27.76
CA CYS B 165 -17.79 13.52 27.87
C CYS B 165 -18.49 14.55 26.99
N VAL B 166 -18.77 14.18 25.72
CA VAL B 166 -19.48 15.12 24.83
C VAL B 166 -20.78 15.61 25.52
N LYS B 167 -21.51 14.65 26.04
CA LYS B 167 -22.79 15.01 26.65
C LYS B 167 -22.61 15.92 27.83
N SER B 168 -21.64 15.61 28.70
CA SER B 168 -21.43 16.42 29.90
C SER B 168 -20.96 17.82 29.54
N VAL B 169 -20.05 17.97 28.60
CA VAL B 169 -19.56 19.29 28.19
C VAL B 169 -20.76 20.09 27.63
N PHE B 170 -21.55 19.48 26.75
CA PHE B 170 -22.70 20.17 26.19
C PHE B 170 -23.68 20.57 27.28
N LYS B 171 -23.96 19.66 28.21
CA LYS B 171 -24.85 20.04 29.32
C LYS B 171 -24.29 21.23 30.08
N THR B 172 -23.00 21.19 30.41
CA THR B 172 -22.39 22.28 31.18
C THR B 172 -22.49 23.62 30.50
N ILE B 173 -22.07 23.63 29.23
CA ILE B 173 -22.00 24.92 28.54
C ILE B 173 -23.43 25.43 28.22
N THR B 174 -24.31 24.55 27.77
CA THR B 174 -25.67 25.01 27.45
C THR B 174 -26.44 25.37 28.73
N ASP B 175 -26.14 24.72 29.83
CA ASP B 175 -26.76 25.12 31.13
C ASP B 175 -26.43 26.58 31.39
N ALA B 176 -25.22 27.01 31.14
CA ALA B 176 -24.74 28.36 31.45
C ALA B 176 -25.37 29.40 30.49
N HIS B 177 -25.64 29.05 29.23
N HIS B 177 -25.61 29.01 29.24
CA HIS B 177 -26.05 30.07 28.23
CA HIS B 177 -25.99 29.96 28.16
C HIS B 177 -27.48 29.92 27.77
C HIS B 177 -27.50 29.93 27.92
N GLY B 178 -28.08 28.75 27.88
CA GLY B 178 -29.49 28.56 27.55
C GLY B 178 -29.79 28.88 26.08
N LYS B 179 -31.06 29.03 25.81
CA LYS B 179 -31.62 29.17 24.47
C LYS B 179 -31.63 30.67 24.15
N GLY B 180 -31.27 31.00 22.94
CA GLY B 180 -31.19 32.39 22.43
C GLY B 180 -31.97 32.47 21.11
N GLN B 181 -31.36 33.15 20.18
CA GLN B 181 -31.98 33.34 18.86
C GLN B 181 -31.70 32.16 17.94
N PRO B 182 -32.67 31.73 17.11
CA PRO B 182 -32.41 30.63 16.16
C PRO B 182 -31.17 30.93 15.32
N SER B 183 -30.32 29.93 15.12
CA SER B 183 -29.05 30.09 14.39
C SER B 183 -29.26 29.81 12.87
N GLY B 184 -30.24 28.97 12.57
CA GLY B 184 -30.44 28.41 11.22
C GLY B 184 -29.49 27.29 10.88
N LYS B 185 -28.65 26.86 11.79
CA LYS B 185 -27.58 25.88 11.50
C LYS B 185 -28.04 24.48 11.93
N LEU B 186 -27.39 23.48 11.37
CA LEU B 186 -27.47 22.14 11.89
C LEU B 186 -26.40 21.96 12.99
N ASN B 187 -26.73 21.11 13.94
CA ASN B 187 -25.72 20.48 14.81
C ASN B 187 -25.34 19.18 14.12
N VAL B 188 -24.08 18.80 14.07
CA VAL B 188 -23.68 17.53 13.49
C VAL B 188 -22.73 16.83 14.48
N PHE B 189 -23.11 15.65 14.86
CA PHE B 189 -22.22 14.79 15.71
C PHE B 189 -21.77 13.63 14.84
N PRO B 190 -20.55 13.74 14.24
CA PRO B 190 -20.11 12.66 13.37
C PRO B 190 -19.64 11.43 14.12
N GLY B 191 -19.42 11.57 15.42
CA GLY B 191 -18.77 10.56 16.22
C GLY B 191 -17.26 10.64 16.10
N TRP B 192 -16.64 9.52 16.44
CA TRP B 192 -15.18 9.36 16.53
C TRP B 192 -14.65 9.04 15.13
N VAL B 193 -14.23 10.08 14.43
CA VAL B 193 -13.82 9.99 13.03
C VAL B 193 -12.49 10.72 12.89
N ASN B 194 -11.88 10.60 11.71
CA ASN B 194 -10.59 11.23 11.46
C ASN B 194 -10.72 12.65 10.98
N PRO B 195 -9.67 13.46 11.04
CA PRO B 195 -9.67 14.78 10.40
C PRO B 195 -10.12 14.70 8.95
N GLY B 196 -9.71 13.66 8.20
CA GLY B 196 -10.16 13.58 6.79
C GLY B 196 -11.66 13.45 6.67
N ASP B 197 -12.28 12.73 7.60
CA ASP B 197 -13.75 12.62 7.57
C ASP B 197 -14.43 13.98 7.84
N VAL B 198 -13.87 14.76 8.75
CA VAL B 198 -14.37 16.12 9.04
C VAL B 198 -14.23 16.99 7.79
N VAL B 199 -13.11 16.95 7.11
CA VAL B 199 -12.88 17.73 5.87
C VAL B 199 -13.94 17.34 4.86
N LEU B 200 -14.22 16.06 4.70
CA LEU B 200 -15.28 15.65 3.72
C LEU B 200 -16.63 16.21 4.14
N LEU B 201 -17.00 16.05 5.39
CA LEU B 201 -18.33 16.57 5.81
C LEU B 201 -18.44 18.08 5.60
N LYS B 202 -17.41 18.82 5.92
CA LYS B 202 -17.46 20.28 5.69
C LYS B 202 -17.71 20.54 4.21
N ARG B 203 -17.08 19.81 3.32
CA ARG B 203 -17.29 20.04 1.88
C ARG B 203 -18.73 19.72 1.52
N TYR B 204 -19.26 18.62 2.02
CA TYR B 204 -20.65 18.26 1.70
C TYR B 204 -21.58 19.38 2.12
N PHE B 205 -21.46 19.88 3.33
CA PHE B 205 -22.38 20.93 3.78
C PHE B 205 -22.17 22.21 2.96
N LYS B 206 -20.96 22.54 2.61
CA LYS B 206 -20.68 23.73 1.80
C LYS B 206 -21.31 23.58 0.43
N GLU B 207 -21.17 22.42 -0.20
CA GLU B 207 -21.71 22.22 -1.55
C GLU B 207 -23.22 22.23 -1.51
N MET B 208 -23.84 21.76 -0.43
CA MET B 208 -25.31 21.74 -0.28
C MET B 208 -25.85 23.06 0.31
N ASP B 209 -24.98 24.06 0.54
CA ASP B 209 -25.36 25.40 1.07
C ASP B 209 -26.11 25.22 2.39
N VAL B 210 -25.57 24.37 3.28
CA VAL B 210 -26.14 24.11 4.61
C VAL B 210 -25.14 24.59 5.65
N GLU B 211 -25.51 25.53 6.49
CA GLU B 211 -24.68 25.93 7.63
C GLU B 211 -24.79 24.88 8.74
N ALA B 212 -23.63 24.49 9.26
CA ALA B 212 -23.54 23.38 10.22
C ALA B 212 -22.33 23.55 11.10
N ASN B 213 -22.47 23.23 12.38
CA ASN B 213 -21.31 23.02 13.26
C ASN B 213 -21.08 21.53 13.40
N ILE B 214 -19.81 21.13 13.21
CA ILE B 214 -19.42 19.72 13.33
C ILE B 214 -18.74 19.57 14.72
N TYR B 215 -19.32 18.74 15.57
CA TYR B 215 -18.87 18.62 16.98
C TYR B 215 -18.18 17.28 17.15
N MET B 216 -16.83 17.19 17.44
CA MET B 216 -15.94 18.32 17.50
C MET B 216 -15.20 18.47 16.16
N ASP B 217 -14.74 19.66 15.90
CA ASP B 217 -14.05 19.98 14.63
C ASP B 217 -12.55 19.74 14.88
N THR B 218 -12.10 18.59 14.39
CA THR B 218 -10.73 18.13 14.59
C THR B 218 -9.84 18.30 13.34
N GLU B 219 -10.30 19.08 12.34
CA GLU B 219 -9.52 19.25 11.15
C GLU B 219 -8.10 19.66 11.45
N ASP B 220 -7.92 20.63 12.35
CA ASP B 220 -6.60 21.20 12.57
C ASP B 220 -5.69 20.34 13.46
N PHE B 221 -6.15 19.16 13.80
CA PHE B 221 -5.23 18.20 14.42
C PHE B 221 -4.08 17.88 13.47
N ASP B 222 -4.33 17.92 12.16
CA ASP B 222 -3.26 17.79 11.17
C ASP B 222 -2.72 19.18 10.91
N SER B 223 -1.82 19.61 11.77
CA SER B 223 -1.38 21.00 11.78
C SER B 223 -0.10 21.18 11.00
N PRO B 224 0.08 22.35 10.40
CA PRO B 224 1.28 22.65 9.65
C PRO B 224 2.49 22.89 10.52
N MET B 225 3.65 22.68 9.91
CA MET B 225 4.95 23.16 10.42
C MET B 225 5.18 24.50 9.67
N LEU B 226 4.99 25.61 10.36
CA LEU B 226 4.88 26.95 9.74
C LEU B 226 6.16 27.74 9.86
N PRO B 227 6.41 28.68 8.93
CA PRO B 227 7.61 29.53 9.01
C PRO B 227 7.73 30.24 10.36
N ASN B 228 6.60 30.67 10.88
CA ASN B 228 6.62 31.46 12.14
C ASN B 228 6.62 30.60 13.39
N LYS B 229 6.73 29.29 13.29
CA LYS B 229 6.89 28.40 14.46
C LYS B 229 5.66 28.35 15.32
N SER B 230 4.50 28.73 14.77
N SER B 230 4.51 28.81 14.84
CA SER B 230 3.20 28.75 15.48
CA SER B 230 3.29 28.79 15.67
C SER B 230 2.68 27.33 15.67
C SER B 230 2.74 27.37 15.72
N ILE B 231 2.02 27.12 16.79
CA ILE B 231 1.37 25.84 17.08
C ILE B 231 -0.11 25.95 16.87
N GLU B 232 -0.66 25.21 15.92
CA GLU B 232 -2.08 25.35 15.53
C GLU B 232 -2.82 24.02 15.74
N THR B 233 -2.25 23.12 16.55
CA THR B 233 -2.78 21.75 16.72
C THR B 233 -3.91 21.78 17.75
N HIS B 234 -5.08 22.22 17.37
N HIS B 234 -4.93 22.60 17.49
CA HIS B 234 -6.09 22.46 18.39
CA HIS B 234 -6.08 22.93 18.39
C HIS B 234 -7.41 22.03 17.84
C HIS B 234 -7.35 22.25 17.90
N GLY B 235 -8.27 21.78 18.74
CA GLY B 235 -9.67 21.69 18.40
C GLY B 235 -10.18 23.02 18.00
N ARG B 236 -11.13 23.01 17.05
CA ARG B 236 -11.69 24.29 16.55
C ARG B 236 -13.07 24.55 17.14
N THR B 237 -13.68 23.58 17.79
CA THR B 237 -15.01 23.80 18.37
C THR B 237 -14.90 24.70 19.61
N THR B 238 -15.57 25.85 19.61
CA THR B 238 -15.46 26.81 20.71
C THR B 238 -16.60 26.64 21.70
N VAL B 239 -16.43 27.29 22.86
CA VAL B 239 -17.58 27.46 23.80
C VAL B 239 -18.80 28.00 23.04
N GLU B 240 -18.56 29.05 22.24
CA GLU B 240 -19.68 29.69 21.52
C GLU B 240 -20.38 28.73 20.57
N ASP B 241 -19.57 27.93 19.90
CA ASP B 241 -20.15 26.93 18.98
C ASP B 241 -20.99 25.90 19.74
N ILE B 242 -20.47 25.43 20.89
CA ILE B 242 -21.26 24.45 21.68
C ILE B 242 -22.53 25.12 22.23
N ALA B 243 -22.39 26.33 22.76
CA ALA B 243 -23.57 27.02 23.31
C ALA B 243 -24.68 27.20 22.26
N ASP B 244 -24.25 27.46 21.01
CA ASP B 244 -25.22 27.71 19.93
C ASP B 244 -25.96 26.43 19.57
N SER B 245 -25.55 25.26 20.02
CA SER B 245 -26.28 24.02 19.71
C SER B 245 -27.75 24.07 20.17
N ALA B 246 -28.03 24.86 21.19
CA ALA B 246 -29.38 25.05 21.77
C ALA B 246 -30.29 25.68 20.71
N ASN B 247 -29.68 26.44 19.80
CA ASN B 247 -30.41 27.27 18.81
C ASN B 247 -30.52 26.67 17.43
N ALA B 248 -30.10 25.44 17.25
CA ALA B 248 -30.01 24.83 15.94
C ALA B 248 -31.39 24.52 15.37
N LEU B 249 -31.43 24.35 14.07
CA LEU B 249 -32.64 23.92 13.39
C LEU B 249 -32.92 22.45 13.66
N ALA B 250 -31.86 21.66 13.79
CA ALA B 250 -31.96 20.20 13.93
C ALA B 250 -30.55 19.68 14.33
N THR B 251 -30.53 18.47 14.82
CA THR B 251 -29.27 17.73 15.02
C THR B 251 -29.24 16.54 14.08
N LEU B 252 -28.12 16.37 13.39
CA LEU B 252 -27.82 15.17 12.62
C LEU B 252 -26.80 14.38 13.43
N SER B 253 -27.22 13.23 13.89
CA SER B 253 -26.31 12.34 14.67
C SER B 253 -25.95 11.19 13.75
N LEU B 254 -24.63 11.02 13.49
CA LEU B 254 -24.20 9.96 12.57
C LEU B 254 -23.84 8.67 13.26
N ALA B 255 -23.72 8.67 14.59
CA ALA B 255 -23.16 7.55 15.33
C ALA B 255 -24.01 7.29 16.58
N ARG B 256 -24.70 6.18 16.57
CA ARG B 256 -25.58 5.80 17.69
C ARG B 256 -24.79 5.73 18.99
N TYR B 257 -23.57 5.27 18.96
CA TYR B 257 -22.79 5.03 20.19
C TYR B 257 -21.79 6.14 20.45
N GLU B 258 -21.75 7.16 19.59
CA GLU B 258 -20.74 8.21 19.65
C GLU B 258 -21.35 9.60 19.47
N GLY B 259 -22.36 9.93 20.27
CA GLY B 259 -22.87 11.30 20.32
C GLY B 259 -24.36 11.45 20.14
N ASN B 260 -25.01 10.39 19.67
CA ASN B 260 -26.47 10.45 19.55
C ASN B 260 -27.08 10.88 20.89
N THR B 261 -26.52 10.41 22.02
CA THR B 261 -27.16 10.75 23.32
C THR B 261 -27.04 12.23 23.59
N THR B 262 -26.12 13.00 23.01
CA THR B 262 -26.08 14.46 23.14
C THR B 262 -27.20 15.03 22.25
N GLY B 263 -27.35 14.52 21.02
CA GLY B 263 -28.49 14.94 20.19
C GLY B 263 -29.81 14.75 20.94
N GLU B 264 -30.01 13.63 21.62
N GLU B 264 -29.94 13.60 21.60
CA GLU B 264 -31.28 13.43 22.36
CA GLU B 264 -31.15 13.24 22.39
C GLU B 264 -31.33 14.47 23.49
C GLU B 264 -31.34 14.22 23.55
N LEU B 265 -30.26 14.67 24.23
CA LEU B 265 -30.30 15.65 25.31
C LEU B 265 -30.73 17.02 24.78
N LEU B 266 -30.17 17.47 23.66
CA LEU B 266 -30.56 18.77 23.12
C LEU B 266 -32.03 18.78 22.63
N GLN B 267 -32.57 17.63 22.24
CA GLN B 267 -33.98 17.53 21.85
C GLN B 267 -34.80 17.67 23.15
N LYS B 268 -34.45 16.96 24.21
CA LYS B 268 -35.26 17.03 25.45
C LYS B 268 -35.18 18.43 26.05
N THR B 269 -34.02 19.03 26.08
CA THR B 269 -33.81 20.31 26.79
C THR B 269 -34.31 21.49 25.97
N PHE B 270 -34.03 21.54 24.69
CA PHE B 270 -34.18 22.75 23.87
C PHE B 270 -35.12 22.51 22.66
N ALA B 271 -35.73 21.33 22.56
CA ALA B 271 -36.66 20.99 21.42
C ALA B 271 -35.95 21.13 20.09
N VAL B 272 -34.65 20.86 20.02
CA VAL B 272 -33.93 20.76 18.74
C VAL B 272 -34.16 19.34 18.29
N PRO B 273 -34.87 19.10 17.15
CA PRO B 273 -35.15 17.72 16.76
C PRO B 273 -33.87 16.95 16.34
N ASN B 274 -33.70 15.75 16.89
CA ASN B 274 -32.54 14.92 16.57
C ASN B 274 -32.91 13.90 15.52
N ALA B 275 -32.01 13.77 14.55
CA ALA B 275 -32.14 12.74 13.50
C ALA B 275 -30.90 11.86 13.56
N LEU B 276 -31.09 10.65 14.04
CA LEU B 276 -30.05 9.63 14.00
C LEU B 276 -30.15 8.88 12.68
N VAL B 277 -29.03 8.80 11.98
CA VAL B 277 -28.97 8.06 10.71
C VAL B 277 -27.86 7.04 10.79
N ASN B 278 -27.89 6.04 9.92
CA ASN B 278 -26.77 5.10 9.79
C ASN B 278 -25.48 5.88 9.55
N THR B 279 -24.41 5.47 10.23
CA THR B 279 -23.10 6.06 10.00
C THR B 279 -22.76 5.91 8.51
N PRO B 280 -22.28 7.01 7.88
CA PRO B 280 -22.18 7.03 6.41
C PRO B 280 -20.94 6.34 5.84
N TYR B 281 -20.86 5.05 6.09
CA TYR B 281 -19.88 4.17 5.43
C TYR B 281 -20.60 3.51 4.26
N GLY B 282 -20.01 3.62 3.09
CA GLY B 282 -20.61 3.11 1.88
C GLY B 282 -21.59 4.03 1.23
N ILE B 283 -22.10 3.52 0.12
CA ILE B 283 -22.89 4.38 -0.80
C ILE B 283 -24.33 4.62 -0.25
N LYS B 284 -25.04 3.54 0.05
CA LYS B 284 -26.42 3.73 0.54
C LYS B 284 -26.46 4.57 1.81
N ASN B 285 -25.56 4.29 2.76
CA ASN B 285 -25.63 5.07 3.98
C ASN B 285 -25.33 6.53 3.73
N THR B 286 -24.43 6.86 2.81
CA THR B 286 -24.16 8.24 2.45
C THR B 286 -25.42 8.85 1.78
N ASP B 287 -26.00 8.12 0.84
CA ASP B 287 -27.23 8.56 0.16
C ASP B 287 -28.30 8.92 1.20
N ASP B 288 -28.50 8.05 2.21
CA ASP B 288 -29.56 8.27 3.19
C ASP B 288 -29.23 9.43 4.12
N MET B 289 -27.97 9.61 4.44
CA MET B 289 -27.56 10.80 5.20
C MET B 289 -27.94 12.07 4.45
N LEU B 290 -27.56 12.12 3.16
CA LEU B 290 -27.85 13.32 2.36
C LEU B 290 -29.37 13.52 2.22
N ARG B 291 -30.14 12.45 2.05
CA ARG B 291 -31.60 12.62 1.99
C ARG B 291 -32.11 13.22 3.30
N LYS B 292 -31.55 12.79 4.42
CA LYS B 292 -32.03 13.34 5.72
C LYS B 292 -31.67 14.81 5.84
N ILE B 293 -30.48 15.22 5.40
CA ILE B 293 -30.09 16.61 5.43
C ILE B 293 -31.07 17.40 4.58
N ALA B 294 -31.36 16.91 3.37
CA ALA B 294 -32.29 17.59 2.47
C ALA B 294 -33.67 17.77 3.16
N GLU B 295 -34.15 16.71 3.79
CA GLU B 295 -35.48 16.70 4.43
C GLU B 295 -35.50 17.77 5.52
N VAL B 296 -34.50 17.81 6.37
CA VAL B 296 -34.55 18.73 7.51
C VAL B 296 -34.28 20.17 7.08
N THR B 297 -33.48 20.44 6.09
CA THR B 297 -33.09 21.79 5.70
C THR B 297 -33.98 22.33 4.57
N GLY B 298 -34.63 21.46 3.82
CA GLY B 298 -35.35 21.88 2.60
C GLY B 298 -34.42 22.19 1.45
N LYS B 299 -33.12 21.93 1.58
CA LYS B 299 -32.13 22.21 0.50
C LYS B 299 -31.96 20.96 -0.40
N GLU B 300 -31.77 21.17 -1.67
CA GLU B 300 -31.58 20.09 -2.66
C GLU B 300 -30.15 19.51 -2.49
N ILE B 301 -30.04 18.26 -2.79
CA ILE B 301 -28.72 17.61 -2.93
C ILE B 301 -28.06 18.13 -4.19
N PRO B 302 -26.84 18.67 -4.13
CA PRO B 302 -26.23 19.25 -5.31
C PRO B 302 -25.73 18.20 -6.32
N GLU B 303 -25.63 18.65 -7.59
CA GLU B 303 -25.05 17.87 -8.69
C GLU B 303 -23.62 17.43 -8.33
N SER B 304 -22.88 18.26 -7.61
CA SER B 304 -21.48 17.93 -7.25
C SER B 304 -21.42 16.61 -6.49
N LEU B 305 -22.41 16.30 -5.68
CA LEU B 305 -22.41 15.04 -4.91
C LEU B 305 -22.88 13.85 -5.72
N VAL B 306 -23.78 14.09 -6.70
CA VAL B 306 -24.11 13.05 -7.69
C VAL B 306 -22.81 12.66 -8.44
N ARG B 307 -22.01 13.64 -8.81
CA ARG B 307 -20.76 13.35 -9.53
C ARG B 307 -19.75 12.63 -8.64
N GLU B 308 -19.56 13.08 -7.40
CA GLU B 308 -18.57 12.40 -6.53
C GLU B 308 -19.02 10.95 -6.31
N ARG B 309 -20.32 10.75 -6.11
CA ARG B 309 -20.87 9.41 -6.00
C ARG B 309 -20.59 8.57 -7.23
N GLY B 310 -20.82 9.18 -8.40
CA GLY B 310 -20.58 8.44 -9.64
C GLY B 310 -19.11 8.09 -9.87
N ILE B 311 -18.22 8.98 -9.46
CA ILE B 311 -16.77 8.69 -9.55
C ILE B 311 -16.40 7.52 -8.59
N ALA B 312 -16.98 7.53 -7.41
CA ALA B 312 -16.77 6.44 -6.47
C ALA B 312 -17.28 5.12 -7.00
N LEU B 313 -18.50 5.11 -7.57
CA LEU B 313 -19.04 3.88 -8.12
C LEU B 313 -18.21 3.39 -9.29
N ASP B 314 -17.75 4.29 -10.14
CA ASP B 314 -16.92 3.92 -11.30
C ASP B 314 -15.66 3.19 -10.83
N ALA B 315 -15.03 3.70 -9.78
CA ALA B 315 -13.80 3.13 -9.23
C ALA B 315 -14.09 1.77 -8.61
N LEU B 316 -15.16 1.66 -7.84
CA LEU B 316 -15.49 0.42 -7.15
C LEU B 316 -15.86 -0.65 -8.15
N ALA B 317 -16.50 -0.27 -9.27
CA ALA B 317 -16.88 -1.21 -10.29
C ALA B 317 -15.67 -1.86 -10.97
N ASP B 318 -14.50 -1.19 -10.98
CA ASP B 318 -13.27 -1.81 -11.50
C ASP B 318 -12.74 -2.93 -10.60
N LEU B 319 -13.30 -3.02 -9.37
CA LEU B 319 -12.76 -3.90 -8.31
C LEU B 319 -13.70 -5.03 -7.92
N ALA B 320 -15.00 -4.77 -7.87
CA ALA B 320 -15.95 -5.63 -7.09
C ALA B 320 -15.96 -7.06 -7.61
N HIS B 321 -16.46 -7.30 -8.84
CA HIS B 321 -16.55 -8.70 -9.29
C HIS B 321 -15.23 -9.31 -9.64
N MET B 322 -14.24 -8.50 -10.02
CA MET B 322 -12.93 -9.06 -10.38
C MET B 322 -12.19 -9.52 -9.14
N PHE B 323 -12.02 -8.68 -8.16
CA PHE B 323 -11.13 -8.95 -7.04
C PHE B 323 -11.84 -9.19 -5.70
N PHE B 324 -13.05 -8.70 -5.50
CA PHE B 324 -13.69 -8.74 -4.18
C PHE B 324 -14.68 -9.89 -4.04
N ALA B 325 -15.38 -10.27 -5.11
CA ALA B 325 -16.50 -11.17 -4.93
C ALA B 325 -16.05 -12.43 -4.26
N ASN B 326 -16.87 -12.84 -3.28
CA ASN B 326 -16.73 -14.11 -2.51
C ASN B 326 -15.52 -14.07 -1.57
N LYS B 327 -14.87 -12.94 -1.41
CA LYS B 327 -13.73 -12.86 -0.47
C LYS B 327 -14.29 -12.63 0.92
N LYS B 328 -13.70 -13.31 1.90
CA LYS B 328 -14.16 -13.33 3.28
C LYS B 328 -13.42 -12.32 4.14
N VAL B 329 -14.18 -11.54 4.84
CA VAL B 329 -13.63 -10.38 5.60
C VAL B 329 -13.98 -10.50 7.09
N ALA B 330 -13.01 -10.15 7.92
CA ALA B 330 -13.27 -9.87 9.35
C ALA B 330 -13.04 -8.39 9.62
N ILE B 331 -13.93 -7.80 10.39
CA ILE B 331 -13.91 -6.35 10.69
C ILE B 331 -13.95 -6.19 12.18
N PHE B 332 -13.10 -5.33 12.73
CA PHE B 332 -13.20 -4.93 14.14
C PHE B 332 -12.98 -3.44 14.28
N GLY B 333 -13.52 -2.88 15.38
CA GLY B 333 -13.46 -1.46 15.63
C GLY B 333 -14.69 -1.00 16.38
N HIS B 334 -14.88 0.27 16.41
CA HIS B 334 -16.05 0.87 17.08
C HIS B 334 -17.32 0.32 16.47
N PRO B 335 -18.41 0.14 17.24
CA PRO B 335 -19.60 -0.51 16.70
C PRO B 335 -20.21 0.23 15.50
N ASP B 336 -20.26 1.55 15.52
CA ASP B 336 -20.84 2.27 14.34
C ASP B 336 -20.00 2.00 13.08
N LEU B 337 -18.69 1.94 13.23
CA LEU B 337 -17.74 1.68 12.14
C LEU B 337 -17.87 0.24 11.67
N VAL B 338 -17.95 -0.73 12.58
CA VAL B 338 -18.03 -2.13 12.19
C VAL B 338 -19.31 -2.37 11.39
N LEU B 339 -20.44 -1.93 11.91
CA LEU B 339 -21.70 -2.12 11.24
C LEU B 339 -21.75 -1.38 9.93
N GLY B 340 -21.26 -0.18 9.88
CA GLY B 340 -21.23 0.56 8.61
C GLY B 340 -20.31 -0.07 7.58
N LEU B 341 -19.10 -0.48 7.98
CA LEU B 341 -18.19 -1.12 7.04
C LEU B 341 -18.75 -2.45 6.57
N ALA B 342 -19.48 -3.21 7.37
CA ALA B 342 -20.06 -4.46 6.91
C ALA B 342 -21.01 -4.15 5.72
N GLN B 343 -21.82 -3.08 5.85
CA GLN B 343 -22.76 -2.73 4.76
C GLN B 343 -21.96 -2.30 3.52
N PHE B 344 -20.94 -1.45 3.68
CA PHE B 344 -20.06 -1.09 2.55
C PHE B 344 -19.50 -2.33 1.89
N CYS B 345 -18.99 -3.27 2.66
CA CYS B 345 -18.37 -4.44 2.09
C CYS B 345 -19.36 -5.16 1.17
N MET B 346 -20.60 -5.30 1.62
CA MET B 346 -21.54 -6.05 0.78
C MET B 346 -21.86 -5.32 -0.52
N GLU B 347 -21.84 -3.99 -0.50
CA GLU B 347 -22.08 -3.22 -1.74
C GLU B 347 -21.06 -3.58 -2.81
N VAL B 348 -19.83 -3.91 -2.41
CA VAL B 348 -18.73 -4.25 -3.33
C VAL B 348 -18.43 -5.71 -3.42
N GLU B 349 -19.39 -6.55 -3.01
CA GLU B 349 -19.38 -8.01 -3.15
C GLU B 349 -18.43 -8.71 -2.18
N LEU B 350 -17.84 -8.01 -1.23
CA LEU B 350 -17.10 -8.66 -0.14
C LEU B 350 -18.09 -9.32 0.81
N GLU B 351 -17.60 -10.31 1.55
CA GLU B 351 -18.47 -11.07 2.49
C GLU B 351 -17.92 -10.96 3.90
N PRO B 352 -18.46 -10.01 4.69
CA PRO B 352 -18.02 -9.80 6.07
C PRO B 352 -18.59 -10.87 7.01
N VAL B 353 -17.85 -11.93 7.16
CA VAL B 353 -18.31 -13.12 7.89
C VAL B 353 -18.07 -13.04 9.39
N LEU B 354 -17.23 -12.13 9.83
CA LEU B 354 -16.88 -12.02 11.26
C LEU B 354 -16.76 -10.58 11.65
N LEU B 355 -17.65 -10.12 12.50
CA LEU B 355 -17.66 -8.74 12.99
C LEU B 355 -17.37 -8.78 14.47
N LEU B 356 -16.39 -8.05 14.92
CA LEU B 356 -16.02 -8.05 16.35
CA LEU B 356 -15.98 -8.04 16.35
C LEU B 356 -16.19 -6.65 16.93
N ILE B 357 -16.97 -6.60 18.03
CA ILE B 357 -17.29 -5.35 18.72
C ILE B 357 -16.79 -5.56 20.16
N GLY B 358 -16.09 -4.59 20.71
CA GLY B 358 -15.15 -4.85 21.81
C GLY B 358 -15.58 -4.51 23.22
N ASP B 359 -16.85 -4.33 23.51
CA ASP B 359 -17.24 -3.92 24.88
C ASP B 359 -18.55 -4.55 25.28
N ASP B 360 -18.94 -4.21 26.50
CA ASP B 360 -20.03 -4.79 27.28
C ASP B 360 -21.42 -4.27 26.90
N GLN B 361 -21.57 -3.61 25.75
CA GLN B 361 -22.85 -2.96 25.38
C GLN B 361 -23.73 -3.85 24.50
N GLY B 362 -23.58 -5.16 24.60
CA GLY B 362 -24.37 -6.13 23.83
C GLY B 362 -25.88 -5.96 23.92
N ASN B 363 -26.42 -5.51 25.06
CA ASN B 363 -27.87 -5.42 25.15
C ASN B 363 -28.35 -4.29 24.24
N LYS B 364 -27.48 -3.32 23.97
CA LYS B 364 -27.81 -2.27 22.98
C LYS B 364 -27.57 -2.77 21.57
N TYR B 365 -26.47 -3.45 21.33
CA TYR B 365 -26.17 -3.90 19.97
C TYR B 365 -27.27 -4.83 19.46
N LYS B 366 -27.84 -5.68 20.31
CA LYS B 366 -28.92 -6.60 19.90
C LYS B 366 -30.10 -5.84 19.33
N LYS B 367 -30.30 -4.57 19.67
CA LYS B 367 -31.44 -3.76 19.19
C LYS B 367 -31.00 -2.85 18.03
N ASP B 368 -29.76 -2.92 17.56
CA ASP B 368 -29.35 -1.99 16.50
C ASP B 368 -30.05 -2.39 15.18
N PRO B 369 -30.73 -1.42 14.53
CA PRO B 369 -31.47 -1.76 13.30
C PRO B 369 -30.56 -2.25 12.18
N ARG B 370 -29.28 -1.96 12.25
CA ARG B 370 -28.38 -2.40 11.18
C ARG B 370 -28.20 -3.91 11.24
N ILE B 371 -28.28 -4.53 12.43
CA ILE B 371 -28.27 -6.02 12.55
CA ILE B 371 -28.11 -6.02 12.44
C ILE B 371 -29.34 -6.64 11.70
N GLU B 372 -30.55 -6.11 11.85
CA GLU B 372 -31.67 -6.57 11.02
C GLU B 372 -31.35 -6.35 9.53
N GLU B 373 -30.83 -5.17 9.16
CA GLU B 373 -30.45 -4.86 7.73
C GLU B 373 -29.47 -5.91 7.22
N LEU B 374 -28.52 -6.40 8.03
CA LEU B 374 -27.61 -7.52 7.70
C LEU B 374 -28.39 -8.82 7.62
N LYS B 375 -29.22 -9.17 8.63
CA LYS B 375 -29.96 -10.46 8.67
C LYS B 375 -30.80 -10.59 7.40
N ASN B 376 -31.31 -9.48 6.86
CA ASN B 376 -32.23 -9.51 5.69
C ASN B 376 -31.45 -9.49 4.38
N THR B 377 -30.13 -9.21 4.40
CA THR B 377 -29.36 -8.99 3.16
C THR B 377 -28.42 -10.15 2.98
N ALA B 378 -27.71 -10.58 3.98
CA ALA B 378 -26.54 -11.48 3.78
C ALA B 378 -26.96 -12.86 3.30
N HIS B 379 -26.14 -13.39 2.41
CA HIS B 379 -26.36 -14.78 1.87
C HIS B 379 -25.33 -15.75 2.43
N PHE B 380 -24.60 -15.34 3.44
CA PHE B 380 -23.53 -16.11 4.11
C PHE B 380 -23.76 -15.90 5.60
N ASP B 381 -23.35 -16.84 6.39
CA ASP B 381 -23.46 -16.67 7.84
C ASP B 381 -22.54 -15.51 8.26
N ILE B 382 -23.03 -14.72 9.18
CA ILE B 382 -22.19 -13.69 9.84
C ILE B 382 -22.17 -13.99 11.33
N GLU B 383 -21.01 -14.06 11.95
CA GLU B 383 -20.89 -14.10 13.41
CA GLU B 383 -20.88 -14.11 13.41
C GLU B 383 -20.49 -12.70 13.90
N ILE B 384 -21.33 -12.14 14.78
CA ILE B 384 -21.02 -10.86 15.44
C ILE B 384 -20.69 -11.17 16.88
N VAL B 385 -19.44 -11.04 17.21
CA VAL B 385 -18.97 -11.31 18.58
C VAL B 385 -18.88 -9.99 19.30
N HIS B 386 -19.71 -9.85 20.35
CA HIS B 386 -19.65 -8.62 21.17
C HIS B 386 -18.88 -8.95 22.47
N ASN B 387 -18.50 -7.94 23.18
CA ASN B 387 -17.55 -8.06 24.29
C ASN B 387 -16.29 -8.79 23.78
N ALA B 388 -15.91 -8.57 22.52
CA ALA B 388 -14.79 -9.29 21.90
C ALA B 388 -13.45 -8.67 22.27
N ASP B 389 -12.41 -9.48 22.30
CA ASP B 389 -11.02 -9.02 22.24
C ASP B 389 -10.43 -9.45 20.93
N LEU B 390 -9.19 -9.09 20.69
CA LEU B 390 -8.54 -9.46 19.42
C LEU B 390 -7.99 -10.87 19.46
N TRP B 391 -7.83 -11.45 20.66
CA TRP B 391 -7.53 -12.87 20.69
C TRP B 391 -8.66 -13.68 20.08
N GLU B 392 -9.89 -13.22 20.20
CA GLU B 392 -10.98 -13.99 19.60
CA GLU B 392 -10.98 -13.99 19.60
CA GLU B 392 -11.04 -13.91 19.58
C GLU B 392 -10.77 -14.11 18.08
N LEU B 393 -10.28 -13.05 17.43
CA LEU B 393 -9.95 -13.15 15.99
C LEU B 393 -8.83 -14.17 15.71
N GLU B 394 -7.73 -14.04 16.47
CA GLU B 394 -6.57 -14.90 16.29
C GLU B 394 -6.92 -16.36 16.53
N LYS B 395 -7.70 -16.61 17.59
CA LYS B 395 -8.09 -17.98 17.94
C LYS B 395 -8.99 -18.57 16.86
N ARG B 396 -9.87 -17.81 16.28
CA ARG B 396 -10.75 -18.34 15.21
CA ARG B 396 -10.75 -18.34 15.21
C ARG B 396 -9.92 -18.66 13.97
N ILE B 397 -8.96 -17.81 13.63
CA ILE B 397 -8.05 -18.12 12.50
C ILE B 397 -7.25 -19.38 12.81
N ASN B 398 -6.75 -19.51 14.02
CA ASN B 398 -5.97 -20.71 14.36
C ASN B 398 -6.81 -21.99 14.28
N ALA B 399 -8.11 -21.87 14.56
CA ALA B 399 -9.05 -23.00 14.50
C ALA B 399 -9.52 -23.29 13.08
N GLY B 400 -9.12 -22.50 12.07
CA GLY B 400 -9.41 -22.80 10.67
C GLY B 400 -10.23 -21.78 9.92
N LEU B 401 -10.60 -20.67 10.54
CA LEU B 401 -11.40 -19.68 9.80
C LEU B 401 -10.55 -19.13 8.66
N GLN B 402 -11.08 -19.22 7.46
CA GLN B 402 -10.35 -18.76 6.25
C GLN B 402 -10.82 -17.33 5.94
N LEU B 403 -9.89 -16.41 6.01
CA LEU B 403 -10.15 -14.99 5.71
C LEU B 403 -9.25 -14.54 4.59
N ASP B 404 -9.81 -13.70 3.73
CA ASP B 404 -9.05 -13.03 2.66
C ASP B 404 -8.64 -11.62 3.07
N LEU B 405 -9.25 -11.02 4.10
CA LEU B 405 -9.02 -9.61 4.41
C LEU B 405 -9.40 -9.42 5.86
N ILE B 406 -8.65 -8.59 6.54
CA ILE B 406 -9.02 -8.01 7.83
C ILE B 406 -9.10 -6.51 7.67
N MET B 407 -10.13 -5.90 8.26
CA MET B 407 -10.23 -4.43 8.38
C MET B 407 -10.29 -4.11 9.86
N GLY B 408 -9.34 -3.34 10.34
CA GLY B 408 -9.33 -2.95 11.73
C GLY B 408 -8.22 -2.05 12.04
N HIS B 409 -8.07 -1.70 13.32
CA HIS B 409 -7.04 -0.75 13.77
C HIS B 409 -5.69 -1.47 13.99
N SER B 410 -4.66 -0.65 14.16
CA SER B 410 -3.29 -1.15 14.14
C SER B 410 -2.93 -2.06 15.31
N LYS B 411 -3.68 -2.04 16.41
CA LYS B 411 -3.30 -2.99 17.50
C LYS B 411 -3.63 -4.42 17.11
N GLY B 412 -4.34 -4.68 16.00
CA GLY B 412 -4.48 -6.03 15.50
C GLY B 412 -3.42 -6.47 14.50
N ARG B 413 -2.45 -5.62 14.24
CA ARG B 413 -1.50 -5.87 13.12
C ARG B 413 -0.83 -7.23 13.18
N TYR B 414 -0.38 -7.68 14.36
CA TYR B 414 0.37 -8.93 14.36
C TYR B 414 -0.51 -10.14 13.99
N VAL B 415 -1.82 -10.05 14.24
CA VAL B 415 -2.71 -11.13 13.85
C VAL B 415 -2.63 -11.33 12.33
N ALA B 416 -2.77 -10.23 11.61
CA ALA B 416 -2.75 -10.26 10.13
C ALA B 416 -1.36 -10.65 9.62
N ILE B 417 -0.31 -10.06 10.21
CA ILE B 417 1.05 -10.33 9.74
C ILE B 417 1.35 -11.81 9.85
N GLU B 418 1.10 -12.36 11.04
CA GLU B 418 1.45 -13.77 11.26
C GLU B 418 0.60 -14.73 10.44
N ALA B 419 -0.66 -14.43 10.27
CA ALA B 419 -1.58 -15.27 9.49
C ALA B 419 -1.40 -15.08 7.99
N ASN B 420 -0.61 -14.08 7.61
CA ASN B 420 -0.38 -13.73 6.20
C ASN B 420 -1.72 -13.39 5.51
N ILE B 421 -2.49 -12.52 6.12
CA ILE B 421 -3.77 -12.02 5.60
C ILE B 421 -3.62 -10.52 5.37
N PRO B 422 -3.96 -10.01 4.16
CA PRO B 422 -3.93 -8.58 3.97
C PRO B 422 -4.87 -7.86 4.92
N MET B 423 -4.47 -6.69 5.30
N MET B 423 -4.43 -6.71 5.46
CA MET B 423 -5.18 -5.94 6.33
CA MET B 423 -5.23 -5.87 6.41
C MET B 423 -5.23 -4.48 5.92
C MET B 423 -5.23 -4.40 6.00
N VAL B 424 -6.43 -3.89 5.95
CA VAL B 424 -6.64 -2.45 5.77
C VAL B 424 -6.89 -1.83 7.14
N ARG B 425 -6.15 -0.79 7.40
CA ARG B 425 -6.20 -0.04 8.68
C ARG B 425 -7.36 0.93 8.63
N VAL B 426 -8.32 0.74 9.54
CA VAL B 426 -9.50 1.60 9.71
C VAL B 426 -9.70 1.88 11.18
N GLY B 427 -10.39 2.97 11.48
CA GLY B 427 -10.75 3.31 12.87
C GLY B 427 -9.56 3.79 13.63
N PHE B 428 -9.57 3.51 14.92
CA PHE B 428 -8.62 4.15 15.87
C PHE B 428 -7.98 3.13 16.76
N PRO B 429 -6.66 3.14 16.95
CA PRO B 429 -5.65 3.98 16.33
C PRO B 429 -5.01 3.29 15.10
N THR B 430 -4.60 4.09 14.12
CA THR B 430 -3.95 3.56 12.91
C THR B 430 -2.54 4.10 12.81
N PHE B 431 -1.73 3.73 13.79
CA PHE B 431 -0.35 4.21 13.94
C PHE B 431 0.69 3.53 13.05
N ASP B 432 0.36 2.37 12.49
CA ASP B 432 1.41 1.64 11.77
C ASP B 432 1.36 1.84 10.23
N ARG B 433 0.66 2.87 9.81
CA ARG B 433 0.73 3.36 8.41
C ARG B 433 0.73 4.85 8.48
N ALA B 434 1.20 5.50 7.41
CA ALA B 434 1.35 6.95 7.35
C ALA B 434 0.17 7.62 6.67
N GLY B 435 -0.32 8.68 7.33
CA GLY B 435 -1.28 9.62 6.76
C GLY B 435 -2.72 9.23 6.77
N LEU B 436 -3.10 8.13 7.40
CA LEU B 436 -4.45 7.64 7.26
C LEU B 436 -5.45 8.57 7.91
N TYR B 437 -5.07 9.32 8.92
CA TYR B 437 -5.94 10.29 9.58
C TYR B 437 -6.39 11.39 8.60
N ARG B 438 -5.69 11.57 7.49
CA ARG B 438 -6.01 12.62 6.52
C ARG B 438 -6.94 12.08 5.41
N LYS B 439 -7.15 10.78 5.35
CA LYS B 439 -7.91 10.12 4.25
C LYS B 439 -9.31 9.88 4.74
N PRO B 440 -10.36 10.34 4.02
CA PRO B 440 -11.72 10.05 4.47
C PRO B 440 -12.02 8.57 4.28
N SER B 441 -12.86 8.07 5.17
CA SER B 441 -13.42 6.73 5.13
C SER B 441 -14.94 6.79 4.92
N ILE B 442 -15.60 7.82 5.42
CA ILE B 442 -17.06 8.01 5.22
C ILE B 442 -17.32 8.67 3.85
N GLY B 443 -18.59 8.77 3.49
CA GLY B 443 -18.98 9.43 2.28
C GLY B 443 -18.59 8.67 1.04
N TYR B 444 -18.88 9.30 -0.11
CA TYR B 444 -18.59 8.67 -1.40
C TYR B 444 -17.07 8.58 -1.64
N GLN B 445 -16.37 9.70 -1.49
CA GLN B 445 -14.90 9.67 -1.66
C GLN B 445 -14.31 8.67 -0.68
N GLY B 446 -14.82 8.64 0.57
CA GLY B 446 -14.32 7.64 1.54
C GLY B 446 -14.54 6.22 1.14
N ALA B 447 -15.70 5.90 0.56
CA ALA B 447 -15.97 4.55 0.11
C ALA B 447 -14.94 4.16 -0.98
N MET B 448 -14.74 5.09 -1.90
CA MET B 448 -13.74 4.90 -2.98
C MET B 448 -12.34 4.68 -2.39
N GLU B 449 -11.94 5.52 -1.46
CA GLU B 449 -10.61 5.37 -0.85
C GLU B 449 -10.49 4.03 -0.11
N LEU B 450 -11.53 3.63 0.61
CA LEU B 450 -11.48 2.33 1.29
C LEU B 450 -11.37 1.19 0.30
N GLY B 451 -12.19 1.23 -0.74
CA GLY B 451 -12.13 0.16 -1.73
C GLY B 451 -10.77 0.04 -2.39
N GLU B 452 -10.20 1.19 -2.73
CA GLU B 452 -8.87 1.17 -3.35
C GLU B 452 -7.80 0.73 -2.38
N MET B 453 -7.92 1.00 -1.05
N MET B 453 -7.92 1.15 -1.12
CA MET B 453 -6.94 0.45 -0.07
CA MET B 453 -7.01 0.63 -0.10
C MET B 453 -7.07 -1.07 -0.03
C MET B 453 -7.11 -0.89 0.01
N ILE B 454 -8.31 -1.50 -0.04
CA ILE B 454 -8.50 -2.96 -0.04
C ILE B 454 -7.82 -3.60 -1.26
N ALA B 455 -8.15 -3.06 -2.44
CA ALA B 455 -7.54 -3.66 -3.65
C ALA B 455 -6.01 -3.57 -3.60
N ASN B 456 -5.50 -2.40 -3.24
CA ASN B 456 -4.03 -2.26 -3.26
C ASN B 456 -3.38 -3.16 -2.21
N ALA B 457 -4.02 -3.43 -1.10
CA ALA B 457 -3.49 -4.40 -0.13
C ALA B 457 -3.52 -5.82 -0.70
N MET B 458 -4.60 -6.17 -1.39
CA MET B 458 -4.66 -7.47 -2.06
C MET B 458 -3.62 -7.60 -3.15
N PHE B 459 -3.42 -6.55 -3.93
CA PHE B 459 -2.45 -6.56 -5.03
C PHE B 459 -1.04 -6.79 -4.51
N ALA B 460 -0.66 -6.04 -3.48
CA ALA B 460 0.69 -6.23 -2.91
C ALA B 460 0.80 -7.67 -2.38
N HIS B 461 -0.27 -8.19 -1.75
CA HIS B 461 -0.24 -9.55 -1.23
C HIS B 461 -0.02 -10.57 -2.34
N MET B 462 -0.71 -10.38 -3.47
CA MET B 462 -0.56 -11.26 -4.61
C MET B 462 0.87 -11.27 -5.10
N GLU B 463 1.52 -10.11 -5.11
CA GLU B 463 2.93 -10.05 -5.54
C GLU B 463 3.86 -10.73 -4.53
N TYR B 464 3.71 -10.43 -3.24
CA TYR B 464 4.61 -11.01 -2.24
C TYR B 464 4.44 -12.54 -2.19
N THR B 465 3.22 -13.04 -2.37
CA THR B 465 2.93 -14.48 -2.29
C THR B 465 2.95 -15.18 -3.64
N ARG B 466 3.19 -14.44 -4.73
CA ARG B 466 3.22 -15.02 -6.08
C ARG B 466 1.90 -15.77 -6.37
N ASN B 467 0.80 -15.11 -6.09
CA ASN B 467 -0.51 -15.68 -6.30
C ASN B 467 -1.17 -14.98 -7.50
N LYS B 468 -0.90 -15.53 -8.68
CA LYS B 468 -1.43 -14.99 -9.95
C LYS B 468 -1.04 -13.53 -10.09
N GLU B 469 0.20 -13.18 -9.73
CA GLU B 469 0.61 -11.77 -9.74
C GLU B 469 0.64 -11.20 -11.15
N TRP B 470 0.66 -12.07 -12.16
CA TRP B 470 0.61 -11.68 -13.57
C TRP B 470 -0.75 -11.11 -13.98
N ILE B 471 -1.77 -11.23 -13.14
CA ILE B 471 -3.14 -10.82 -13.52
C ILE B 471 -3.37 -9.31 -13.37
N LEU B 472 -2.43 -8.59 -12.78
CA LEU B 472 -2.61 -7.16 -12.46
C LEU B 472 -2.29 -6.25 -13.64
N ASN B 473 -2.48 -6.74 -14.85
CA ASN B 473 -2.13 -6.02 -16.09
C ASN B 473 -3.33 -5.41 -16.79
N THR B 474 -4.38 -6.17 -17.04
CA THR B 474 -5.50 -5.77 -17.94
C THR B 474 -6.84 -5.90 -17.23
N TRP B 475 -6.86 -5.71 -15.92
CA TRP B 475 -8.09 -5.57 -15.17
C TRP B 475 -8.65 -4.20 -15.41
N SER C 2 50.57 18.27 46.30
CA SER C 2 50.04 19.63 46.38
C SER C 2 48.51 19.60 46.34
N GLN C 3 47.90 20.72 46.72
CA GLN C 3 46.43 20.91 46.53
C GLN C 3 46.01 20.79 45.07
N SER C 4 46.85 21.24 44.14
CA SER C 4 46.59 21.14 42.69
C SER C 4 46.49 19.66 42.35
N HIS C 5 47.44 18.82 42.78
CA HIS C 5 47.40 17.38 42.47
C HIS C 5 46.12 16.76 43.01
N LEU C 6 45.76 17.09 44.24
CA LEU C 6 44.51 16.56 44.82
C LEU C 6 43.31 17.04 44.01
N ASP C 7 43.32 18.29 43.64
CA ASP C 7 42.19 18.81 42.85
C ASP C 7 42.10 18.08 41.52
N ASP C 8 43.19 17.72 40.89
CA ASP C 8 43.19 16.93 39.67
C ASP C 8 42.55 15.58 39.88
N LEU C 9 42.95 14.88 40.93
CA LEU C 9 42.42 13.52 41.21
C LEU C 9 40.92 13.64 41.47
N PHE C 10 40.52 14.62 42.27
CA PHE C 10 39.09 14.76 42.67
C PHE C 10 38.25 15.08 41.42
N ALA C 11 38.73 15.99 40.58
CA ALA C 11 37.94 16.33 39.39
C ALA C 11 37.82 15.12 38.47
N TYR C 12 38.84 14.30 38.32
CA TYR C 12 38.78 13.04 37.56
C TYR C 12 37.72 12.13 38.12
N VAL C 13 37.73 11.88 39.41
CA VAL C 13 36.80 10.89 39.99
C VAL C 13 35.37 11.41 39.78
N GLU C 14 35.17 12.70 40.06
CA GLU C 14 33.79 13.27 40.03
C GLU C 14 33.21 13.08 38.64
N GLU C 15 33.98 13.43 37.61
CA GLU C 15 33.41 13.40 36.22
C GLU C 15 33.39 12.00 35.62
N ARG C 16 34.19 11.06 36.10
CA ARG C 16 34.34 9.74 35.48
C ARG C 16 33.66 8.60 36.22
N CYS C 17 33.86 8.54 37.55
CA CYS C 17 33.57 7.30 38.27
C CYS C 17 32.13 7.26 38.78
N LEU C 18 31.66 6.04 39.00
CA LEU C 18 30.31 5.78 39.53
C LEU C 18 30.31 5.13 40.92
N TRP C 19 31.43 4.54 41.31
CA TRP C 19 31.46 3.71 42.56
C TRP C 19 31.28 4.57 43.79
N GLN C 20 31.56 5.86 43.71
CA GLN C 20 31.32 6.77 44.87
C GLN C 20 29.85 7.13 45.01
N PHE C 21 29.01 6.75 44.03
CA PHE C 21 27.58 7.15 43.98
C PHE C 21 26.65 5.96 44.19
N PHE C 22 27.11 4.92 44.87
CA PHE C 22 26.27 3.76 45.18
C PHE C 22 25.09 4.18 46.07
N SER C 23 24.19 3.24 46.34
CA SER C 23 22.84 3.63 46.79
C SER C 23 22.78 4.02 48.26
N ARG C 24 23.76 3.61 49.07
CA ARG C 24 23.68 3.80 50.54
C ARG C 24 25.04 4.25 51.02
N THR C 25 25.04 4.94 52.15
CA THR C 25 26.27 5.44 52.82
C THR C 25 27.31 4.35 52.97
N TRP C 26 26.94 3.19 53.48
CA TRP C 26 27.90 2.14 53.81
C TRP C 26 28.58 1.62 52.54
N ASP C 27 27.84 1.60 51.45
CA ASP C 27 28.45 1.13 50.18
C ASP C 27 29.39 2.18 49.59
N ARG C 28 29.04 3.46 49.70
CA ARG C 28 29.93 4.55 49.27
C ARG C 28 31.22 4.49 50.09
N GLU C 29 31.09 4.33 51.40
CA GLU C 29 32.29 4.28 52.26
C GLU C 29 33.16 3.10 51.82
N GLU C 30 32.56 1.93 51.68
CA GLU C 30 33.32 0.71 51.31
C GLU C 30 34.04 0.91 50.00
N ASN C 31 33.36 1.47 49.03
CA ASN C 31 33.96 1.65 47.69
C ASN C 31 35.07 2.69 47.69
N ILE C 32 34.88 3.82 48.36
CA ILE C 32 35.91 4.86 48.40
C ILE C 32 37.21 4.26 49.01
N GLU C 33 37.06 3.53 50.12
CA GLU C 33 38.22 2.92 50.77
C GLU C 33 38.81 1.85 49.85
N GLY C 34 38.00 0.94 49.36
CA GLY C 34 38.50 -0.23 48.65
C GLY C 34 39.12 0.10 47.32
N VAL C 35 38.46 0.92 46.54
CA VAL C 35 39.00 1.32 45.23
C VAL C 35 40.29 2.12 45.47
N LEU C 36 40.25 3.15 46.30
CA LEU C 36 41.41 4.04 46.38
C LEU C 36 42.64 3.34 47.05
N ASN C 37 42.41 2.34 47.92
CA ASN C 37 43.58 1.60 48.39
C ASN C 37 44.24 0.84 47.24
N GLN C 38 43.46 0.25 46.32
CA GLN C 38 44.06 -0.42 45.17
C GLN C 38 44.71 0.61 44.24
N VAL C 39 44.11 1.78 44.05
CA VAL C 39 44.74 2.80 43.20
C VAL C 39 46.16 3.10 43.74
N GLY C 40 46.24 3.31 45.04
CA GLY C 40 47.54 3.56 45.65
C GLY C 40 48.56 2.51 45.34
N ARG C 41 48.17 1.25 45.48
CA ARG C 41 49.03 0.11 45.14
C ARG C 41 49.50 0.19 43.70
N LEU C 42 48.58 0.36 42.78
CA LEU C 42 48.90 0.38 41.33
C LEU C 42 49.79 1.55 40.98
N LEU C 43 49.57 2.72 41.59
CA LEU C 43 50.37 3.91 41.24
C LEU C 43 51.76 3.86 41.89
N THR C 44 52.03 2.91 42.77
CA THR C 44 53.31 2.80 43.52
C THR C 44 53.96 1.45 43.29
N GLY C 45 53.51 0.67 42.31
CA GLY C 45 54.18 -0.57 41.87
C GLY C 45 54.02 -1.69 42.86
N GLN C 46 53.01 -1.64 43.73
CA GLN C 46 52.77 -2.71 44.72
C GLN C 46 51.87 -3.79 44.13
N GLU C 47 51.93 -5.01 44.65
CA GLU C 47 51.12 -6.15 44.16
C GLU C 47 49.68 -5.88 44.51
N PRO C 48 48.75 -5.84 43.53
CA PRO C 48 47.37 -5.59 43.84
C PRO C 48 46.77 -6.77 44.59
N LEU C 49 45.73 -6.51 45.39
CA LEU C 49 45.03 -7.63 46.07
C LEU C 49 43.93 -8.13 45.13
N ARG C 50 43.92 -9.42 44.82
CA ARG C 50 42.98 -10.03 43.83
C ARG C 50 42.55 -11.41 44.33
N GLY C 51 42.24 -11.51 45.62
CA GLY C 51 41.84 -12.75 46.29
C GLY C 51 40.35 -12.99 46.19
N THR C 52 39.59 -12.26 46.98
CA THR C 52 38.14 -12.42 47.11
C THR C 52 37.47 -11.73 45.92
N PRO C 53 36.22 -12.12 45.62
CA PRO C 53 35.49 -11.40 44.56
C PRO C 53 35.44 -9.88 44.80
N GLN C 54 35.18 -9.43 46.03
CA GLN C 54 35.15 -7.99 46.27
C GLN C 54 36.48 -7.32 45.99
N GLU C 55 37.56 -7.97 46.42
CA GLU C 55 38.90 -7.46 46.16
C GLU C 55 39.13 -7.33 44.65
N ARG C 56 38.78 -8.39 43.94
CA ARG C 56 39.00 -8.41 42.46
C ARG C 56 38.25 -7.26 41.82
N LEU C 57 37.05 -6.94 42.30
CA LEU C 57 36.29 -5.86 41.72
C LEU C 57 36.88 -4.50 42.09
N PHE C 58 37.33 -4.32 43.34
CA PHE C 58 38.01 -3.06 43.64
C PHE C 58 39.25 -2.88 42.77
N TYR C 59 39.95 -3.96 42.50
CA TYR C 59 41.11 -3.90 41.56
C TYR C 59 40.66 -3.44 40.19
N ALA C 60 39.58 -3.99 39.66
CA ALA C 60 39.13 -3.63 38.32
C ALA C 60 38.80 -2.16 38.24
N ASP C 61 38.04 -1.62 39.20
CA ASP C 61 37.74 -0.20 39.22
C ASP C 61 39.01 0.61 39.36
N ALA C 62 39.91 0.19 40.25
CA ALA C 62 41.13 0.92 40.49
C ALA C 62 42.07 0.98 39.28
N LEU C 63 42.07 -0.07 38.49
CA LEU C 63 42.98 -0.18 37.35
C LEU C 63 42.60 0.89 36.33
N ALA C 64 41.28 1.09 36.11
CA ALA C 64 40.85 2.15 35.16
C ALA C 64 41.30 3.49 35.66
N MET C 65 41.12 3.75 36.96
CA MET C 65 41.49 5.08 37.47
C MET C 65 43.02 5.22 37.41
N ALA C 66 43.78 4.23 37.85
CA ALA C 66 45.25 4.35 37.92
C ALA C 66 45.78 4.58 36.51
N ASN C 67 45.28 3.85 35.54
CA ASN C 67 45.77 3.99 34.15
C ASN C 67 45.41 5.40 33.67
N ASP C 68 44.17 5.85 33.95
CA ASP C 68 43.77 7.18 33.49
C ASP C 68 44.57 8.29 34.16
N VAL C 69 44.81 8.18 35.46
CA VAL C 69 45.58 9.22 36.17
C VAL C 69 47.01 9.28 35.57
N ARG C 70 47.65 8.15 35.29
CA ARG C 70 49.03 8.17 34.74
C ARG C 70 48.96 8.81 33.35
N GLU C 71 47.90 8.56 32.58
CA GLU C 71 47.84 9.07 31.21
C GLU C 71 47.57 10.58 31.22
N ARG C 72 46.68 11.05 32.09
CA ARG C 72 46.26 12.45 32.17
C ARG C 72 47.24 13.39 32.85
N PHE C 73 47.93 12.91 33.89
CA PHE C 73 48.64 13.82 34.83
C PHE C 73 50.10 13.46 34.92
N PRO C 74 50.99 14.18 34.22
CA PRO C 74 52.41 13.91 34.29
C PRO C 74 52.97 13.80 35.73
N TRP C 75 52.51 14.65 36.62
CA TRP C 75 52.97 14.62 38.04
C TRP C 75 52.79 13.22 38.65
N ALA C 76 51.84 12.43 38.24
CA ALA C 76 51.56 11.16 38.91
C ALA C 76 52.70 10.16 38.70
N SER C 77 53.56 10.38 37.71
CA SER C 77 54.75 9.52 37.44
C SER C 77 55.97 10.17 38.08
N GLN C 78 55.86 11.37 38.63
CA GLN C 78 57.03 12.09 39.19
C GLN C 78 57.02 12.02 40.72
N VAL C 79 55.88 12.09 41.38
CA VAL C 79 55.82 12.12 42.88
C VAL C 79 56.16 10.74 43.43
N ASN C 80 56.58 10.71 44.69
CA ASN C 80 57.06 9.45 45.31
C ASN C 80 55.90 8.70 45.99
N LYS C 81 56.21 7.51 46.48
CA LYS C 81 55.21 6.62 47.09
C LYS C 81 54.48 7.36 48.21
N GLU C 82 55.19 8.00 49.12
CA GLU C 82 54.58 8.65 50.29
C GLU C 82 53.62 9.75 49.83
N GLU C 83 54.03 10.48 48.80
CA GLU C 83 53.25 11.61 48.27
C GLU C 83 51.94 11.07 47.65
N ILE C 84 52.01 9.96 46.92
CA ILE C 84 50.80 9.32 46.33
C ILE C 84 49.87 8.92 47.49
N GLU C 85 50.43 8.30 48.52
CA GLU C 85 49.59 7.85 49.64
C GLU C 85 48.89 9.02 50.29
N PHE C 86 49.61 10.12 50.50
CA PHE C 86 49.09 11.32 51.16
C PHE C 86 47.94 11.90 50.33
N LEU C 87 48.18 12.00 49.01
CA LEU C 87 47.12 12.50 48.12
C LEU C 87 45.89 11.62 48.19
N LEU C 88 46.03 10.31 48.16
CA LEU C 88 44.88 9.40 48.14
C LEU C 88 44.16 9.47 49.48
N ASP C 89 44.86 9.71 50.58
CA ASP C 89 44.19 9.88 51.87
C ASP C 89 43.32 11.14 51.85
N GLY C 90 43.84 12.23 51.27
CA GLY C 90 43.08 13.47 51.15
C GLY C 90 41.88 13.26 50.20
N LEU C 91 42.09 12.45 49.17
CA LEU C 91 40.99 12.19 48.21
C LEU C 91 39.88 11.38 48.88
N LYS C 92 40.25 10.37 49.68
CA LYS C 92 39.21 9.67 50.43
C LYS C 92 38.39 10.66 51.26
N SER C 93 39.08 11.54 51.99
CA SER C 93 38.38 12.49 52.88
C SER C 93 37.42 13.37 52.06
N ARG C 94 37.91 13.87 50.92
CA ARG C 94 37.09 14.77 50.10
C ARG C 94 35.89 14.02 49.53
N LEU C 95 36.07 12.78 49.09
CA LEU C 95 34.96 12.00 48.51
C LEU C 95 33.95 11.65 49.61
N VAL C 96 34.38 11.34 50.82
CA VAL C 96 33.43 11.10 51.89
C VAL C 96 32.67 12.39 52.18
N ASP C 97 33.36 13.55 52.17
CA ASP C 97 32.72 14.81 52.50
C ASP C 97 31.59 15.09 51.50
N VAL C 98 31.86 14.95 50.20
CA VAL C 98 30.89 15.42 49.18
C VAL C 98 29.86 14.34 48.87
N THR C 99 30.17 13.08 48.99
CA THR C 99 29.21 12.02 48.61
C THR C 99 28.44 11.48 49.83
N ILE C 100 28.91 11.81 51.05
CA ILE C 100 28.22 11.28 52.26
C ILE C 100 27.92 12.45 53.21
N THR C 101 28.93 13.06 53.80
CA THR C 101 28.69 14.02 54.90
C THR C 101 27.80 15.17 54.50
N ARG C 102 28.03 15.75 53.34
CA ARG C 102 27.29 16.96 52.91
C ARG C 102 26.35 16.62 51.74
N SER C 103 26.17 15.33 51.44
CA SER C 103 25.15 14.99 50.38
C SER C 103 23.79 15.16 51.02
N THR C 104 22.85 15.81 50.34
CA THR C 104 21.46 15.91 50.79
C THR C 104 20.62 14.78 50.18
N ASN C 105 21.22 13.77 49.57
CA ASN C 105 20.50 12.59 49.08
C ASN C 105 19.81 11.87 50.22
N ARG C 106 18.50 11.94 50.33
N ARG C 106 18.50 11.97 50.30
CA ARG C 106 17.82 11.49 51.56
CA ARG C 106 17.75 11.62 51.51
C ARG C 106 17.69 9.97 51.66
C ARG C 106 17.67 10.10 51.72
N GLU C 107 18.13 9.22 50.65
N GLU C 107 18.05 9.25 50.75
CA GLU C 107 17.98 7.76 50.69
CA GLU C 107 17.88 7.80 50.94
C GLU C 107 19.23 7.12 51.32
C GLU C 107 19.22 7.14 51.34
N LEU C 108 20.30 7.89 51.54
CA LEU C 108 21.62 7.27 51.76
C LEU C 108 21.65 6.42 53.03
N ASN C 109 20.85 6.75 54.03
CA ASN C 109 20.87 6.00 55.30
C ASN C 109 19.64 5.11 55.49
N HIS C 110 18.82 4.93 54.45
CA HIS C 110 17.72 3.98 54.59
C HIS C 110 18.21 2.55 54.82
N HIS C 111 17.78 1.92 55.91
CA HIS C 111 18.35 0.62 56.29
C HIS C 111 18.09 -0.42 55.22
N LEU C 112 16.94 -0.38 54.58
CA LEU C 112 16.59 -1.40 53.58
C LEU C 112 16.94 -0.84 52.21
N TYR C 113 17.35 -1.74 51.32
CA TYR C 113 17.60 -1.43 49.91
C TYR C 113 16.27 -1.21 49.14
N PRO D 2 -32.39 -11.21 -41.81
CA PRO D 2 -31.90 -10.44 -42.98
C PRO D 2 -30.59 -9.76 -42.68
N MET D 3 -29.92 -9.20 -43.67
CA MET D 3 -28.75 -8.36 -43.43
C MET D 3 -29.22 -7.02 -42.89
N VAL D 4 -28.40 -6.30 -42.16
CA VAL D 4 -28.84 -5.10 -41.41
C VAL D 4 -27.96 -3.88 -41.75
N LEU D 5 -28.61 -2.82 -42.18
CA LEU D 5 -27.99 -1.51 -42.29
C LEU D 5 -28.32 -0.72 -41.00
N LEU D 6 -27.35 -0.66 -40.11
CA LEU D 6 -27.55 0.11 -38.88
C LEU D 6 -27.57 1.60 -39.19
N GLU D 7 -28.26 2.42 -38.40
CA GLU D 7 -28.30 3.87 -38.59
C GLU D 7 -26.95 4.51 -38.60
N CYS D 8 -26.05 4.05 -37.72
CA CYS D 8 -24.69 4.62 -37.63
C CYS D 8 -23.84 4.28 -38.84
N ASP D 9 -24.34 3.40 -39.71
CA ASP D 9 -23.61 2.97 -40.92
C ASP D 9 -24.24 3.54 -42.21
N LYS D 10 -25.14 4.49 -42.09
CA LYS D 10 -25.78 5.05 -43.30
C LYS D 10 -24.74 5.57 -44.27
N ASP D 11 -23.61 6.09 -43.82
CA ASP D 11 -22.61 6.67 -44.74
C ASP D 11 -21.51 5.65 -45.01
N ILE D 12 -21.55 4.44 -44.44
CA ILE D 12 -20.67 3.31 -44.80
C ILE D 12 -21.54 2.10 -45.04
N PRO D 13 -22.47 2.22 -46.05
CA PRO D 13 -23.51 1.22 -46.23
C PRO D 13 -23.02 -0.18 -46.64
N GLU D 14 -21.75 -0.27 -47.04
CA GLU D 14 -21.08 -1.56 -47.31
C GLU D 14 -21.14 -2.42 -46.03
N ARG D 15 -21.28 -1.80 -44.85
CA ARG D 15 -21.34 -2.61 -43.61
C ARG D 15 -22.58 -3.52 -43.54
N GLN D 16 -23.63 -3.24 -44.35
CA GLN D 16 -24.80 -4.12 -44.32
C GLN D 16 -24.43 -5.56 -44.62
N LYS D 17 -23.46 -5.78 -45.52
CA LYS D 17 -23.04 -7.13 -45.95
C LYS D 17 -22.26 -7.85 -44.84
N HIS D 18 -21.99 -7.16 -43.74
CA HIS D 18 -21.21 -7.69 -42.60
C HIS D 18 -22.08 -7.95 -41.39
N ILE D 19 -23.38 -7.68 -41.41
CA ILE D 19 -24.24 -7.79 -40.21
C ILE D 19 -25.48 -8.58 -40.55
N TYR D 20 -25.64 -9.70 -39.91
CA TYR D 20 -26.79 -10.59 -40.13
C TYR D 20 -27.63 -10.69 -38.87
N LEU D 21 -28.93 -10.47 -39.03
CA LEU D 21 -29.93 -10.70 -38.00
C LEU D 21 -30.67 -11.97 -38.37
N LYS D 22 -30.46 -13.05 -37.63
CA LYS D 22 -31.03 -14.34 -38.01
C LYS D 22 -32.54 -14.34 -37.79
N ALA D 23 -33.31 -14.68 -38.81
CA ALA D 23 -34.77 -14.64 -38.69
C ALA D 23 -35.34 -15.98 -39.09
N PRO D 24 -36.57 -16.29 -38.62
CA PRO D 24 -37.20 -17.58 -38.92
C PRO D 24 -37.25 -17.93 -40.42
N ASN D 25 -37.03 -19.23 -40.71
CA ASN D 25 -37.20 -19.84 -42.04
C ASN D 25 -36.17 -19.37 -43.05
N GLU D 26 -35.19 -18.58 -42.66
CA GLU D 26 -34.21 -18.13 -43.69
C GLU D 26 -33.29 -19.27 -44.07
N ASP D 27 -32.85 -19.29 -45.29
CA ASP D 27 -31.75 -20.16 -45.73
C ASP D 27 -30.46 -19.39 -45.41
N THR D 28 -29.80 -19.75 -44.32
CA THR D 28 -28.64 -19.00 -43.81
C THR D 28 -27.53 -18.96 -44.85
N ARG D 29 -27.51 -19.86 -45.83
CA ARG D 29 -26.49 -19.79 -46.87
C ARG D 29 -26.59 -18.53 -47.70
N GLU D 30 -27.76 -17.86 -47.68
CA GLU D 30 -27.96 -16.61 -48.43
C GLU D 30 -27.59 -15.38 -47.65
N PHE D 31 -27.16 -15.54 -46.40
CA PHE D 31 -26.98 -14.43 -45.45
C PHE D 31 -25.66 -14.54 -44.71
N LEU D 32 -24.65 -15.12 -45.33
CA LEU D 32 -23.34 -15.27 -44.65
C LEU D 32 -22.62 -13.93 -44.69
N PRO D 33 -22.27 -13.32 -43.55
CA PRO D 33 -21.49 -12.09 -43.59
C PRO D 33 -20.22 -12.26 -44.41
N ILE D 34 -19.88 -11.19 -45.11
CA ILE D 34 -18.51 -11.04 -45.57
C ILE D 34 -17.63 -11.06 -44.34
N ALA D 35 -16.52 -11.73 -44.43
CA ALA D 35 -15.56 -11.69 -43.35
C ALA D 35 -14.16 -11.76 -43.92
N ASN D 36 -13.23 -11.31 -43.12
CA ASN D 36 -11.80 -11.36 -43.53
C ASN D 36 -11.56 -10.53 -44.80
N ALA D 37 -12.28 -9.42 -44.92
CA ALA D 37 -12.06 -8.43 -45.98
C ALA D 37 -11.38 -7.20 -45.39
N ALA D 38 -10.97 -6.24 -46.24
CA ALA D 38 -10.31 -5.03 -45.78
C ALA D 38 -11.14 -4.31 -44.74
N THR D 39 -10.42 -3.65 -43.84
CA THR D 39 -11.08 -2.76 -42.88
C THR D 39 -11.43 -1.43 -43.53
N ILE D 40 -12.49 -0.80 -43.09
CA ILE D 40 -12.79 0.59 -43.50
C ILE D 40 -12.01 1.55 -42.64
N PRO D 41 -11.17 2.44 -43.20
CA PRO D 41 -10.45 3.42 -42.39
C PRO D 41 -11.38 4.29 -41.60
N GLY D 42 -10.96 4.68 -40.41
CA GLY D 42 -11.63 5.72 -39.65
C GLY D 42 -12.84 5.23 -38.86
N THR D 43 -13.11 3.94 -38.82
CA THR D 43 -14.34 3.38 -38.23
C THR D 43 -14.24 3.12 -36.72
N LEU D 44 -13.04 3.02 -36.15
CA LEU D 44 -12.86 2.44 -34.81
C LEU D 44 -13.33 0.99 -34.83
N SER D 45 -12.93 0.27 -35.89
CA SER D 45 -12.83 -1.19 -35.90
C SER D 45 -12.04 -1.63 -34.68
N GLU D 46 -12.34 -2.82 -34.20
CA GLU D 46 -11.59 -3.44 -33.09
C GLU D 46 -10.30 -4.15 -33.53
N ARG D 47 -10.03 -4.24 -34.82
CA ARG D 47 -8.95 -5.07 -35.32
C ARG D 47 -7.58 -4.57 -34.89
N GLY D 48 -6.69 -5.54 -34.75
CA GLY D 48 -5.29 -5.34 -34.57
C GLY D 48 -4.51 -5.71 -35.84
N CYS D 49 -3.22 -5.95 -35.71
CA CYS D 49 -2.33 -6.15 -36.85
C CYS D 49 -1.84 -7.57 -36.96
N ALA D 50 -1.24 -7.89 -38.12
CA ALA D 50 -0.77 -9.26 -38.38
C ALA D 50 0.37 -9.63 -37.44
N PHE D 51 1.26 -8.71 -37.13
CA PHE D 51 2.37 -8.95 -36.20
C PHE D 51 1.80 -9.41 -34.86
N CYS D 52 0.74 -8.76 -34.40
CA CYS D 52 0.09 -9.16 -33.16
C CYS D 52 -0.26 -10.65 -33.21
N GLY D 53 -0.90 -11.09 -34.30
CA GLY D 53 -1.32 -12.49 -34.40
C GLY D 53 -0.17 -13.47 -34.33
N ALA D 54 0.99 -13.12 -34.84
CA ALA D 54 2.18 -13.98 -34.77
C ALA D 54 2.82 -13.93 -33.36
N LYS D 55 3.24 -12.76 -32.93
CA LYS D 55 4.06 -12.65 -31.68
C LYS D 55 3.20 -12.68 -30.44
N LEU D 56 2.18 -11.86 -30.34
CA LEU D 56 1.43 -11.76 -29.07
C LEU D 56 0.65 -13.03 -28.85
N VAL D 57 -0.03 -13.47 -29.90
CA VAL D 57 -1.04 -14.53 -29.72
C VAL D 57 -0.42 -15.92 -29.71
N ILE D 58 0.56 -16.23 -30.56
CA ILE D 58 1.05 -17.61 -30.72
C ILE D 58 2.47 -17.76 -30.22
N GLY D 59 3.41 -17.04 -30.80
CA GLY D 59 4.81 -17.31 -30.49
C GLY D 59 5.18 -16.91 -29.08
N GLY D 60 4.67 -15.80 -28.62
CA GLY D 60 5.01 -15.23 -27.32
C GLY D 60 4.53 -16.04 -26.14
N VAL D 61 3.73 -17.06 -26.37
CA VAL D 61 3.19 -17.95 -25.31
C VAL D 61 4.29 -18.84 -24.78
N LEU D 62 5.30 -19.16 -25.62
CA LEU D 62 6.34 -20.12 -25.29
C LEU D 62 7.15 -19.69 -24.08
N LYS D 63 7.53 -20.68 -23.25
CA LYS D 63 8.13 -20.31 -21.93
C LYS D 63 9.63 -20.10 -21.97
N ASP D 64 10.30 -20.46 -23.05
CA ASP D 64 11.77 -20.61 -23.04
C ASP D 64 12.42 -19.94 -24.25
N THR D 65 11.75 -18.95 -24.85
CA THR D 65 12.13 -18.42 -26.15
C THR D 65 12.20 -16.91 -26.11
N ILE D 66 13.29 -16.36 -26.64
CA ILE D 66 13.42 -14.91 -26.83
C ILE D 66 12.50 -14.50 -27.97
N GLN D 67 11.77 -13.40 -27.77
CA GLN D 67 10.82 -12.86 -28.75
C GLN D 67 11.43 -11.55 -29.27
N MET D 68 12.21 -11.72 -30.34
CA MET D 68 13.03 -10.63 -30.90
C MET D 68 12.23 -9.89 -31.95
N ILE D 69 11.77 -8.68 -31.63
CA ILE D 69 10.90 -7.95 -32.54
C ILE D 69 11.79 -6.97 -33.32
N HIS D 70 11.98 -7.24 -34.60
CA HIS D 70 12.86 -6.45 -35.46
C HIS D 70 12.07 -5.27 -35.96
N GLY D 71 12.31 -4.12 -35.37
CA GLY D 71 11.54 -2.91 -35.66
C GLY D 71 11.85 -1.86 -34.62
N PRO D 72 11.17 -0.73 -34.68
CA PRO D 72 11.31 0.29 -33.69
C PRO D 72 10.64 -0.21 -32.38
N LEU D 73 10.89 0.56 -31.32
CA LEU D 73 10.62 0.05 -29.95
C LEU D 73 9.15 -0.12 -29.67
N GLY D 74 8.24 0.56 -30.36
CA GLY D 74 6.82 0.54 -29.98
C GLY D 74 6.18 -0.79 -30.12
N CYS D 75 6.53 -1.54 -31.17
CA CYS D 75 5.85 -2.84 -31.39
C CYS D 75 6.15 -3.77 -30.20
N ALA D 76 7.38 -3.63 -29.66
CA ALA D 76 7.77 -4.40 -28.45
C ALA D 76 7.04 -3.92 -27.21
N TYR D 77 7.11 -2.63 -26.94
CA TYR D 77 6.41 -2.07 -25.77
C TYR D 77 4.95 -2.49 -25.77
N ASP D 78 4.34 -2.44 -26.94
CA ASP D 78 2.89 -2.61 -27.07
C ASP D 78 2.43 -4.06 -26.86
N THR D 79 3.37 -5.02 -26.90
CA THR D 79 3.06 -6.45 -26.76
C THR D 79 3.60 -7.01 -25.45
N TRP D 80 3.69 -6.19 -24.43
CA TRP D 80 4.37 -6.54 -23.17
C TRP D 80 3.49 -5.98 -22.03
N HIS D 81 3.21 -6.85 -21.06
CA HIS D 81 2.27 -6.55 -19.93
C HIS D 81 0.83 -6.53 -20.39
N THR D 82 0.47 -7.30 -21.42
CA THR D 82 -0.89 -7.25 -21.97
C THR D 82 -1.52 -8.63 -22.05
N LYS D 83 -0.85 -9.72 -21.78
CA LYS D 83 -1.38 -11.08 -21.96
C LYS D 83 -1.35 -11.83 -20.61
N ARG D 84 -2.18 -12.85 -20.48
CA ARG D 84 -2.28 -13.65 -19.26
C ARG D 84 -2.09 -15.12 -19.62
N TYR D 85 -0.88 -15.50 -19.96
CA TYR D 85 -0.52 -16.88 -20.27
C TYR D 85 0.62 -17.29 -19.36
N PRO D 86 0.28 -17.75 -18.13
CA PRO D 86 1.31 -18.20 -17.21
C PRO D 86 2.11 -19.37 -17.77
N THR D 87 3.27 -19.60 -17.13
CA THR D 87 4.04 -20.80 -17.40
C THR D 87 4.33 -21.47 -16.06
N ASP D 88 4.95 -22.62 -16.14
CA ASP D 88 5.52 -23.35 -14.98
C ASP D 88 7.01 -23.11 -14.84
N ASN D 89 7.57 -21.99 -15.34
CA ASN D 89 8.99 -21.63 -15.16
C ASN D 89 9.10 -20.18 -14.68
N GLY D 90 8.08 -19.63 -14.05
CA GLY D 90 8.21 -18.25 -13.50
C GLY D 90 7.80 -17.20 -14.52
N HIS D 91 7.09 -17.56 -15.56
CA HIS D 91 6.44 -16.56 -16.43
C HIS D 91 7.47 -15.76 -17.22
N PHE D 92 8.53 -16.42 -17.66
CA PHE D 92 9.58 -15.78 -18.51
C PHE D 92 8.93 -15.04 -19.67
N ASN D 93 7.96 -15.67 -20.31
CA ASN D 93 7.25 -15.10 -21.46
C ASN D 93 6.59 -13.76 -21.18
N MET D 94 6.11 -13.53 -19.98
CA MET D 94 5.42 -12.27 -19.64
C MET D 94 6.38 -11.24 -19.09
N LYS D 95 7.53 -11.68 -18.57
CA LYS D 95 8.45 -10.72 -17.93
C LYS D 95 9.26 -9.91 -18.94
N TYR D 96 9.47 -10.42 -20.14
CA TYR D 96 10.44 -9.81 -21.06
C TYR D 96 9.85 -9.61 -22.46
N VAL D 97 10.38 -8.58 -23.11
CA VAL D 97 10.19 -8.35 -24.53
C VAL D 97 11.50 -7.75 -25.08
N TRP D 98 11.74 -8.00 -26.35
CA TRP D 98 13.02 -7.62 -26.99
C TRP D 98 12.75 -6.85 -28.29
N SER D 99 13.52 -5.77 -28.51
CA SER D 99 13.43 -4.96 -29.70
C SER D 99 14.82 -4.77 -30.28
N THR D 100 14.91 -4.63 -31.60
CA THR D 100 16.13 -4.18 -32.24
C THR D 100 16.29 -2.68 -32.20
N ASP D 101 15.33 -1.94 -31.68
CA ASP D 101 15.43 -0.49 -31.50
C ASP D 101 15.84 0.17 -32.79
N MET D 102 15.02 0.00 -33.81
N MET D 102 15.25 -0.27 -33.92
CA MET D 102 15.35 0.58 -35.12
CA MET D 102 15.54 0.35 -35.25
C MET D 102 15.42 2.09 -35.05
C MET D 102 15.46 1.87 -35.16
N LYS D 103 16.45 2.60 -35.73
CA LYS D 103 16.58 4.05 -35.83
C LYS D 103 16.54 4.47 -37.30
N GLU D 104 16.61 5.79 -37.53
CA GLU D 104 16.50 6.27 -38.92
C GLU D 104 17.63 5.71 -39.77
N SER D 105 18.85 5.62 -39.24
N SER D 105 18.85 5.62 -39.23
CA SER D 105 19.95 5.11 -40.06
CA SER D 105 19.99 5.14 -40.03
C SER D 105 19.62 3.74 -40.61
C SER D 105 19.71 3.73 -40.55
N HIS D 106 18.99 2.90 -39.78
CA HIS D 106 18.64 1.55 -40.22
C HIS D 106 17.57 1.55 -41.29
N VAL D 107 16.62 2.47 -41.19
CA VAL D 107 15.66 2.63 -42.31
C VAL D 107 16.36 2.98 -43.61
N VAL D 108 17.32 3.87 -43.53
CA VAL D 108 17.98 4.33 -44.76
C VAL D 108 18.99 3.35 -45.32
N PHE D 109 19.81 2.74 -44.45
CA PHE D 109 20.95 1.93 -44.88
C PHE D 109 20.75 0.45 -44.61
N GLY D 110 19.67 0.05 -43.91
CA GLY D 110 19.36 -1.35 -43.65
C GLY D 110 19.54 -1.71 -42.19
N GLY D 111 18.74 -2.66 -41.75
CA GLY D 111 18.71 -3.08 -40.34
C GLY D 111 19.28 -4.45 -40.08
N GLU D 112 19.90 -5.11 -41.03
CA GLU D 112 20.31 -6.49 -40.80
C GLU D 112 21.43 -6.58 -39.75
N LYS D 113 22.40 -5.67 -39.74
CA LYS D 113 23.48 -5.73 -38.77
C LYS D 113 22.91 -5.38 -37.41
N ARG D 114 21.98 -4.46 -37.33
CA ARG D 114 21.33 -4.05 -36.08
C ARG D 114 20.58 -5.28 -35.49
N LEU D 115 19.90 -6.04 -36.32
CA LEU D 115 19.25 -7.26 -35.85
C LEU D 115 20.31 -8.23 -35.36
N GLU D 116 21.35 -8.48 -36.15
CA GLU D 116 22.36 -9.46 -35.80
C GLU D 116 22.98 -9.12 -34.45
N LYS D 117 23.33 -7.86 -34.24
CA LYS D 117 23.93 -7.43 -32.96
C LYS D 117 22.92 -7.64 -31.82
N SER D 118 21.68 -7.28 -32.01
CA SER D 118 20.64 -7.42 -30.97
C SER D 118 20.47 -8.90 -30.62
N MET D 119 20.54 -9.78 -31.60
CA MET D 119 20.35 -11.21 -31.31
C MET D 119 21.52 -11.73 -30.47
N HIS D 120 22.75 -11.37 -30.82
CA HIS D 120 23.89 -11.80 -30.00
C HIS D 120 23.80 -11.20 -28.61
N GLU D 121 23.37 -9.94 -28.47
CA GLU D 121 23.23 -9.35 -27.14
C GLU D 121 22.20 -10.12 -26.32
N ALA D 122 21.08 -10.49 -26.92
CA ALA D 122 20.02 -11.17 -26.18
C ALA D 122 20.52 -12.52 -25.66
N PHE D 123 21.20 -13.25 -26.51
CA PHE D 123 21.75 -14.55 -26.11
C PHE D 123 22.88 -14.39 -25.08
N ASP D 124 23.66 -13.31 -25.16
CA ASP D 124 24.72 -13.07 -24.18
C ASP D 124 24.14 -12.64 -22.85
N GLU D 125 23.06 -11.89 -22.83
CA GLU D 125 22.49 -11.37 -21.56
C GLU D 125 21.82 -12.50 -20.79
N MET D 126 21.31 -13.50 -21.50
CA MET D 126 20.57 -14.63 -20.86
C MET D 126 21.14 -15.94 -21.39
N PRO D 127 22.33 -16.38 -20.90
CA PRO D 127 23.01 -17.53 -21.46
C PRO D 127 22.26 -18.85 -21.35
N ASP D 128 21.28 -18.94 -20.47
N ASP D 128 21.29 -18.88 -20.46
CA ASP D 128 20.54 -20.21 -20.37
CA ASP D 128 20.44 -20.07 -20.24
C ASP D 128 19.33 -20.24 -21.32
C ASP D 128 19.43 -20.26 -21.39
N ILE D 129 19.11 -19.20 -22.12
CA ILE D 129 18.02 -19.22 -23.10
C ILE D 129 18.69 -19.46 -24.47
N LYS D 130 18.22 -20.47 -25.20
CA LYS D 130 18.91 -20.95 -26.40
C LYS D 130 18.02 -20.93 -27.61
N ARG D 131 16.83 -20.33 -27.52
CA ARG D 131 15.81 -20.39 -28.59
C ARG D 131 15.31 -18.98 -28.77
N MET D 132 14.96 -18.65 -30.03
CA MET D 132 14.49 -17.29 -30.36
C MET D 132 13.58 -17.36 -31.58
N ILE D 133 12.57 -16.51 -31.56
CA ILE D 133 11.77 -16.20 -32.75
C ILE D 133 12.03 -14.73 -33.08
N VAL D 134 12.35 -14.47 -34.34
CA VAL D 134 12.51 -13.10 -34.85
C VAL D 134 11.33 -12.77 -35.71
N TYR D 135 10.71 -11.64 -35.45
CA TYR D 135 9.51 -11.16 -36.18
C TYR D 135 9.89 -9.87 -36.91
N THR D 136 9.46 -9.74 -38.17
CA THR D 136 9.48 -8.41 -38.79
C THR D 136 8.27 -7.60 -38.33
N THR D 137 8.36 -6.31 -38.54
CA THR D 137 7.32 -5.34 -38.26
C THR D 137 7.19 -4.45 -39.50
N CYS D 138 6.26 -3.50 -39.48
CA CYS D 138 6.03 -2.66 -40.67
C CYS D 138 7.33 -2.20 -41.35
N PRO D 139 8.23 -1.47 -40.66
CA PRO D 139 9.31 -0.82 -41.44
C PRO D 139 10.40 -1.80 -41.86
N THR D 140 10.67 -2.87 -41.07
CA THR D 140 11.71 -3.81 -41.49
C THR D 140 11.23 -4.64 -42.67
N ALA D 141 9.93 -4.89 -42.77
CA ALA D 141 9.39 -5.47 -44.00
C ALA D 141 9.59 -4.50 -45.15
N LEU D 142 9.19 -3.25 -44.97
CA LEU D 142 9.26 -2.30 -46.10
C LEU D 142 10.66 -2.13 -46.65
N ILE D 143 11.67 -2.14 -45.82
CA ILE D 143 13.04 -1.94 -46.31
C ILE D 143 13.67 -3.24 -46.77
N GLY D 144 13.01 -4.39 -46.63
CA GLY D 144 13.54 -5.63 -47.21
C GLY D 144 14.67 -6.27 -46.46
N ASP D 145 14.77 -6.06 -45.15
CA ASP D 145 15.81 -6.78 -44.39
C ASP D 145 15.54 -8.29 -44.48
N ASP D 146 16.57 -9.06 -44.70
CA ASP D 146 16.49 -10.53 -44.88
C ASP D 146 16.76 -11.19 -43.50
N ILE D 147 15.72 -11.31 -42.71
CA ILE D 147 15.93 -11.82 -41.33
C ILE D 147 16.26 -13.31 -41.37
N LYS D 148 15.80 -14.06 -42.38
CA LYS D 148 16.19 -15.50 -42.46
C LYS D 148 17.70 -15.60 -42.65
N ALA D 149 18.28 -14.75 -43.52
CA ALA D 149 19.73 -14.82 -43.73
C ALA D 149 20.44 -14.45 -42.43
N VAL D 150 19.97 -13.43 -41.73
CA VAL D 150 20.61 -13.04 -40.46
C VAL D 150 20.50 -14.20 -39.47
N ALA D 151 19.36 -14.80 -39.35
CA ALA D 151 19.17 -15.93 -38.41
C ALA D 151 20.09 -17.09 -38.72
N LYS D 152 20.26 -17.36 -40.00
N LYS D 152 20.27 -17.39 -39.99
CA LYS D 152 21.16 -18.46 -40.44
CA LYS D 152 21.19 -18.49 -40.38
C LYS D 152 22.59 -18.14 -40.02
C LYS D 152 22.62 -18.14 -39.98
N LYS D 153 23.03 -16.89 -40.15
CA LYS D 153 24.39 -16.49 -39.76
C LYS D 153 24.56 -16.57 -38.25
N VAL D 154 23.58 -16.14 -37.50
CA VAL D 154 23.67 -16.22 -36.02
C VAL D 154 23.75 -17.68 -35.61
N MET D 155 22.95 -18.55 -36.20
CA MET D 155 22.97 -19.99 -35.87
CA MET D 155 23.03 -19.95 -35.80
C MET D 155 24.38 -20.56 -36.21
N LYS D 156 24.99 -20.13 -37.29
CA LYS D 156 26.32 -20.64 -37.64
C LYS D 156 27.29 -20.21 -36.55
N ASP D 157 27.23 -18.97 -36.12
CA ASP D 157 28.17 -18.38 -35.13
C ASP D 157 27.88 -18.83 -33.71
N ARG D 158 26.70 -19.34 -33.42
CA ARG D 158 26.27 -19.72 -32.08
C ARG D 158 25.63 -21.11 -32.18
N PRO D 159 26.44 -22.17 -32.21
CA PRO D 159 25.92 -23.53 -32.41
C PRO D 159 24.96 -24.00 -31.30
N ASP D 160 24.96 -23.30 -30.19
CA ASP D 160 24.07 -23.59 -29.06
C ASP D 160 22.62 -23.16 -29.30
N VAL D 161 22.33 -22.31 -30.28
CA VAL D 161 21.00 -21.73 -30.40
C VAL D 161 20.25 -22.25 -31.59
N ASP D 162 18.92 -22.03 -31.55
CA ASP D 162 18.05 -22.29 -32.73
C ASP D 162 17.11 -21.09 -32.85
N VAL D 163 16.98 -20.60 -34.08
CA VAL D 163 16.19 -19.40 -34.37
C VAL D 163 15.15 -19.70 -35.44
N PHE D 164 13.95 -19.19 -35.24
CA PHE D 164 12.84 -19.24 -36.21
C PHE D 164 12.50 -17.82 -36.61
N THR D 165 12.18 -17.62 -37.88
CA THR D 165 11.83 -16.26 -38.34
C THR D 165 10.40 -16.22 -38.90
N VAL D 166 9.76 -15.08 -38.71
CA VAL D 166 8.38 -14.80 -39.17
C VAL D 166 8.39 -13.44 -39.87
N GLU D 167 7.94 -13.44 -41.11
CA GLU D 167 7.78 -12.19 -41.89
CA GLU D 167 7.78 -12.19 -41.88
C GLU D 167 6.30 -11.79 -41.79
N CYS D 168 5.98 -10.87 -40.87
N CYS D 168 5.96 -10.87 -40.99
CA CYS D 168 4.60 -10.51 -40.35
CA CYS D 168 4.55 -10.61 -41.09
C CYS D 168 4.46 -9.02 -40.10
C CYS D 168 4.37 -9.27 -40.38
N PRO D 169 4.68 -8.16 -41.12
CA PRO D 169 4.45 -6.79 -40.77
C PRO D 169 2.97 -6.54 -40.49
N GLY D 170 2.69 -5.49 -39.75
CA GLY D 170 1.33 -5.22 -39.32
C GLY D 170 0.37 -5.01 -40.44
N PHE D 171 0.81 -4.41 -41.52
CA PHE D 171 -0.07 -4.16 -42.69
C PHE D 171 -0.32 -5.38 -43.53
N SER D 172 0.29 -6.51 -43.24
CA SER D 172 -0.03 -7.75 -43.97
C SER D 172 -1.47 -8.15 -43.69
N GLY D 173 -2.15 -8.77 -44.67
CA GLY D 173 -3.55 -9.12 -44.41
C GLY D 173 -4.36 -7.90 -44.02
N VAL D 174 -5.33 -8.17 -43.15
CA VAL D 174 -6.32 -7.18 -42.72
C VAL D 174 -6.48 -7.10 -41.22
N SER D 175 -5.73 -7.93 -40.48
CA SER D 175 -6.03 -8.20 -39.07
C SER D 175 -4.94 -9.11 -38.54
N GLN D 176 -5.14 -9.55 -37.29
CA GLN D 176 -4.27 -10.56 -36.67
C GLN D 176 -4.22 -11.86 -37.45
N SER D 177 -5.27 -12.16 -38.23
CA SER D 177 -5.37 -13.52 -38.83
C SER D 177 -4.14 -13.86 -39.68
N LYS D 178 -3.68 -12.92 -40.50
CA LYS D 178 -2.56 -13.27 -41.39
C LYS D 178 -1.30 -13.65 -40.63
N GLY D 179 -1.11 -13.09 -39.43
CA GLY D 179 0.03 -13.49 -38.61
C GLY D 179 -0.08 -14.92 -38.15
N HIS D 180 -1.29 -15.39 -37.87
CA HIS D 180 -1.47 -16.79 -37.54
C HIS D 180 -0.99 -17.63 -38.71
N HIS D 181 -1.46 -17.30 -39.90
CA HIS D 181 -1.18 -18.13 -41.08
C HIS D 181 0.32 -18.20 -41.35
N VAL D 182 0.98 -17.05 -41.40
N VAL D 182 1.02 -17.06 -41.42
CA VAL D 182 2.40 -17.05 -41.74
CA VAL D 182 2.45 -17.13 -41.78
C VAL D 182 3.18 -17.86 -40.71
C VAL D 182 3.27 -17.80 -40.70
N LEU D 183 2.89 -17.66 -39.44
CA LEU D 183 3.62 -18.41 -38.38
C LEU D 183 3.36 -19.90 -38.52
N ASN D 184 2.12 -20.31 -38.70
CA ASN D 184 1.81 -21.75 -38.77
C ASN D 184 2.59 -22.38 -39.91
N ILE D 185 2.49 -21.79 -41.09
CA ILE D 185 3.06 -22.40 -42.30
C ILE D 185 4.59 -22.36 -42.18
N GLY D 186 5.15 -21.26 -41.74
CA GLY D 186 6.62 -21.26 -41.60
C GLY D 186 7.08 -22.31 -40.58
N TRP D 187 6.34 -22.48 -39.49
CA TRP D 187 6.77 -23.43 -38.44
C TRP D 187 6.77 -24.87 -39.03
N ILE D 188 5.71 -25.25 -39.69
CA ILE D 188 5.69 -26.63 -40.23
C ILE D 188 6.74 -26.80 -41.36
N ASN D 189 6.99 -25.76 -42.15
CA ASN D 189 7.96 -25.88 -43.22
C ASN D 189 9.40 -25.93 -42.72
N GLU D 190 9.68 -25.22 -41.65
CA GLU D 190 11.09 -25.01 -41.24
C GLU D 190 11.46 -25.81 -40.01
N LYS D 191 10.56 -26.04 -39.06
CA LYS D 191 10.95 -26.56 -37.74
C LYS D 191 10.33 -27.90 -37.38
N VAL D 192 9.14 -28.22 -37.85
CA VAL D 192 8.61 -29.55 -37.56
C VAL D 192 9.54 -30.57 -38.18
N GLU D 193 9.75 -31.69 -37.48
CA GLU D 193 10.57 -32.80 -37.99
C GLU D 193 12.07 -32.43 -37.92
N THR D 194 12.46 -31.49 -37.08
CA THR D 194 13.86 -31.19 -36.86
C THR D 194 14.34 -31.69 -35.51
N MET D 195 13.50 -32.34 -34.75
CA MET D 195 13.88 -32.99 -33.47
C MET D 195 12.87 -34.12 -33.22
N GLU D 196 13.20 -35.03 -32.35
CA GLU D 196 12.28 -36.06 -31.82
C GLU D 196 12.45 -36.10 -30.31
N LYS D 197 11.42 -36.58 -29.68
CA LYS D 197 11.40 -36.85 -28.23
C LYS D 197 11.02 -38.31 -27.99
N GLU D 198 11.33 -38.74 -26.79
CA GLU D 198 10.91 -40.07 -26.30
C GLU D 198 9.40 -40.13 -26.22
N ILE D 199 8.87 -41.23 -26.75
CA ILE D 199 7.46 -41.59 -26.66
C ILE D 199 7.27 -42.50 -25.45
N THR D 200 6.44 -42.09 -24.50
CA THR D 200 6.29 -42.73 -23.20
C THR D 200 4.90 -43.29 -22.97
N SER D 201 4.03 -43.27 -23.96
CA SER D 201 2.67 -43.78 -23.89
C SER D 201 2.35 -44.49 -25.20
N GLU D 202 1.42 -45.44 -25.14
CA GLU D 202 0.77 -46.01 -26.33
C GLU D 202 -0.14 -44.97 -27.03
N TYR D 203 -0.52 -43.92 -26.32
CA TYR D 203 -1.50 -42.93 -26.75
C TYR D 203 -0.81 -41.56 -26.81
N THR D 204 -0.72 -40.97 -28.00
CA THR D 204 -0.03 -39.65 -28.14
C THR D 204 -0.86 -38.69 -28.96
N MET D 205 -0.77 -37.41 -28.58
CA MET D 205 -1.48 -36.37 -29.33
C MET D 205 -0.71 -35.08 -29.25
N ASN D 206 -1.02 -34.18 -30.19
CA ASN D 206 -0.77 -32.76 -30.01
C ASN D 206 -2.05 -32.08 -29.63
N PHE D 207 -1.98 -31.01 -28.80
CA PHE D 207 -3.17 -30.19 -28.55
C PHE D 207 -2.90 -28.85 -29.26
N ILE D 208 -3.69 -28.59 -30.30
CA ILE D 208 -3.40 -27.49 -31.22
C ILE D 208 -4.42 -26.41 -31.06
N GLY D 209 -3.92 -25.17 -30.87
CA GLY D 209 -4.80 -24.02 -30.74
C GLY D 209 -5.33 -23.81 -29.33
N ASP D 210 -4.46 -23.74 -28.37
CA ASP D 210 -4.78 -23.42 -26.98
C ASP D 210 -3.54 -22.69 -26.44
N PHE D 211 -3.74 -21.51 -25.88
CA PHE D 211 -2.65 -20.58 -25.52
C PHE D 211 -2.52 -20.36 -24.02
N ASN D 212 -3.09 -21.28 -23.21
CA ASN D 212 -2.92 -21.29 -21.76
C ASN D 212 -3.39 -20.02 -21.09
N ILE D 213 -4.50 -19.44 -21.53
CA ILE D 213 -5.00 -18.24 -20.89
C ILE D 213 -5.39 -18.60 -19.46
N GLN D 214 -4.84 -17.86 -18.49
CA GLN D 214 -5.02 -18.12 -17.05
C GLN D 214 -4.87 -19.61 -16.71
N GLY D 215 -3.99 -20.32 -17.37
CA GLY D 215 -3.76 -21.71 -16.99
C GLY D 215 -4.70 -22.74 -17.60
N ASP D 216 -5.47 -22.38 -18.63
CA ASP D 216 -6.34 -23.36 -19.33
C ASP D 216 -5.60 -24.65 -19.70
N THR D 217 -4.40 -24.52 -20.28
CA THR D 217 -3.68 -25.69 -20.80
C THR D 217 -3.29 -26.60 -19.65
N GLN D 218 -2.84 -26.03 -18.57
CA GLN D 218 -2.42 -26.76 -17.40
C GLN D 218 -3.61 -27.47 -16.75
N LEU D 219 -4.79 -26.88 -16.80
CA LEU D 219 -6.01 -27.54 -16.31
C LEU D 219 -6.31 -28.73 -17.21
N LEU D 220 -6.33 -28.54 -18.52
CA LEU D 220 -6.62 -29.65 -19.43
C LEU D 220 -5.58 -30.74 -19.29
N GLN D 221 -4.33 -30.41 -19.00
CA GLN D 221 -3.27 -31.43 -18.87
C GLN D 221 -3.60 -32.38 -17.73
N THR D 222 -4.32 -31.94 -16.71
CA THR D 222 -4.69 -32.87 -15.63
C THR D 222 -5.56 -33.97 -16.21
N TYR D 223 -6.38 -33.69 -17.22
CA TYR D 223 -7.14 -34.75 -17.90
C TYR D 223 -6.22 -35.72 -18.65
N TRP D 224 -5.31 -35.19 -19.44
CA TRP D 224 -4.50 -36.07 -20.27
C TRP D 224 -3.61 -36.95 -19.36
N ASP D 225 -3.07 -36.39 -18.30
CA ASP D 225 -2.27 -37.18 -17.36
C ASP D 225 -3.15 -38.29 -16.74
N ARG D 226 -4.36 -37.96 -16.35
CA ARG D 226 -5.24 -38.98 -15.74
C ARG D 226 -5.51 -40.10 -16.73
N LEU D 227 -5.70 -39.75 -17.98
CA LEU D 227 -6.05 -40.73 -19.03
C LEU D 227 -4.82 -41.48 -19.57
N GLY D 228 -3.62 -41.10 -19.19
CA GLY D 228 -2.40 -41.73 -19.68
C GLY D 228 -2.08 -41.40 -21.10
N ILE D 229 -2.44 -40.21 -21.55
CA ILE D 229 -2.15 -39.75 -22.92
C ILE D 229 -0.96 -38.81 -22.88
N GLN D 230 0.06 -39.12 -23.64
CA GLN D 230 1.21 -38.20 -23.77
C GLN D 230 0.88 -37.08 -24.76
N VAL D 231 1.07 -35.86 -24.34
CA VAL D 231 0.98 -34.70 -25.30
C VAL D 231 2.38 -34.46 -25.83
N VAL D 232 2.59 -34.73 -27.11
CA VAL D 232 3.89 -34.46 -27.75
C VAL D 232 4.16 -32.97 -27.74
N ALA D 233 3.20 -32.19 -28.21
CA ALA D 233 3.35 -30.74 -28.15
C ALA D 233 2.00 -30.09 -27.93
N HIS D 234 2.04 -29.02 -27.15
CA HIS D 234 0.96 -28.04 -27.07
C HIS D 234 1.32 -26.87 -28.00
N PHE D 235 0.39 -26.50 -28.86
CA PHE D 235 0.56 -25.37 -29.78
C PHE D 235 -0.35 -24.27 -29.29
N THR D 236 0.13 -23.33 -28.46
CA THR D 236 1.46 -23.22 -27.87
C THR D 236 1.43 -23.06 -26.35
N GLY D 237 0.27 -23.24 -25.73
CA GLY D 237 0.09 -23.00 -24.28
C GLY D 237 1.10 -23.73 -23.41
N ASN D 238 1.76 -22.96 -22.54
CA ASN D 238 2.78 -23.47 -21.61
C ASN D 238 3.79 -24.34 -22.35
N GLY D 239 4.09 -23.99 -23.61
CA GLY D 239 4.91 -24.82 -24.48
C GLY D 239 6.36 -24.45 -24.48
N THR D 240 7.14 -25.28 -25.14
CA THR D 240 8.56 -25.02 -25.41
C THR D 240 8.79 -25.04 -26.90
N TYR D 241 9.80 -24.28 -27.31
CA TYR D 241 10.23 -24.29 -28.71
C TYR D 241 10.48 -25.70 -29.22
N ASP D 242 11.30 -26.46 -28.44
CA ASP D 242 11.73 -27.78 -28.94
C ASP D 242 10.57 -28.76 -28.98
N ASP D 243 9.64 -28.69 -28.07
CA ASP D 243 8.47 -29.61 -28.15
C ASP D 243 7.79 -29.43 -29.50
N LEU D 244 7.68 -28.18 -29.95
CA LEU D 244 6.99 -27.89 -31.23
C LEU D 244 7.72 -28.47 -32.44
N ARG D 245 9.01 -28.76 -32.30
CA ARG D 245 9.79 -29.38 -33.37
C ARG D 245 9.42 -30.85 -33.58
N CYS D 246 8.72 -31.42 -32.62
CA CYS D 246 8.43 -32.86 -32.53
C CYS D 246 7.02 -33.21 -33.00
N MET D 247 6.25 -32.24 -33.50
CA MET D 247 4.80 -32.42 -33.69
C MET D 247 4.45 -33.58 -34.63
N HIS D 248 5.36 -33.89 -35.56
CA HIS D 248 5.10 -34.97 -36.52
C HIS D 248 4.99 -36.34 -35.82
N GLN D 249 5.42 -36.48 -34.59
CA GLN D 249 5.42 -37.78 -33.91
C GLN D 249 4.05 -38.16 -33.39
N ALA D 250 3.11 -37.22 -33.23
CA ALA D 250 1.85 -37.54 -32.55
C ALA D 250 0.96 -38.45 -33.38
N GLN D 251 0.11 -39.22 -32.71
CA GLN D 251 -0.89 -40.05 -33.39
C GLN D 251 -2.13 -39.25 -33.77
N LEU D 252 -2.43 -38.16 -33.03
CA LEU D 252 -3.74 -37.44 -33.12
C LEU D 252 -3.45 -35.96 -32.94
N ASN D 253 -4.11 -35.09 -33.70
CA ASN D 253 -4.14 -33.66 -33.43
C ASN D 253 -5.51 -33.27 -32.95
N VAL D 254 -5.59 -32.79 -31.70
CA VAL D 254 -6.82 -32.26 -31.16
C VAL D 254 -6.79 -30.75 -31.29
N VAL D 255 -7.76 -30.19 -31.95
CA VAL D 255 -7.84 -28.74 -32.28
C VAL D 255 -8.92 -28.11 -31.45
N ASN D 256 -8.60 -26.99 -30.78
CA ASN D 256 -9.62 -26.12 -30.21
C ASN D 256 -9.75 -24.86 -31.08
N CYS D 257 -8.68 -24.08 -31.16
CA CYS D 257 -8.75 -22.85 -32.00
C CYS D 257 -8.45 -23.17 -33.44
N ALA D 258 -9.51 -23.51 -34.17
CA ALA D 258 -9.41 -23.87 -35.59
C ALA D 258 -9.06 -22.63 -36.44
N ARG D 259 -9.27 -21.44 -35.93
CA ARG D 259 -8.97 -20.19 -36.66
C ARG D 259 -7.47 -19.97 -36.69
N SER D 260 -6.85 -19.86 -35.51
CA SER D 260 -5.42 -19.52 -35.46
C SER D 260 -4.53 -20.66 -35.86
N SER D 261 -4.99 -21.90 -35.66
CA SER D 261 -4.09 -23.05 -35.65
C SER D 261 -4.59 -24.22 -36.49
N GLY D 262 -5.73 -24.05 -37.18
CA GLY D 262 -6.18 -25.04 -38.13
C GLY D 262 -5.14 -25.27 -39.22
N TYR D 263 -4.43 -24.22 -39.63
CA TYR D 263 -3.44 -24.32 -40.72
C TYR D 263 -2.47 -25.45 -40.46
N ILE D 264 -1.85 -25.43 -39.28
CA ILE D 264 -0.80 -26.43 -39.00
C ILE D 264 -1.43 -27.81 -38.84
N ALA D 265 -2.62 -27.90 -38.25
CA ALA D 265 -3.29 -29.23 -38.18
C ALA D 265 -3.54 -29.77 -39.60
N ASN D 266 -3.97 -28.92 -40.50
CA ASN D 266 -4.24 -29.33 -41.89
C ASN D 266 -2.97 -29.84 -42.55
N GLU D 267 -1.88 -29.10 -42.38
CA GLU D 267 -0.61 -29.51 -42.99
C GLU D 267 -0.03 -30.75 -42.32
N LEU D 268 -0.21 -30.91 -41.01
CA LEU D 268 0.27 -32.12 -40.35
C LEU D 268 -0.52 -33.35 -40.83
N LYS D 269 -1.79 -33.18 -41.10
CA LYS D 269 -2.57 -34.30 -41.65
C LYS D 269 -2.06 -34.62 -43.05
N LYS D 270 -1.89 -33.61 -43.89
CA LYS D 270 -1.47 -33.81 -45.26
C LYS D 270 -0.11 -34.49 -45.31
N ARG D 271 0.83 -34.03 -44.51
CA ARG D 271 2.25 -34.47 -44.64
C ARG D 271 2.55 -35.75 -43.87
N TYR D 272 1.89 -35.98 -42.74
CA TYR D 272 2.23 -37.06 -41.80
C TYR D 272 1.06 -38.01 -41.60
N GLY D 273 -0.13 -37.69 -42.09
CA GLY D 273 -1.28 -38.59 -41.91
C GLY D 273 -1.92 -38.49 -40.55
N ILE D 274 -1.61 -37.44 -39.77
CA ILE D 274 -2.14 -37.32 -38.41
C ILE D 274 -3.54 -36.77 -38.50
N PRO D 275 -4.56 -37.49 -38.05
CA PRO D 275 -5.92 -36.97 -38.13
C PRO D 275 -6.11 -35.68 -37.32
N ARG D 276 -7.00 -34.84 -37.83
CA ARG D 276 -7.44 -33.61 -37.15
C ARG D 276 -8.79 -33.85 -36.51
N LEU D 277 -8.87 -33.71 -35.19
CA LEU D 277 -10.11 -33.79 -34.42
C LEU D 277 -10.42 -32.42 -33.84
N ASP D 278 -11.52 -31.83 -34.28
CA ASP D 278 -11.96 -30.55 -33.71
C ASP D 278 -12.86 -30.81 -32.51
N ILE D 279 -12.58 -30.11 -31.41
CA ILE D 279 -13.39 -30.18 -30.19
C ILE D 279 -13.77 -28.75 -29.77
N ASP D 280 -14.53 -28.72 -28.68
CA ASP D 280 -14.76 -27.49 -27.92
C ASP D 280 -14.24 -27.78 -26.51
N SER D 281 -13.18 -27.11 -26.11
CA SER D 281 -12.62 -27.27 -24.77
C SER D 281 -13.11 -26.19 -23.80
N TRP D 282 -14.02 -25.32 -24.27
CA TRP D 282 -14.93 -24.56 -23.40
C TRP D 282 -16.28 -25.20 -23.49
N GLY D 283 -16.99 -25.20 -22.37
CA GLY D 283 -18.33 -25.72 -22.27
C GLY D 283 -18.31 -27.05 -21.52
N PHE D 284 -19.26 -27.20 -20.59
CA PHE D 284 -19.25 -28.36 -19.68
C PHE D 284 -19.60 -29.64 -20.47
N ASN D 285 -20.78 -29.63 -21.09
CA ASN D 285 -21.13 -30.84 -21.87
C ASN D 285 -20.25 -30.97 -23.12
N TYR D 286 -19.74 -29.87 -23.66
CA TYR D 286 -18.79 -29.96 -24.75
C TYR D 286 -17.51 -30.67 -24.34
N MET D 287 -16.99 -30.38 -23.13
CA MET D 287 -15.74 -30.98 -22.67
C MET D 287 -15.93 -32.50 -22.63
N ALA D 288 -17.08 -32.93 -22.12
CA ALA D 288 -17.35 -34.38 -22.06
C ALA D 288 -17.34 -35.02 -23.43
N GLU D 289 -17.99 -34.39 -24.40
CA GLU D 289 -17.96 -34.90 -25.76
C GLU D 289 -16.53 -35.01 -26.27
N GLY D 290 -15.73 -34.00 -26.02
CA GLY D 290 -14.33 -33.99 -26.48
C GLY D 290 -13.55 -35.15 -25.89
N ILE D 291 -13.66 -35.31 -24.57
CA ILE D 291 -12.93 -36.40 -23.90
C ILE D 291 -13.43 -37.77 -24.48
N ARG D 292 -14.74 -37.89 -24.68
CA ARG D 292 -15.24 -39.17 -25.22
C ARG D 292 -14.70 -39.42 -26.62
N LYS D 293 -14.56 -38.39 -27.46
CA LYS D 293 -14.00 -38.62 -28.79
C LYS D 293 -12.53 -39.02 -28.69
N ILE D 294 -11.73 -38.31 -27.90
CA ILE D 294 -10.30 -38.65 -27.74
C ILE D 294 -10.21 -40.10 -27.28
N CYS D 295 -10.99 -40.45 -26.26
CA CYS D 295 -10.92 -41.81 -25.68
C CYS D 295 -11.41 -42.86 -26.68
N ALA D 296 -12.39 -42.54 -27.51
CA ALA D 296 -12.83 -43.49 -28.53
C ALA D 296 -11.78 -43.68 -29.60
N PHE D 297 -11.09 -42.63 -29.97
CA PHE D 297 -9.98 -42.74 -30.93
C PHE D 297 -8.91 -43.69 -30.40
N PHE D 298 -8.57 -43.56 -29.12
CA PHE D 298 -7.45 -44.34 -28.52
C PHE D 298 -7.92 -45.71 -28.02
N GLY D 299 -9.21 -45.94 -27.89
CA GLY D 299 -9.68 -47.22 -27.31
C GLY D 299 -9.58 -47.29 -25.80
N ILE D 300 -9.71 -46.17 -25.10
CA ILE D 300 -9.67 -46.05 -23.62
C ILE D 300 -11.00 -45.44 -23.15
N GLU D 301 -12.09 -45.93 -23.71
CA GLU D 301 -13.45 -45.38 -23.38
C GLU D 301 -13.74 -45.42 -21.88
N GLU D 302 -13.46 -46.53 -21.19
CA GLU D 302 -13.76 -46.65 -19.75
C GLU D 302 -13.00 -45.60 -18.93
N LYS D 303 -11.74 -45.35 -19.26
CA LYS D 303 -10.97 -44.33 -18.51
C LYS D 303 -11.65 -42.98 -18.70
N GLY D 304 -12.11 -42.70 -19.91
CA GLY D 304 -12.81 -41.45 -20.16
C GLY D 304 -14.09 -41.34 -19.35
N GLU D 305 -14.85 -42.45 -19.25
CA GLU D 305 -16.10 -42.41 -18.48
C GLU D 305 -15.84 -42.21 -16.98
N GLU D 306 -14.75 -42.78 -16.46
CA GLU D 306 -14.37 -42.59 -15.02
C GLU D 306 -14.07 -41.08 -14.77
N LEU D 307 -13.29 -40.48 -15.67
CA LEU D 307 -12.91 -39.06 -15.55
C LEU D 307 -14.18 -38.22 -15.61
N ILE D 308 -15.03 -38.44 -16.61
CA ILE D 308 -16.23 -37.62 -16.79
C ILE D 308 -17.12 -37.76 -15.57
N ALA D 309 -17.30 -38.98 -15.08
CA ALA D 309 -18.22 -39.16 -13.94
C ALA D 309 -17.67 -38.39 -12.73
N GLU D 310 -16.36 -38.48 -12.51
CA GLU D 310 -15.80 -37.76 -11.35
C GLU D 310 -15.93 -36.24 -11.48
N GLU D 311 -15.68 -35.74 -12.67
CA GLU D 311 -15.74 -34.29 -12.90
C GLU D 311 -17.17 -33.80 -12.78
N TYR D 312 -18.15 -34.57 -13.30
CA TYR D 312 -19.56 -34.18 -13.10
C TYR D 312 -19.90 -34.18 -11.61
N ALA D 313 -19.48 -35.22 -10.88
CA ALA D 313 -19.82 -35.24 -9.46
C ALA D 313 -19.24 -34.04 -8.70
N LYS D 314 -18.03 -33.62 -9.12
CA LYS D 314 -17.34 -32.49 -8.46
C LYS D 314 -17.97 -31.15 -8.80
N TRP D 315 -18.35 -30.95 -10.08
CA TRP D 315 -18.61 -29.58 -10.61
C TRP D 315 -20.02 -29.34 -11.10
N LYS D 316 -20.75 -30.39 -11.47
CA LYS D 316 -22.08 -30.16 -12.05
C LYS D 316 -23.05 -29.50 -11.06
N PRO D 317 -23.05 -29.87 -9.76
CA PRO D 317 -23.95 -29.15 -8.86
C PRO D 317 -23.73 -27.64 -8.78
N LYS D 318 -22.48 -27.17 -8.71
CA LYS D 318 -22.20 -25.70 -8.80
C LYS D 318 -22.68 -25.16 -10.15
N LEU D 319 -22.38 -25.85 -11.25
CA LEU D 319 -22.82 -25.33 -12.56
C LEU D 319 -24.33 -25.15 -12.58
N ASP D 320 -25.05 -26.13 -12.02
CA ASP D 320 -26.52 -26.05 -12.00
C ASP D 320 -27.04 -24.97 -11.08
N TRP D 321 -26.33 -24.68 -10.01
CA TRP D 321 -26.71 -23.55 -9.14
C TRP D 321 -26.66 -22.27 -9.99
N TYR D 322 -25.56 -22.07 -10.73
CA TYR D 322 -25.44 -20.86 -11.57
C TYR D 322 -26.53 -20.86 -12.67
N LYS D 323 -26.79 -22.00 -13.31
CA LYS D 323 -27.83 -22.06 -14.37
C LYS D 323 -29.14 -21.53 -13.80
N GLU D 324 -29.52 -21.97 -12.60
CA GLU D 324 -30.81 -21.48 -12.02
C GLU D 324 -30.88 -19.95 -11.99
N ARG D 325 -29.77 -19.28 -11.68
CA ARG D 325 -29.77 -17.82 -11.52
C ARG D 325 -29.43 -17.10 -12.80
N LEU D 326 -28.78 -17.76 -13.74
CA LEU D 326 -28.41 -17.12 -15.02
C LEU D 326 -29.44 -17.41 -16.12
N GLN D 327 -30.34 -18.37 -15.94
CA GLN D 327 -31.29 -18.74 -17.00
C GLN D 327 -32.03 -17.49 -17.45
N GLY D 328 -32.04 -17.32 -18.78
CA GLY D 328 -32.74 -16.19 -19.38
C GLY D 328 -31.98 -14.90 -19.46
N LYS D 329 -30.82 -14.81 -18.83
CA LYS D 329 -30.01 -13.58 -18.96
C LYS D 329 -29.54 -13.49 -20.43
N LYS D 330 -29.37 -12.26 -20.87
CA LYS D 330 -28.92 -11.95 -22.24
C LYS D 330 -27.46 -11.57 -22.24
N MET D 331 -26.74 -12.16 -23.16
CA MET D 331 -25.28 -12.02 -23.26
C MET D 331 -24.87 -11.56 -24.65
N ALA D 332 -23.87 -10.71 -24.71
CA ALA D 332 -23.18 -10.41 -25.96
C ALA D 332 -21.74 -10.93 -25.87
N ILE D 333 -21.19 -11.35 -27.02
CA ILE D 333 -19.78 -11.81 -27.12
C ILE D 333 -19.11 -10.99 -28.22
N TRP D 334 -18.18 -10.13 -27.85
CA TRP D 334 -17.48 -9.25 -28.81
C TRP D 334 -15.99 -9.55 -28.64
N THR D 335 -15.50 -10.57 -29.33
CA THR D 335 -14.13 -11.07 -29.18
C THR D 335 -13.53 -11.31 -30.56
N GLY D 336 -12.54 -12.17 -30.67
CA GLY D 336 -11.86 -12.40 -31.98
C GLY D 336 -12.72 -13.15 -32.99
N GLY D 337 -13.39 -14.23 -32.58
CA GLY D 337 -14.20 -15.00 -33.51
C GLY D 337 -14.57 -16.37 -32.96
N PRO D 338 -13.60 -17.24 -32.73
CA PRO D 338 -13.92 -18.59 -32.27
C PRO D 338 -14.72 -18.68 -31.00
N ARG D 339 -14.53 -17.78 -30.03
CA ARG D 339 -15.30 -17.95 -28.78
C ARG D 339 -16.76 -17.70 -29.03
N LEU D 340 -17.14 -17.02 -30.11
CA LEU D 340 -18.55 -16.87 -30.45
C LEU D 340 -19.14 -18.28 -30.68
N TRP D 341 -18.51 -19.09 -31.52
CA TRP D 341 -19.04 -20.43 -31.84
C TRP D 341 -18.74 -21.44 -30.73
N HIS D 342 -17.70 -21.25 -29.94
CA HIS D 342 -17.45 -22.16 -28.79
C HIS D 342 -18.44 -21.88 -27.63
N TRP D 343 -18.95 -20.67 -27.51
CA TRP D 343 -19.72 -20.26 -26.32
C TRP D 343 -21.20 -20.08 -26.58
N THR D 344 -21.68 -19.79 -27.79
CA THR D 344 -23.11 -19.40 -27.90
C THR D 344 -24.01 -20.56 -27.42
N LYS D 345 -23.76 -21.76 -27.86
CA LYS D 345 -24.65 -22.89 -27.50
C LYS D 345 -24.24 -23.52 -26.18
N SER D 346 -22.98 -23.47 -25.80
CA SER D 346 -22.58 -23.97 -24.46
C SER D 346 -23.17 -23.12 -23.36
N VAL D 347 -23.16 -21.80 -23.43
CA VAL D 347 -23.80 -21.04 -22.34
C VAL D 347 -25.32 -21.27 -22.39
N GLU D 348 -25.88 -21.49 -23.57
CA GLU D 348 -27.33 -21.76 -23.70
C GLU D 348 -27.64 -23.10 -23.03
N ASP D 349 -26.96 -24.15 -23.41
CA ASP D 349 -27.18 -25.53 -22.93
C ASP D 349 -26.92 -25.61 -21.41
N ASP D 350 -25.76 -25.13 -20.97
CA ASP D 350 -25.27 -25.40 -19.60
C ASP D 350 -25.66 -24.33 -18.61
N LEU D 351 -25.95 -23.09 -19.02
CA LEU D 351 -26.27 -21.99 -18.11
C LEU D 351 -27.62 -21.35 -18.42
N GLY D 352 -28.31 -21.76 -19.49
CA GLY D 352 -29.58 -21.14 -19.85
C GLY D 352 -29.46 -19.73 -20.36
N VAL D 353 -28.27 -19.32 -20.78
CA VAL D 353 -28.02 -17.92 -21.14
C VAL D 353 -28.27 -17.76 -22.65
N GLN D 354 -28.87 -16.63 -23.01
N GLN D 354 -28.91 -16.64 -23.01
CA GLN D 354 -29.28 -16.31 -24.40
CA GLN D 354 -29.26 -16.50 -24.38
CA GLN D 354 -29.31 -16.26 -24.39
C GLN D 354 -28.28 -15.30 -24.97
C GLN D 354 -28.26 -15.29 -24.95
N VAL D 355 -27.51 -15.74 -25.94
CA VAL D 355 -26.54 -14.86 -26.61
C VAL D 355 -27.31 -14.10 -27.70
N VAL D 356 -27.44 -12.80 -27.53
CA VAL D 356 -28.27 -11.90 -28.34
C VAL D 356 -27.47 -11.09 -29.35
N ALA D 357 -26.15 -11.05 -29.24
CA ALA D 357 -25.33 -10.27 -30.19
C ALA D 357 -23.93 -10.78 -30.11
N MET D 358 -23.30 -10.92 -31.26
CA MET D 358 -21.94 -11.41 -31.35
C MET D 358 -21.20 -10.58 -32.41
N SER D 359 -19.94 -10.28 -32.14
CA SER D 359 -19.07 -9.56 -33.09
C SER D 359 -17.72 -10.26 -33.08
N SER D 360 -17.14 -10.38 -34.26
CA SER D 360 -15.86 -11.01 -34.50
C SER D 360 -14.93 -9.99 -35.08
N LYS D 361 -13.77 -9.77 -34.44
CA LYS D 361 -12.78 -8.85 -34.98
C LYS D 361 -12.29 -9.33 -36.33
N PHE D 362 -11.97 -10.61 -36.47
CA PHE D 362 -11.10 -11.08 -37.58
C PHE D 362 -11.50 -12.45 -38.11
N GLY D 363 -12.65 -12.97 -37.67
CA GLY D 363 -13.08 -14.29 -38.12
C GLY D 363 -13.23 -14.38 -39.63
N HIS D 364 -13.11 -15.57 -40.14
CA HIS D 364 -13.34 -15.84 -41.57
C HIS D 364 -14.78 -16.27 -41.77
N GLU D 365 -15.14 -16.45 -43.04
CA GLU D 365 -16.49 -16.93 -43.33
C GLU D 365 -16.74 -18.29 -42.66
N GLU D 366 -15.72 -19.14 -42.53
CA GLU D 366 -15.85 -20.43 -41.82
CA GLU D 366 -15.99 -20.44 -41.84
C GLU D 366 -16.38 -20.21 -40.38
N ASP D 367 -15.82 -19.21 -39.69
CA ASP D 367 -16.22 -18.92 -38.31
C ASP D 367 -17.69 -18.50 -38.27
N PHE D 368 -18.13 -17.70 -39.24
CA PHE D 368 -19.57 -17.33 -39.31
C PHE D 368 -20.42 -18.52 -39.66
N GLU D 369 -19.98 -19.45 -40.50
CA GLU D 369 -20.78 -20.67 -40.74
C GLU D 369 -21.04 -21.36 -39.41
N LYS D 370 -19.99 -21.53 -38.62
CA LYS D 370 -20.09 -22.26 -37.33
C LYS D 370 -21.01 -21.50 -36.37
N VAL D 371 -20.80 -20.20 -36.20
CA VAL D 371 -21.57 -19.49 -35.17
C VAL D 371 -23.04 -19.41 -35.54
N ILE D 372 -23.34 -19.19 -36.83
CA ILE D 372 -24.75 -19.07 -37.24
C ILE D 372 -25.41 -20.47 -37.14
N ALA D 373 -24.69 -21.54 -37.41
CA ALA D 373 -25.24 -22.90 -37.25
C ALA D 373 -25.69 -23.10 -35.81
N ARG D 374 -24.86 -22.64 -34.84
CA ARG D 374 -25.07 -22.90 -33.40
C ARG D 374 -25.91 -21.84 -32.72
N GLY D 375 -26.03 -20.66 -33.29
CA GLY D 375 -26.63 -19.52 -32.64
C GLY D 375 -28.11 -19.39 -32.81
N LYS D 376 -28.67 -18.44 -32.15
CA LYS D 376 -30.11 -18.26 -32.05
C LYS D 376 -30.68 -17.37 -33.11
N GLU D 377 -31.97 -17.57 -33.38
CA GLU D 377 -32.75 -16.58 -34.12
C GLU D 377 -32.98 -15.34 -33.27
N GLY D 378 -32.99 -14.16 -33.89
CA GLY D 378 -33.12 -12.87 -33.24
C GLY D 378 -31.80 -12.29 -32.79
N THR D 379 -30.73 -13.03 -32.99
CA THR D 379 -29.33 -12.61 -32.63
C THR D 379 -28.73 -11.88 -33.80
N TYR D 380 -27.90 -10.89 -33.47
CA TYR D 380 -27.06 -10.18 -34.45
C TYR D 380 -25.69 -10.84 -34.52
N TYR D 381 -25.22 -11.02 -35.75
CA TYR D 381 -23.91 -11.64 -36.06
C TYR D 381 -23.13 -10.60 -36.84
N ILE D 382 -22.06 -10.06 -36.29
CA ILE D 382 -21.37 -8.89 -36.83
C ILE D 382 -19.92 -9.27 -37.16
N ASP D 383 -19.52 -9.04 -38.40
CA ASP D 383 -18.12 -9.19 -38.80
C ASP D 383 -17.45 -7.82 -38.73
N ASP D 384 -16.31 -7.77 -38.06
CA ASP D 384 -15.47 -6.55 -37.96
C ASP D 384 -16.28 -5.39 -37.41
N GLY D 385 -16.90 -5.58 -36.26
CA GLY D 385 -17.71 -4.55 -35.63
C GLY D 385 -16.89 -3.30 -35.23
N ASN D 386 -17.57 -2.17 -35.14
CA ASN D 386 -16.93 -0.92 -34.71
C ASN D 386 -17.73 -0.29 -33.57
N GLU D 387 -17.11 0.70 -32.95
CA GLU D 387 -17.61 1.21 -31.66
C GLU D 387 -19.03 1.76 -31.76
N LEU D 388 -19.31 2.59 -32.79
CA LEU D 388 -20.68 3.14 -32.86
C LEU D 388 -21.69 2.01 -33.07
N GLU D 389 -21.34 0.97 -33.79
CA GLU D 389 -22.25 -0.17 -33.97
C GLU D 389 -22.55 -0.84 -32.65
N PHE D 390 -21.55 -0.97 -31.78
CA PHE D 390 -21.79 -1.53 -30.46
C PHE D 390 -22.86 -0.77 -29.70
N PHE D 391 -22.81 0.54 -29.72
CA PHE D 391 -23.86 1.29 -29.03
C PHE D 391 -25.25 1.02 -29.62
N GLU D 392 -25.35 0.91 -30.92
CA GLU D 392 -26.67 0.76 -31.54
C GLU D 392 -27.15 -0.65 -31.25
N ILE D 393 -26.27 -1.63 -31.31
CA ILE D 393 -26.62 -3.02 -30.98
C ILE D 393 -27.09 -3.10 -29.52
N ILE D 394 -26.42 -2.43 -28.60
CA ILE D 394 -26.88 -2.41 -27.20
C ILE D 394 -28.33 -1.93 -27.11
N ASP D 395 -28.65 -0.84 -27.83
CA ASP D 395 -30.03 -0.34 -27.80
C ASP D 395 -30.97 -1.40 -28.34
N LEU D 396 -30.59 -2.14 -29.36
CA LEU D 396 -31.47 -3.13 -29.99
C LEU D 396 -31.70 -4.34 -29.10
N VAL D 397 -30.70 -4.85 -28.39
CA VAL D 397 -30.80 -6.18 -27.74
C VAL D 397 -30.72 -6.09 -26.20
N LYS D 398 -30.24 -4.99 -25.67
CA LYS D 398 -30.23 -4.78 -24.20
C LYS D 398 -29.62 -5.95 -23.43
N PRO D 399 -28.32 -6.21 -23.65
CA PRO D 399 -27.68 -7.32 -22.96
C PRO D 399 -27.57 -7.06 -21.44
N ASP D 400 -27.65 -8.17 -20.71
CA ASP D 400 -27.39 -8.14 -19.27
C ASP D 400 -25.90 -8.20 -18.95
N VAL D 401 -25.10 -8.73 -19.87
CA VAL D 401 -23.66 -8.90 -19.66
C VAL D 401 -23.01 -8.92 -21.04
N ILE D 402 -21.79 -8.40 -21.11
CA ILE D 402 -21.00 -8.42 -22.36
C ILE D 402 -19.65 -9.06 -22.07
N PHE D 403 -19.30 -10.09 -22.83
CA PHE D 403 -17.96 -10.71 -22.81
C PHE D 403 -17.13 -10.04 -23.88
N THR D 404 -16.13 -9.27 -23.49
CA THR D 404 -15.36 -8.45 -24.43
C THR D 404 -14.04 -8.05 -23.77
N GLY D 405 -13.22 -7.26 -24.44
CA GLY D 405 -11.99 -6.81 -23.81
C GLY D 405 -12.20 -5.70 -22.81
N PRO D 406 -11.17 -5.41 -21.99
CA PRO D 406 -11.33 -4.50 -20.87
C PRO D 406 -11.67 -3.08 -21.27
N ARG D 407 -11.12 -2.58 -22.38
CA ARG D 407 -11.42 -1.19 -22.76
C ARG D 407 -12.93 -1.04 -23.13
N VAL D 408 -13.42 -1.99 -23.91
CA VAL D 408 -14.85 -1.95 -24.24
C VAL D 408 -15.66 -2.19 -22.98
N GLY D 409 -15.20 -3.04 -22.07
CA GLY D 409 -15.88 -3.20 -20.78
C GLY D 409 -16.01 -1.89 -20.03
N GLU D 410 -14.94 -1.12 -20.03
CA GLU D 410 -14.93 0.17 -19.34
C GLU D 410 -15.82 1.19 -20.01
N LEU D 411 -16.04 1.05 -21.33
CA LEU D 411 -16.97 1.91 -22.07
C LEU D 411 -18.40 1.56 -21.70
N VAL D 412 -18.75 0.28 -21.77
CA VAL D 412 -20.17 -0.09 -21.53
C VAL D 412 -20.54 0.02 -20.06
N LYS D 413 -19.56 0.08 -19.16
CA LYS D 413 -19.85 0.36 -17.77
C LYS D 413 -20.63 1.64 -17.61
N LYS D 414 -20.37 2.65 -18.44
CA LYS D 414 -21.03 3.94 -18.31
C LYS D 414 -22.55 3.79 -18.58
N LEU D 415 -22.91 2.74 -19.30
CA LEU D 415 -24.32 2.41 -19.65
C LEU D 415 -24.91 1.43 -18.62
N HIS D 416 -24.14 1.16 -17.57
CA HIS D 416 -24.53 0.30 -16.46
C HIS D 416 -24.62 -1.14 -16.92
N ILE D 417 -23.85 -1.50 -17.94
CA ILE D 417 -23.78 -2.89 -18.38
C ILE D 417 -22.47 -3.51 -17.89
N PRO D 418 -22.52 -4.62 -17.15
CA PRO D 418 -21.30 -5.21 -16.64
C PRO D 418 -20.64 -6.04 -17.72
N TYR D 419 -19.36 -6.29 -17.54
CA TYR D 419 -18.59 -7.10 -18.51
C TYR D 419 -17.83 -8.20 -17.81
N VAL D 420 -17.53 -9.25 -18.55
CA VAL D 420 -16.51 -10.23 -18.22
C VAL D 420 -15.50 -10.17 -19.34
N ASN D 421 -14.21 -10.27 -18.97
CA ASN D 421 -13.16 -10.22 -19.98
C ASN D 421 -13.19 -11.47 -20.81
N GLY D 422 -13.70 -11.36 -22.05
CA GLY D 422 -13.84 -12.53 -22.90
C GLY D 422 -12.55 -13.00 -23.54
N HIS D 423 -11.47 -12.26 -23.34
CA HIS D 423 -10.16 -12.57 -23.91
C HIS D 423 -9.21 -13.17 -22.84
N GLY D 424 -8.91 -12.39 -21.82
CA GLY D 424 -8.00 -12.77 -20.75
C GLY D 424 -8.68 -13.27 -19.47
N TYR D 425 -10.01 -13.30 -19.46
CA TYR D 425 -10.86 -13.82 -18.38
C TYR D 425 -10.84 -12.86 -17.22
N HIS D 426 -11.81 -13.00 -16.33
CA HIS D 426 -11.80 -12.35 -15.01
C HIS D 426 -11.01 -13.27 -14.06
N ASN D 427 -11.68 -14.27 -13.51
CA ASN D 427 -11.07 -15.27 -12.63
C ASN D 427 -11.13 -16.63 -13.30
N GLY D 428 -10.14 -16.88 -14.15
CA GLY D 428 -10.01 -18.12 -14.91
C GLY D 428 -9.24 -19.16 -14.14
N PRO D 429 -8.91 -20.29 -14.79
CA PRO D 429 -9.16 -20.63 -16.22
C PRO D 429 -10.64 -20.83 -16.48
N TYR D 430 -10.99 -20.78 -17.77
CA TYR D 430 -12.39 -20.99 -18.19
C TYR D 430 -12.54 -22.30 -19.02
N MET D 431 -11.50 -22.97 -19.44
CA MET D 431 -11.63 -24.24 -20.17
C MET D 431 -11.94 -25.39 -19.19
N GLY D 432 -12.43 -26.49 -19.75
CA GLY D 432 -12.70 -27.69 -18.98
C GLY D 432 -13.95 -27.57 -18.12
N PHE D 433 -14.14 -28.62 -17.30
CA PHE D 433 -15.34 -28.69 -16.43
C PHE D 433 -15.29 -27.58 -15.38
N GLU D 434 -14.19 -27.57 -14.59
CA GLU D 434 -14.04 -26.52 -13.56
C GLU D 434 -14.09 -25.12 -14.19
N GLY D 435 -13.45 -25.00 -15.34
CA GLY D 435 -13.37 -23.67 -15.98
C GLY D 435 -14.72 -23.12 -16.36
N PHE D 436 -15.67 -23.96 -16.77
CA PHE D 436 -16.97 -23.41 -17.12
C PHE D 436 -17.72 -22.96 -15.88
N VAL D 437 -17.46 -23.62 -14.74
CA VAL D 437 -17.97 -23.10 -13.45
C VAL D 437 -17.34 -21.73 -13.11
N ASN D 438 -16.04 -21.60 -13.34
CA ASN D 438 -15.38 -20.30 -13.12
C ASN D 438 -16.05 -19.19 -13.98
N LEU D 439 -16.31 -19.54 -15.24
CA LEU D 439 -16.91 -18.57 -16.18
C LEU D 439 -18.31 -18.19 -15.67
N ALA D 440 -19.09 -19.21 -15.25
CA ALA D 440 -20.44 -18.96 -14.71
C ALA D 440 -20.40 -18.09 -13.46
N ARG D 441 -19.42 -18.31 -12.58
CA ARG D 441 -19.32 -17.52 -11.35
C ARG D 441 -19.06 -16.08 -11.68
N ASP D 442 -18.10 -15.80 -12.60
CA ASP D 442 -17.83 -14.41 -12.95
C ASP D 442 -19.05 -13.77 -13.63
N MET D 443 -19.75 -14.50 -14.49
CA MET D 443 -20.96 -13.96 -15.11
C MET D 443 -22.00 -13.57 -14.04
N TYR D 444 -22.17 -14.50 -13.09
CA TYR D 444 -23.13 -14.28 -11.98
C TYR D 444 -22.78 -13.03 -11.15
N ASN D 445 -21.50 -12.94 -10.74
CA ASN D 445 -21.07 -11.81 -9.91
C ASN D 445 -21.08 -10.48 -10.68
N ALA D 446 -20.86 -10.57 -12.00
CA ALA D 446 -20.91 -9.38 -12.85
C ALA D 446 -22.35 -8.84 -12.89
N VAL D 447 -23.34 -9.70 -13.09
N VAL D 447 -23.28 -9.77 -13.15
CA VAL D 447 -24.71 -9.17 -13.27
CA VAL D 447 -24.72 -9.43 -13.33
C VAL D 447 -25.40 -8.95 -11.92
C VAL D 447 -25.33 -9.00 -11.99
N HIS D 448 -25.15 -9.80 -10.95
CA HIS D 448 -25.86 -9.67 -9.64
C HIS D 448 -24.97 -8.83 -8.75
N ASN D 449 -24.85 -7.57 -9.08
CA ASN D 449 -23.82 -6.65 -8.57
C ASN D 449 -24.49 -5.43 -7.99
N PRO D 450 -24.39 -5.17 -6.66
CA PRO D 450 -25.07 -3.99 -6.12
C PRO D 450 -24.74 -2.67 -6.78
N LEU D 451 -23.52 -2.54 -7.29
CA LEU D 451 -23.08 -1.25 -7.83
C LEU D 451 -23.92 -0.81 -9.05
N ARG D 452 -24.41 -1.77 -9.82
CA ARG D 452 -25.25 -1.46 -10.98
C ARG D 452 -26.55 -0.81 -10.54
N HIS D 453 -27.16 -1.42 -9.52
CA HIS D 453 -28.39 -0.87 -8.96
C HIS D 453 -28.16 0.50 -8.34
N LEU D 454 -27.06 0.65 -7.60
CA LEU D 454 -26.80 1.94 -6.97
C LEU D 454 -26.57 3.00 -8.05
N ALA D 455 -25.85 2.67 -9.14
CA ALA D 455 -25.53 3.66 -10.17
C ALA D 455 -26.78 4.25 -10.81
N ALA D 456 -27.84 3.48 -10.87
CA ALA D 456 -29.09 3.91 -11.51
C ALA D 456 -29.82 4.95 -10.67
N VAL D 457 -29.60 4.98 -9.37
CA VAL D 457 -30.34 5.91 -8.47
C VAL D 457 -29.82 7.34 -8.59
N ASP D 458 -30.71 8.29 -8.86
CA ASP D 458 -30.38 9.68 -8.81
C ASP D 458 -30.82 10.17 -7.44
N ILE D 459 -29.87 10.45 -6.56
CA ILE D 459 -30.22 10.86 -5.17
C ILE D 459 -30.96 12.18 -5.08
N ARG D 460 -31.04 12.93 -6.19
CA ARG D 460 -31.80 14.19 -6.22
C ARG D 460 -33.31 13.93 -6.36
N ASP D 461 -33.68 12.69 -6.73
CA ASP D 461 -35.08 12.41 -7.06
C ASP D 461 -35.73 11.99 -5.75
N LYS D 462 -36.65 12.80 -5.24
CA LYS D 462 -37.34 12.59 -3.96
C LYS D 462 -38.15 11.31 -4.01
N SER D 463 -38.62 10.97 -5.19
CA SER D 463 -39.41 9.74 -5.44
C SER D 463 -38.57 8.48 -5.35
N GLN D 464 -37.23 8.58 -5.40
CA GLN D 464 -36.35 7.37 -5.45
C GLN D 464 -35.83 7.08 -4.03
N THR D 465 -35.68 5.80 -3.72
CA THR D 465 -34.91 5.32 -2.58
C THR D 465 -33.67 4.62 -3.12
N THR D 466 -32.76 4.26 -2.23
CA THR D 466 -31.58 3.45 -2.61
C THR D 466 -31.86 2.01 -2.17
N PRO D 467 -31.85 1.06 -3.13
CA PRO D 467 -32.19 -0.33 -2.83
C PRO D 467 -31.01 -1.03 -2.18
N VAL D 468 -31.34 -2.21 -1.62
CA VAL D 468 -30.40 -3.27 -1.14
C VAL D 468 -30.68 -4.50 -1.98
N ILE D 469 -29.61 -5.12 -2.50
CA ILE D 469 -29.80 -6.33 -3.34
C ILE D 469 -29.20 -7.51 -2.55
N VAL D 470 -29.94 -8.60 -2.54
CA VAL D 470 -29.61 -9.92 -1.94
C VAL D 470 -28.95 -10.77 -3.01
N ARG D 471 -27.75 -11.25 -2.73
CA ARG D 471 -27.04 -12.08 -3.69
C ARG D 471 -27.00 -13.49 -3.16
N GLY D 472 -26.22 -14.35 -3.78
CA GLY D 472 -26.04 -15.74 -3.41
C GLY D 472 -24.65 -16.22 -3.74
N ALA D 473 -24.37 -17.46 -3.37
CA ALA D 473 -23.14 -18.15 -3.81
C ALA D 473 -23.41 -19.64 -3.92
N ALA D 474 -22.81 -20.24 -4.93
CA ALA D 474 -22.96 -21.69 -5.20
C ALA D 474 -22.32 -22.50 -4.07
N PRO E 11 35.56 12.76 -4.18
CA PRO E 11 34.25 13.40 -4.09
C PRO E 11 33.19 12.62 -4.91
N ALA E 12 31.94 12.70 -4.45
CA ALA E 12 30.77 12.08 -5.14
C ALA E 12 30.71 12.56 -6.61
N GLU E 13 30.26 11.69 -7.49
CA GLU E 13 30.29 12.02 -8.95
C GLU E 13 28.87 11.75 -9.46
N VAL E 14 28.29 12.68 -10.23
CA VAL E 14 27.05 12.43 -11.02
C VAL E 14 27.47 12.19 -12.46
N LYS E 15 27.30 10.95 -12.92
CA LYS E 15 27.84 10.48 -14.22
C LYS E 15 26.65 10.16 -15.16
N LEU E 16 26.72 10.66 -16.38
CA LEU E 16 25.76 10.34 -17.45
C LEU E 16 26.40 9.23 -18.28
N SER E 17 25.62 8.22 -18.60
CA SER E 17 26.15 7.20 -19.50
C SER E 17 25.03 6.64 -20.33
N PRO E 18 25.36 6.23 -21.55
CA PRO E 18 24.36 5.62 -22.42
C PRO E 18 24.21 4.13 -22.10
N ARG E 19 23.10 3.53 -22.49
CA ARG E 19 22.99 2.08 -22.60
C ARG E 19 24.11 1.57 -23.50
N ASP E 20 24.77 0.51 -23.14
CA ASP E 20 25.92 -0.06 -23.89
C ASP E 20 25.52 -1.14 -24.87
N ARG E 21 24.29 -1.47 -25.02
CA ARG E 21 23.70 -2.40 -26.01
C ARG E 21 22.99 -1.64 -27.12
N GLU E 22 23.05 -2.21 -28.31
CA GLU E 22 22.27 -1.69 -29.46
C GLU E 22 20.80 -2.00 -29.31
N GLY E 23 20.46 -3.21 -28.91
CA GLY E 23 19.06 -3.60 -28.75
C GLY E 23 18.47 -3.14 -27.45
N ILE E 24 17.16 -3.36 -27.34
CA ILE E 24 16.38 -3.09 -26.13
C ILE E 24 15.85 -4.38 -25.57
N ILE E 25 15.93 -4.48 -24.25
CA ILE E 25 15.14 -5.50 -23.47
C ILE E 25 14.31 -4.73 -22.50
N ASN E 26 12.99 -4.84 -22.61
CA ASN E 26 12.05 -4.22 -21.67
C ASN E 26 12.06 -2.69 -21.81
N PRO E 27 11.48 -2.18 -22.91
CA PRO E 27 11.50 -0.73 -23.17
C PRO E 27 10.81 0.06 -22.07
N MET E 28 11.41 1.21 -21.77
CA MET E 28 10.87 2.14 -20.77
C MET E 28 9.65 2.91 -21.25
N TYR E 29 9.69 3.32 -22.53
CA TYR E 29 8.65 4.14 -23.15
C TYR E 29 8.13 3.40 -24.37
N ASP E 30 6.96 3.86 -24.81
CA ASP E 30 6.40 3.52 -26.12
C ASP E 30 6.98 4.46 -27.17
N CYS E 31 6.56 4.27 -28.42
CA CYS E 31 7.02 5.07 -29.56
C CYS E 31 6.27 6.40 -29.68
N GLN E 32 6.82 7.26 -30.56
CA GLN E 32 6.27 8.61 -30.72
C GLN E 32 4.77 8.61 -30.96
N PRO E 33 4.23 7.81 -31.91
CA PRO E 33 2.77 7.92 -32.16
C PRO E 33 1.93 7.71 -30.93
N ALA E 34 2.38 6.87 -29.97
CA ALA E 34 1.60 6.67 -28.75
C ALA E 34 1.49 7.96 -27.97
N GLY E 35 2.59 8.72 -27.89
CA GLY E 35 2.54 9.97 -27.15
C GLY E 35 1.69 11.03 -27.87
N ALA E 36 1.74 11.01 -29.21
CA ALA E 36 0.85 11.92 -29.98
C ALA E 36 -0.60 11.58 -29.73
N GLN E 37 -0.94 10.29 -29.62
CA GLN E 37 -2.33 9.91 -29.29
C GLN E 37 -2.69 10.44 -27.91
N TYR E 38 -1.79 10.33 -26.95
CA TYR E 38 -2.09 10.84 -25.59
C TYR E 38 -2.33 12.34 -25.58
N ALA E 39 -1.55 13.08 -26.36
CA ALA E 39 -1.78 14.52 -26.47
C ALA E 39 -3.19 14.78 -26.97
N GLY E 40 -3.55 14.09 -28.04
CA GLY E 40 -4.84 14.34 -28.71
C GLY E 40 -6.05 14.00 -27.88
N ILE E 41 -5.98 12.93 -27.08
CA ILE E 41 -7.20 12.50 -26.37
C ILE E 41 -7.59 13.51 -25.28
N GLY E 42 -6.72 14.47 -24.93
CA GLY E 42 -7.03 15.54 -24.01
C GLY E 42 -7.79 16.72 -24.61
N ILE E 43 -8.11 16.63 -25.87
CA ILE E 43 -8.81 17.73 -26.58
C ILE E 43 -10.27 17.32 -26.74
N LYS E 44 -11.16 18.26 -26.39
CA LYS E 44 -12.61 18.00 -26.59
CA LYS E 44 -12.61 18.10 -26.58
C LYS E 44 -12.92 17.96 -28.08
N ASP E 45 -13.81 17.03 -28.42
CA ASP E 45 -14.25 16.91 -29.83
C ASP E 45 -13.09 16.61 -30.75
N CYS E 46 -12.18 15.79 -30.28
CA CYS E 46 -10.99 15.32 -31.01
C CYS E 46 -11.00 13.82 -31.10
N ILE E 47 -10.71 13.28 -32.26
CA ILE E 47 -10.40 11.83 -32.45
C ILE E 47 -9.16 11.79 -33.27
N PRO E 48 -8.00 11.44 -32.67
CA PRO E 48 -6.80 11.28 -33.47
C PRO E 48 -6.97 10.17 -34.51
N LEU E 49 -6.30 10.36 -35.65
CA LEU E 49 -6.29 9.39 -36.74
C LEU E 49 -4.84 8.98 -36.98
N VAL E 50 -4.55 7.71 -36.66
CA VAL E 50 -3.20 7.18 -36.70
C VAL E 50 -3.00 6.48 -38.04
N HIS E 51 -2.14 7.12 -38.85
CA HIS E 51 -1.94 6.66 -40.23
C HIS E 51 -0.86 5.62 -40.25
N GLY E 52 -1.27 4.37 -40.36
CA GLY E 52 -0.37 3.21 -40.33
C GLY E 52 -1.16 1.95 -40.11
N GLY E 53 -0.49 0.90 -39.75
CA GLY E 53 -1.16 -0.38 -39.50
C GLY E 53 -2.01 -0.30 -38.22
N GLN E 54 -2.89 -1.26 -38.11
CA GLN E 54 -3.94 -1.22 -37.07
C GLN E 54 -3.40 -1.36 -35.65
N GLY E 55 -2.28 -2.04 -35.46
CA GLY E 55 -1.75 -2.24 -34.11
C GLY E 55 -1.32 -0.94 -33.50
N CYS E 56 -0.84 -0.01 -34.34
CA CYS E 56 -0.35 1.28 -33.88
C CYS E 56 -1.42 2.04 -33.16
N THR E 57 -2.70 1.81 -33.50
CA THR E 57 -3.84 2.37 -32.81
C THR E 57 -4.28 1.47 -31.66
N MET E 58 -4.59 0.23 -31.95
CA MET E 58 -5.32 -0.58 -30.97
C MET E 58 -4.49 -0.83 -29.75
N PHE E 59 -3.21 -1.11 -29.89
CA PHE E 59 -2.37 -1.35 -28.73
C PHE E 59 -2.29 -0.12 -27.82
N VAL E 60 -2.35 1.09 -28.37
CA VAL E 60 -2.26 2.33 -27.59
C VAL E 60 -3.60 2.60 -26.87
N ARG E 61 -4.71 2.34 -27.55
CA ARG E 61 -6.01 2.43 -26.86
C ARG E 61 -5.98 1.47 -25.63
N LEU E 62 -5.41 0.30 -25.79
CA LEU E 62 -5.31 -0.64 -24.63
C LEU E 62 -4.43 -0.05 -23.56
N LEU E 63 -3.28 0.50 -23.92
CA LEU E 63 -2.38 1.11 -22.94
C LEU E 63 -3.10 2.17 -22.13
N PHE E 64 -3.90 3.03 -22.79
CA PHE E 64 -4.61 4.06 -22.01
C PHE E 64 -5.68 3.43 -21.11
N ALA E 65 -6.31 2.34 -21.56
CA ALA E 65 -7.23 1.61 -20.69
C ALA E 65 -6.52 1.01 -19.51
N GLN E 66 -5.30 0.56 -19.68
CA GLN E 66 -4.54 0.04 -18.54
C GLN E 66 -4.27 1.13 -17.51
N HIS E 67 -3.82 2.31 -17.93
CA HIS E 67 -3.47 3.35 -16.97
C HIS E 67 -4.71 3.95 -16.32
N PHE E 68 -5.73 4.28 -17.11
CA PHE E 68 -6.86 5.07 -16.65
C PHE E 68 -8.08 4.23 -16.31
N LYS E 69 -8.15 3.00 -16.75
CA LYS E 69 -9.35 2.16 -16.68
C LYS E 69 -10.53 2.83 -17.39
N GLU E 70 -10.22 3.45 -18.53
CA GLU E 70 -11.23 4.09 -19.38
C GLU E 70 -10.90 3.88 -20.84
N ASN E 71 -11.94 3.89 -21.64
CA ASN E 71 -11.90 3.99 -23.09
C ASN E 71 -11.59 5.42 -23.53
N PHE E 72 -10.73 5.55 -24.55
CA PHE E 72 -10.52 6.78 -25.32
C PHE E 72 -10.61 6.45 -26.80
N ASP E 73 -11.21 7.35 -27.54
CA ASP E 73 -11.45 7.19 -28.96
C ASP E 73 -10.26 7.66 -29.81
N VAL E 74 -9.69 6.73 -30.55
CA VAL E 74 -8.60 6.95 -31.53
C VAL E 74 -8.94 6.05 -32.69
N ALA E 75 -8.77 6.55 -33.93
CA ALA E 75 -9.05 5.77 -35.13
C ALA E 75 -7.76 5.45 -35.90
N SER E 76 -7.87 4.41 -36.71
CA SER E 76 -6.77 3.96 -37.58
C SER E 76 -7.09 4.24 -39.04
N THR E 77 -6.07 4.47 -39.87
CA THR E 77 -6.27 4.45 -41.32
C THR E 77 -6.22 3.04 -41.92
N SER E 78 -5.90 2.03 -41.10
CA SER E 78 -5.92 0.64 -41.59
C SER E 78 -5.07 0.50 -42.85
N LEU E 79 -3.80 0.84 -42.74
CA LEU E 79 -2.87 0.53 -43.83
C LEU E 79 -2.80 -0.97 -44.06
N HIS E 80 -3.00 -1.41 -45.29
CA HIS E 80 -2.91 -2.83 -45.69
C HIS E 80 -1.83 -2.94 -46.76
N GLU E 81 -1.69 -4.14 -47.32
CA GLU E 81 -0.58 -4.47 -48.26
CA GLU E 81 -0.47 -4.32 -48.15
C GLU E 81 -0.60 -3.55 -49.47
N GLU E 82 -1.80 -3.34 -50.01
CA GLU E 82 -1.92 -2.55 -51.23
C GLU E 82 -1.37 -1.14 -50.98
N SER E 83 -1.80 -0.52 -49.88
N SER E 83 -1.80 -0.51 -49.89
CA SER E 83 -1.37 0.85 -49.57
CA SER E 83 -1.38 0.87 -49.58
C SER E 83 0.06 0.93 -49.11
C SER E 83 0.11 0.88 -49.14
N ALA E 84 0.59 -0.14 -48.49
CA ALA E 84 2.02 -0.18 -48.13
C ALA E 84 2.87 -0.14 -49.40
N VAL E 85 2.41 -0.78 -50.48
CA VAL E 85 3.21 -0.86 -51.74
C VAL E 85 2.94 0.35 -52.63
N PHE E 86 1.69 0.81 -52.71
CA PHE E 86 1.31 1.81 -53.72
C PHE E 86 1.03 3.18 -53.10
N GLY E 87 1.08 3.31 -51.78
CA GLY E 87 0.86 4.58 -51.10
C GLY E 87 -0.47 4.60 -50.33
N GLY E 88 -0.44 5.26 -49.18
CA GLY E 88 -1.60 5.30 -48.32
C GLY E 88 -2.38 6.57 -48.23
N ALA E 89 -2.20 7.48 -49.18
CA ALA E 89 -2.97 8.72 -49.09
C ALA E 89 -4.49 8.47 -49.08
N LYS E 90 -4.97 7.53 -49.87
CA LYS E 90 -6.41 7.30 -49.90
C LYS E 90 -6.94 6.74 -48.61
N ARG E 91 -6.11 6.05 -47.84
CA ARG E 91 -6.53 5.54 -46.52
C ARG E 91 -6.71 6.71 -45.57
N VAL E 92 -5.74 7.67 -45.51
N VAL E 92 -5.79 7.65 -45.58
CA VAL E 92 -5.90 8.92 -44.75
CA VAL E 92 -5.97 8.74 -44.62
C VAL E 92 -7.23 9.55 -45.10
C VAL E 92 -7.09 9.70 -45.08
N GLU E 93 -7.33 9.82 -46.40
CA GLU E 93 -8.41 10.67 -46.90
C GLU E 93 -9.74 10.03 -46.59
N GLU E 94 -9.89 8.73 -46.81
CA GLU E 94 -11.14 8.03 -46.45
C GLU E 94 -11.33 8.07 -44.94
N GLY E 95 -10.28 7.84 -44.17
CA GLY E 95 -10.43 7.84 -42.74
C GLY E 95 -10.98 9.14 -42.19
N VAL E 96 -10.45 10.27 -42.71
CA VAL E 96 -10.95 11.59 -42.28
C VAL E 96 -12.43 11.72 -42.58
N LEU E 97 -12.84 11.36 -43.80
CA LEU E 97 -14.25 11.51 -44.19
C LEU E 97 -15.15 10.58 -43.39
N VAL E 98 -14.73 9.33 -43.16
CA VAL E 98 -15.53 8.40 -42.37
C VAL E 98 -15.70 8.93 -40.93
N LEU E 99 -14.64 9.49 -40.36
CA LEU E 99 -14.76 10.13 -39.03
C LEU E 99 -15.76 11.26 -39.09
N ALA E 100 -15.60 12.18 -40.04
CA ALA E 100 -16.49 13.36 -40.05
C ALA E 100 -17.94 12.97 -40.28
N ARG E 101 -18.17 11.97 -41.11
CA ARG E 101 -19.54 11.55 -41.44
C ARG E 101 -20.21 10.90 -40.24
N ARG E 102 -19.45 10.21 -39.41
CA ARG E 102 -20.08 9.40 -38.34
C ARG E 102 -20.02 10.07 -36.96
N TYR E 103 -19.25 11.12 -36.83
CA TYR E 103 -19.08 11.86 -35.59
C TYR E 103 -19.40 13.31 -35.90
N PRO E 104 -20.69 13.71 -35.79
CA PRO E 104 -21.12 15.04 -36.20
C PRO E 104 -20.52 16.18 -35.39
N ASN E 105 -20.07 15.91 -34.19
CA ASN E 105 -19.53 16.97 -33.34
C ASN E 105 -18.00 17.00 -33.40
N LEU E 106 -17.39 16.16 -34.20
CA LEU E 106 -15.91 16.13 -34.33
C LEU E 106 -15.37 17.47 -34.83
N ARG E 107 -14.37 18.01 -34.22
CA ARG E 107 -13.74 19.27 -34.59
C ARG E 107 -12.26 19.17 -34.90
N VAL E 108 -11.52 18.24 -34.30
CA VAL E 108 -10.06 18.20 -34.41
C VAL E 108 -9.61 16.80 -34.75
N ILE E 109 -8.79 16.65 -35.77
CA ILE E 109 -8.18 15.35 -36.14
C ILE E 109 -6.68 15.56 -36.31
N PRO E 110 -5.88 15.30 -35.27
CA PRO E 110 -4.45 15.13 -35.46
C PRO E 110 -4.22 13.88 -36.32
N ILE E 111 -3.52 14.06 -37.43
CA ILE E 111 -3.20 12.97 -38.35
C ILE E 111 -1.75 12.58 -38.05
N ILE E 112 -1.65 11.43 -37.35
CA ILE E 112 -0.40 11.00 -36.71
C ILE E 112 0.27 9.95 -37.58
N THR E 113 1.50 10.23 -38.03
CA THR E 113 2.20 9.24 -38.82
C THR E 113 2.83 8.16 -37.91
N THR E 114 3.23 7.10 -38.55
CA THR E 114 3.84 5.93 -37.92
C THR E 114 5.13 5.59 -38.66
N CYS E 115 5.86 4.61 -38.17
CA CYS E 115 7.00 4.12 -38.94
C CYS E 115 6.61 3.81 -40.38
N SER E 116 5.52 3.07 -40.61
CA SER E 116 5.21 2.63 -41.98
C SER E 116 5.03 3.82 -42.90
N THR E 117 4.25 4.80 -42.47
CA THR E 117 3.83 5.89 -43.38
C THR E 117 4.90 6.94 -43.50
N GLU E 118 5.84 7.01 -42.56
CA GLU E 118 7.07 7.78 -42.73
C GLU E 118 8.00 7.07 -43.71
N VAL E 119 8.19 5.76 -43.61
CA VAL E 119 9.06 5.04 -44.54
C VAL E 119 8.54 5.19 -45.97
N ILE E 120 7.26 5.03 -46.21
CA ILE E 120 6.77 5.05 -47.60
C ILE E 120 6.59 6.49 -48.07
N GLY E 121 6.72 7.50 -47.25
CA GLY E 121 6.73 8.90 -47.71
C GLY E 121 5.38 9.41 -48.12
N ASP E 122 4.30 8.99 -47.50
CA ASP E 122 2.99 9.56 -47.80
C ASP E 122 3.04 11.07 -47.51
N ASP E 123 2.40 11.82 -48.37
CA ASP E 123 2.40 13.30 -48.25
C ASP E 123 1.21 13.71 -47.43
N ILE E 124 1.41 13.90 -46.13
CA ILE E 124 0.31 14.13 -45.20
C ILE E 124 -0.29 15.52 -45.47
N GLU E 125 0.56 16.50 -45.74
CA GLU E 125 0.08 17.88 -45.96
C GLU E 125 -0.77 17.92 -47.25
N GLY E 126 -0.37 17.14 -48.24
CA GLY E 126 -1.17 17.04 -49.49
C GLY E 126 -2.49 16.35 -49.21
N SER E 127 -2.51 15.26 -48.41
CA SER E 127 -3.78 14.67 -48.04
C SER E 127 -4.65 15.64 -47.28
N ILE E 128 -4.07 16.44 -46.40
CA ILE E 128 -4.87 17.45 -45.68
C ILE E 128 -5.49 18.44 -46.67
N ARG E 129 -4.76 18.88 -47.69
CA ARG E 129 -5.39 19.78 -48.66
C ARG E 129 -6.56 19.08 -49.36
N VAL E 130 -6.40 17.88 -49.76
CA VAL E 130 -7.50 17.07 -50.38
C VAL E 130 -8.68 17.00 -49.43
N CYS E 131 -8.40 16.67 -48.18
CA CYS E 131 -9.49 16.52 -47.20
C CYS E 131 -10.17 17.85 -46.92
N ASN E 132 -9.43 18.90 -46.84
CA ASN E 132 -10.03 20.23 -46.54
C ASN E 132 -11.00 20.57 -47.69
N ARG E 133 -10.51 20.39 -48.91
N ARG E 133 -10.61 20.34 -48.93
CA ARG E 133 -11.40 20.58 -50.04
CA ARG E 133 -11.58 20.67 -50.00
C ARG E 133 -12.67 19.75 -49.93
C ARG E 133 -12.76 19.70 -50.00
N ALA E 134 -12.55 18.46 -49.68
CA ALA E 134 -13.67 17.52 -49.64
C ALA E 134 -14.61 17.90 -48.51
N LEU E 135 -14.06 18.23 -47.35
CA LEU E 135 -14.87 18.58 -46.20
C LEU E 135 -15.60 19.90 -46.37
N GLU E 136 -14.96 20.86 -47.04
CA GLU E 136 -15.59 22.16 -47.26
C GLU E 136 -16.79 21.99 -48.20
N ALA E 137 -16.70 21.09 -49.15
CA ALA E 137 -17.79 20.83 -50.10
C ALA E 137 -18.91 20.02 -49.44
N GLU E 138 -18.56 19.00 -48.64
CA GLU E 138 -19.57 18.08 -48.09
C GLU E 138 -20.24 18.71 -46.89
N PHE E 139 -19.49 19.46 -46.08
CA PHE E 139 -19.97 20.00 -44.78
C PHE E 139 -19.68 21.50 -44.75
N PRO E 140 -20.40 22.29 -45.56
CA PRO E 140 -20.08 23.71 -45.63
C PRO E 140 -20.29 24.44 -44.28
N ASP E 141 -21.05 23.90 -43.34
CA ASP E 141 -21.27 24.53 -42.03
C ASP E 141 -20.41 24.01 -40.90
N ARG E 142 -19.43 23.18 -41.17
CA ARG E 142 -18.48 22.70 -40.15
C ARG E 142 -17.09 23.19 -40.50
N LYS E 143 -16.31 23.30 -39.44
CA LYS E 143 -14.89 23.50 -39.53
C LYS E 143 -14.23 22.37 -38.75
N ILE E 144 -13.41 21.58 -39.44
CA ILE E 144 -12.62 20.50 -38.83
C ILE E 144 -11.17 20.84 -39.05
N TYR E 145 -10.41 20.83 -37.95
CA TYR E 145 -8.99 21.17 -37.94
C TYR E 145 -8.17 19.88 -38.11
N LEU E 146 -7.43 19.77 -39.20
CA LEU E 146 -6.56 18.64 -39.50
C LEU E 146 -5.13 19.06 -39.24
N ALA E 147 -4.47 18.46 -38.26
CA ALA E 147 -3.10 18.82 -37.88
C ALA E 147 -2.15 17.72 -38.32
N PRO E 148 -1.13 18.05 -39.11
CA PRO E 148 -0.17 17.02 -39.48
C PRO E 148 0.81 16.76 -38.33
N VAL E 149 0.92 15.52 -37.93
CA VAL E 149 1.80 15.17 -36.80
C VAL E 149 2.79 14.11 -37.26
N HIS E 150 4.02 14.57 -37.46
CA HIS E 150 5.10 13.69 -37.97
C HIS E 150 5.81 13.00 -36.81
N THR E 151 5.53 11.74 -36.63
CA THR E 151 6.00 10.97 -35.45
C THR E 151 6.56 9.62 -35.90
N PRO E 152 7.63 9.62 -36.72
CA PRO E 152 8.30 8.33 -37.05
C PRO E 152 8.74 7.67 -35.72
N SER E 153 8.45 6.38 -35.58
CA SER E 153 8.74 5.71 -34.31
C SER E 153 10.19 5.33 -34.16
N PHE E 154 10.97 5.45 -35.23
CA PHE E 154 12.40 5.14 -35.21
C PHE E 154 13.23 6.37 -34.78
N LYS E 155 12.58 7.40 -34.25
CA LYS E 155 13.26 8.50 -33.55
C LYS E 155 12.54 8.72 -32.24
N GLY E 156 13.26 9.22 -31.24
CA GLY E 156 12.61 9.70 -30.01
C GLY E 156 11.79 8.61 -29.31
N SER E 157 10.65 9.00 -28.77
CA SER E 157 9.87 8.12 -27.92
C SER E 157 8.48 8.71 -27.75
N HIS E 158 7.64 8.12 -26.91
CA HIS E 158 6.33 8.75 -26.68
C HIS E 158 6.47 10.13 -26.05
N VAL E 159 7.56 10.38 -25.33
CA VAL E 159 7.74 11.71 -24.73
C VAL E 159 7.86 12.77 -25.87
N THR E 160 8.71 12.50 -26.82
CA THR E 160 8.91 13.44 -27.95
C THR E 160 7.63 13.48 -28.77
N GLY E 161 6.92 12.37 -28.94
CA GLY E 161 5.73 12.38 -29.75
C GLY E 161 4.63 13.19 -29.13
N TYR E 162 4.48 13.14 -27.81
CA TYR E 162 3.57 14.02 -27.08
C TYR E 162 3.89 15.49 -27.38
N ALA E 163 5.16 15.86 -27.18
CA ALA E 163 5.53 17.27 -27.39
C ALA E 163 5.27 17.67 -28.87
N GLU E 164 5.55 16.79 -29.81
CA GLU E 164 5.36 17.15 -31.23
C GLU E 164 3.87 17.34 -31.54
N CYS E 165 3.04 16.49 -31.02
CA CYS E 165 1.61 16.62 -31.28
C CYS E 165 1.04 17.88 -30.66
N VAL E 166 1.36 18.17 -29.39
CA VAL E 166 0.88 19.41 -28.79
C VAL E 166 1.29 20.59 -29.68
N LYS E 167 2.56 20.62 -30.09
CA LYS E 167 3.04 21.77 -30.87
C LYS E 167 2.31 21.85 -32.23
N SER E 168 2.11 20.72 -32.88
CA SER E 168 1.45 20.75 -34.20
C SER E 168 0.01 21.20 -34.07
N VAL E 169 -0.71 20.66 -33.11
CA VAL E 169 -2.11 21.08 -32.90
C VAL E 169 -2.18 22.58 -32.58
N PHE E 170 -1.32 23.06 -31.71
CA PHE E 170 -1.33 24.49 -31.39
C PHE E 170 -0.98 25.32 -32.65
N LYS E 171 0.00 24.88 -33.39
CA LYS E 171 0.33 25.62 -34.65
C LYS E 171 -0.91 25.64 -35.57
N THR E 172 -1.53 24.51 -35.77
CA THR E 172 -2.67 24.44 -36.69
C THR E 172 -3.81 25.36 -36.27
N ILE E 173 -4.21 25.28 -34.99
CA ILE E 173 -5.36 26.06 -34.53
C ILE E 173 -5.00 27.54 -34.48
N THR E 174 -3.83 27.89 -33.92
CA THR E 174 -3.48 29.31 -33.83
C THR E 174 -3.18 29.87 -35.23
N ASP E 175 -2.69 29.07 -36.17
CA ASP E 175 -2.52 29.58 -37.57
C ASP E 175 -3.89 30.05 -38.06
N ALA E 176 -4.96 29.31 -37.78
CA ALA E 176 -6.31 29.61 -38.31
C ALA E 176 -6.92 30.83 -37.63
N HIS E 177 -6.66 31.06 -36.35
N HIS E 177 -6.60 31.12 -36.38
CA HIS E 177 -7.31 32.12 -35.54
CA HIS E 177 -7.31 32.17 -35.62
C HIS E 177 -6.46 33.37 -35.38
C HIS E 177 -6.46 33.39 -35.32
N GLY E 178 -5.14 33.24 -35.23
CA GLY E 178 -4.25 34.37 -35.00
C GLY E 178 -4.41 35.00 -33.64
N LYS E 179 -3.82 36.14 -33.48
CA LYS E 179 -3.82 36.90 -32.24
C LYS E 179 -4.96 37.88 -32.26
N GLY E 180 -5.54 38.11 -31.09
CA GLY E 180 -6.67 38.98 -30.95
C GLY E 180 -6.70 39.70 -29.64
N GLN E 181 -7.81 39.57 -28.91
N GLN E 181 -7.84 39.63 -28.94
CA GLN E 181 -8.02 40.31 -27.65
CA GLN E 181 -7.95 40.36 -27.65
C GLN E 181 -7.23 39.67 -26.51
C GLN E 181 -7.09 39.65 -26.61
N PRO E 182 -6.32 40.42 -25.82
CA PRO E 182 -5.61 39.82 -24.70
C PRO E 182 -6.57 39.17 -23.73
N SER E 183 -6.22 37.97 -23.26
CA SER E 183 -7.16 37.23 -22.43
C SER E 183 -6.98 37.50 -20.92
N GLY E 184 -5.81 37.95 -20.55
CA GLY E 184 -5.44 38.07 -19.11
C GLY E 184 -5.11 36.75 -18.44
N LYS E 185 -5.05 35.66 -19.19
CA LYS E 185 -4.83 34.30 -18.64
C LYS E 185 -3.41 33.87 -18.84
N LEU E 186 -2.99 32.91 -17.99
CA LEU E 186 -1.78 32.15 -18.28
C LEU E 186 -2.09 30.97 -19.20
N ASN E 187 -1.12 30.62 -20.03
CA ASN E 187 -1.06 29.27 -20.64
C ASN E 187 -0.28 28.43 -19.65
N VAL E 188 -0.70 27.19 -19.40
CA VAL E 188 0.05 26.27 -18.54
C VAL E 188 0.19 24.94 -19.29
N PHE E 189 1.43 24.52 -19.49
CA PHE E 189 1.75 23.20 -20.07
C PHE E 189 2.35 22.38 -18.94
N PRO E 190 1.54 21.54 -18.26
CA PRO E 190 2.08 20.77 -17.16
C PRO E 190 2.89 19.56 -17.62
N GLY E 191 2.79 19.21 -18.90
CA GLY E 191 3.40 18.00 -19.41
C GLY E 191 2.45 16.83 -19.21
N TRP E 192 3.05 15.65 -19.25
CA TRP E 192 2.34 14.35 -19.15
C TRP E 192 2.18 14.01 -17.67
N VAL E 193 1.04 14.36 -17.15
CA VAL E 193 0.73 14.23 -15.71
C VAL E 193 -0.63 13.54 -15.56
N ASN E 194 -1.00 13.23 -14.33
CA ASN E 194 -2.27 12.54 -14.09
C ASN E 194 -3.40 13.53 -13.88
N PRO E 195 -4.65 13.06 -14.02
CA PRO E 195 -5.80 13.89 -13.62
C PRO E 195 -5.66 14.52 -12.22
N GLY E 196 -5.12 13.79 -11.26
CA GLY E 196 -4.93 14.37 -9.92
C GLY E 196 -3.96 15.52 -9.91
N ASP E 197 -2.97 15.51 -10.77
CA ASP E 197 -2.02 16.64 -10.91
C ASP E 197 -2.76 17.88 -11.44
N VAL E 198 -3.62 17.65 -12.43
CA VAL E 198 -4.42 18.75 -13.03
C VAL E 198 -5.36 19.32 -11.95
N VAL E 199 -6.04 18.47 -11.16
CA VAL E 199 -6.92 18.95 -10.10
C VAL E 199 -6.13 19.84 -9.13
N LEU E 200 -4.92 19.43 -8.77
CA LEU E 200 -4.12 20.23 -7.83
C LEU E 200 -3.72 21.57 -8.45
N LEU E 201 -3.31 21.58 -9.72
CA LEU E 201 -2.92 22.85 -10.35
C LEU E 201 -4.13 23.77 -10.39
N LYS E 202 -5.30 23.26 -10.79
CA LYS E 202 -6.47 24.14 -10.86
C LYS E 202 -6.71 24.79 -9.49
N ARG E 203 -6.56 24.03 -8.42
CA ARG E 203 -6.77 24.58 -7.10
C ARG E 203 -5.75 25.67 -6.79
N TYR E 204 -4.50 25.44 -7.12
CA TYR E 204 -3.46 26.45 -6.87
C TYR E 204 -3.81 27.76 -7.59
N PHE E 205 -4.18 27.66 -8.84
CA PHE E 205 -4.52 28.90 -9.59
C PHE E 205 -5.76 29.55 -8.97
N LYS E 206 -6.75 28.79 -8.60
CA LYS E 206 -7.95 29.36 -8.02
C LYS E 206 -7.60 30.06 -6.71
N GLU E 207 -6.83 29.44 -5.87
CA GLU E 207 -6.47 30.06 -4.57
C GLU E 207 -5.62 31.29 -4.77
N MET E 208 -4.81 31.35 -5.81
CA MET E 208 -3.97 32.50 -6.10
C MET E 208 -4.72 33.55 -6.95
N ASP E 209 -5.96 33.29 -7.29
CA ASP E 209 -6.77 34.24 -8.12
C ASP E 209 -6.13 34.49 -9.47
N VAL E 210 -5.62 33.44 -10.10
CA VAL E 210 -4.94 33.51 -11.40
C VAL E 210 -5.77 32.75 -12.40
N GLU E 211 -6.24 33.40 -13.47
CA GLU E 211 -6.93 32.68 -14.55
C GLU E 211 -5.89 31.99 -15.42
N ALA E 212 -6.17 30.74 -15.76
CA ALA E 212 -5.20 29.91 -16.50
C ALA E 212 -5.94 28.87 -17.31
N ASN E 213 -5.40 28.55 -18.49
CA ASN E 213 -5.79 27.31 -19.19
C ASN E 213 -4.66 26.31 -19.01
N ILE E 214 -5.08 25.10 -18.62
CA ILE E 214 -4.15 23.95 -18.48
C ILE E 214 -4.27 23.08 -19.71
N TYR E 215 -3.15 22.91 -20.41
CA TYR E 215 -3.14 22.22 -21.71
C TYR E 215 -2.41 20.91 -21.56
N MET E 216 -3.09 19.75 -21.69
CA MET E 216 -4.50 19.57 -21.88
C MET E 216 -5.21 19.30 -20.55
N ASP E 217 -6.48 19.62 -20.50
CA ASP E 217 -7.25 19.47 -19.27
C ASP E 217 -7.85 18.07 -19.28
N THR E 218 -7.22 17.17 -18.53
CA THR E 218 -7.54 15.75 -18.50
C THR E 218 -8.29 15.38 -17.20
N GLU E 219 -8.80 16.36 -16.46
CA GLU E 219 -9.48 16.05 -15.18
C GLU E 219 -10.60 15.06 -15.42
N ASP E 220 -11.39 15.26 -16.47
CA ASP E 220 -12.59 14.45 -16.67
C ASP E 220 -12.32 13.06 -17.27
N PHE E 221 -11.04 12.72 -17.43
CA PHE E 221 -10.69 11.33 -17.76
C PHE E 221 -11.19 10.39 -16.65
N ASP E 222 -11.18 10.87 -15.40
CA ASP E 222 -11.78 10.08 -14.29
C ASP E 222 -13.26 10.38 -14.22
N SER E 223 -14.03 9.74 -15.09
CA SER E 223 -15.41 10.14 -15.32
C SER E 223 -16.35 9.35 -14.42
N PRO E 224 -17.49 9.94 -14.05
CA PRO E 224 -18.46 9.23 -13.24
C PRO E 224 -19.25 8.18 -14.01
N MET E 225 -19.79 7.22 -13.28
CA MET E 225 -20.87 6.31 -13.72
C MET E 225 -22.15 6.98 -13.24
N LEU E 226 -22.92 7.59 -14.12
CA LEU E 226 -24.04 8.49 -13.73
C LEU E 226 -25.38 7.85 -13.90
N PRO E 227 -26.37 8.34 -13.15
CA PRO E 227 -27.70 7.76 -13.26
C PRO E 227 -28.27 7.82 -14.69
N ASN E 228 -27.93 8.87 -15.42
CA ASN E 228 -28.51 9.04 -16.78
C ASN E 228 -27.67 8.33 -17.84
N LYS E 229 -26.65 7.57 -17.48
CA LYS E 229 -25.85 6.73 -18.40
C LYS E 229 -25.04 7.60 -19.38
N SER E 230 -24.79 8.85 -19.06
N SER E 230 -24.84 8.87 -19.06
CA SER E 230 -24.06 9.74 -19.99
CA SER E 230 -24.03 9.78 -19.89
C SER E 230 -22.55 9.52 -19.84
C SER E 230 -22.57 9.29 -19.89
N ILE E 231 -21.85 9.66 -20.95
CA ILE E 231 -20.39 9.43 -21.06
C ILE E 231 -19.70 10.77 -21.03
N GLU E 232 -18.89 11.02 -20.03
CA GLU E 232 -18.27 12.35 -19.82
C GLU E 232 -16.75 12.21 -19.86
N THR E 233 -16.23 11.10 -20.41
CA THR E 233 -14.79 10.78 -20.42
C THR E 233 -14.06 11.54 -21.52
N HIS E 234 -13.93 12.83 -21.39
N HIS E 234 -14.23 12.86 -21.51
CA HIS E 234 -13.43 13.56 -22.54
CA HIS E 234 -13.79 13.83 -22.57
C HIS E 234 -12.44 14.57 -22.07
C HIS E 234 -12.49 14.49 -22.10
N GLY E 235 -11.57 14.86 -23.00
CA GLY E 235 -10.71 16.01 -22.82
C GLY E 235 -11.53 17.27 -22.69
N ARG E 236 -11.05 18.22 -21.94
CA ARG E 236 -11.80 19.46 -21.73
C ARG E 236 -11.18 20.64 -22.46
N THR E 237 -10.00 20.49 -23.01
CA THR E 237 -9.38 21.60 -23.75
C THR E 237 -10.09 21.71 -25.10
N THR E 238 -10.67 22.89 -25.36
CA THR E 238 -11.38 23.11 -26.61
C THR E 238 -10.50 23.80 -27.66
N VAL E 239 -11.04 23.79 -28.91
CA VAL E 239 -10.45 24.63 -29.96
C VAL E 239 -10.23 26.05 -29.47
N GLU E 240 -11.31 26.59 -28.87
CA GLU E 240 -11.30 27.98 -28.41
C GLU E 240 -10.21 28.19 -27.37
N ASP E 241 -10.08 27.25 -26.44
CA ASP E 241 -9.01 27.34 -25.41
C ASP E 241 -7.64 27.37 -26.05
N ILE E 242 -7.43 26.46 -27.03
CA ILE E 242 -6.12 26.40 -27.72
C ILE E 242 -5.85 27.72 -28.50
N ALA E 243 -6.87 28.17 -29.25
CA ALA E 243 -6.71 29.41 -30.02
C ALA E 243 -6.39 30.58 -29.10
N ASP E 244 -6.95 30.61 -27.88
CA ASP E 244 -6.72 31.72 -26.95
C ASP E 244 -5.31 31.70 -26.41
N SER E 245 -4.52 30.68 -26.64
CA SER E 245 -3.13 30.64 -26.16
C SER E 245 -2.28 31.77 -26.77
N ALA E 246 -2.69 32.25 -27.95
CA ALA E 246 -1.98 33.35 -28.64
C ALA E 246 -2.16 34.68 -27.86
N ASN E 247 -3.16 34.72 -27.00
CA ASN E 247 -3.62 35.94 -26.31
C ASN E 247 -3.20 36.00 -24.84
N ALA E 248 -2.47 35.02 -24.37
CA ALA E 248 -2.13 34.89 -22.96
C ALA E 248 -1.16 35.96 -22.50
N LEU E 249 -1.17 36.18 -21.20
CA LEU E 249 -0.20 37.08 -20.56
C LEU E 249 1.20 36.47 -20.60
N ALA E 250 1.29 35.14 -20.45
CA ALA E 250 2.54 34.42 -20.36
C ALA E 250 2.19 32.93 -20.46
N THR E 251 3.22 32.16 -20.75
CA THR E 251 3.16 30.68 -20.67
C THR E 251 4.03 30.26 -19.50
N LEU E 252 3.46 29.32 -18.71
CA LEU E 252 4.22 28.61 -17.66
C LEU E 252 4.40 27.19 -18.19
N SER E 253 5.61 26.83 -18.49
CA SER E 253 5.95 25.50 -18.97
C SER E 253 6.60 24.75 -17.81
N LEU E 254 6.00 23.65 -17.41
CA LEU E 254 6.50 22.87 -16.26
C LEU E 254 7.38 21.72 -16.69
N ALA E 255 7.48 21.41 -17.97
CA ALA E 255 8.13 20.20 -18.42
C ALA E 255 8.94 20.52 -19.65
N ARG E 256 10.25 20.52 -19.52
CA ARG E 256 11.16 20.83 -20.62
C ARG E 256 10.90 19.91 -21.80
N TYR E 257 10.64 18.64 -21.57
CA TYR E 257 10.53 17.66 -22.67
C TYR E 257 9.07 17.37 -23.02
N GLU E 258 8.14 18.03 -22.39
CA GLU E 258 6.69 17.73 -22.55
C GLU E 258 5.87 19.00 -22.69
N GLY E 259 6.27 19.88 -23.62
CA GLY E 259 5.40 21.03 -23.98
C GLY E 259 6.11 22.35 -23.97
N ASN E 260 7.29 22.44 -23.39
CA ASN E 260 8.03 23.71 -23.43
C ASN E 260 8.23 24.16 -24.89
N THR E 261 8.41 23.24 -25.85
CA THR E 261 8.59 23.69 -27.24
C THR E 261 7.33 24.37 -27.76
N THR E 262 6.15 24.08 -27.27
CA THR E 262 4.95 24.82 -27.64
C THR E 262 4.99 26.21 -26.99
N GLY E 263 5.40 26.30 -25.74
CA GLY E 263 5.57 27.63 -25.12
C GLY E 263 6.55 28.45 -25.94
N GLU E 264 7.64 27.86 -26.37
CA GLU E 264 8.62 28.58 -27.21
C GLU E 264 8.00 29.03 -28.54
N LEU E 265 7.23 28.18 -29.16
CA LEU E 265 6.59 28.55 -30.44
C LEU E 265 5.64 29.71 -30.20
N LEU E 266 4.85 29.72 -29.15
CA LEU E 266 3.93 30.83 -28.90
C LEU E 266 4.70 32.11 -28.60
N GLN E 267 5.86 32.00 -27.99
CA GLN E 267 6.68 33.21 -27.76
C GLN E 267 7.17 33.72 -29.14
N LYS E 268 7.71 32.87 -29.96
CA LYS E 268 8.23 33.28 -31.27
C LYS E 268 7.10 33.89 -32.12
N THR E 269 5.94 33.26 -32.15
CA THR E 269 4.89 33.60 -33.10
C THR E 269 4.07 34.81 -32.60
N PHE E 270 3.76 34.85 -31.31
CA PHE E 270 2.78 35.80 -30.75
C PHE E 270 3.35 36.67 -29.66
N ALA E 271 4.63 36.53 -29.36
CA ALA E 271 5.26 37.35 -28.30
C ALA E 271 4.61 37.09 -26.94
N VAL E 272 4.12 35.86 -26.71
CA VAL E 272 3.68 35.45 -25.36
C VAL E 272 4.93 35.00 -24.62
N PRO E 273 5.39 35.66 -23.57
CA PRO E 273 6.63 35.24 -22.93
C PRO E 273 6.49 33.86 -22.26
N ASN E 274 7.46 32.99 -22.57
CA ASN E 274 7.48 31.63 -22.01
C ASN E 274 8.42 31.56 -20.80
N ALA E 275 7.92 30.97 -19.73
CA ALA E 275 8.68 30.76 -18.50
C ALA E 275 8.74 29.24 -18.25
N LEU E 276 9.90 28.67 -18.53
CA LEU E 276 10.17 27.26 -18.21
C LEU E 276 10.67 27.21 -16.78
N VAL E 277 10.05 26.36 -15.96
CA VAL E 277 10.52 26.16 -14.58
C VAL E 277 10.76 24.68 -14.38
N ASN E 278 11.47 24.35 -13.28
CA ASN E 278 11.60 22.95 -12.91
C ASN E 278 10.24 22.35 -12.67
N THR E 279 10.06 21.11 -13.14
CA THR E 279 8.81 20.41 -12.93
C THR E 279 8.59 20.32 -11.41
N PRO E 280 7.38 20.65 -10.95
CA PRO E 280 7.15 20.84 -9.50
C PRO E 280 6.96 19.56 -8.69
N TYR E 281 7.99 18.75 -8.68
CA TYR E 281 8.09 17.58 -7.79
C TYR E 281 8.93 18.06 -6.60
N GLY E 282 8.39 17.88 -5.42
CA GLY E 282 9.06 18.28 -4.18
C GLY E 282 8.75 19.71 -3.81
N ILE E 283 9.33 20.10 -2.68
CA ILE E 283 9.00 21.38 -2.04
C ILE E 283 9.66 22.55 -2.79
N LYS E 284 10.96 22.54 -2.94
CA LYS E 284 11.64 23.70 -3.57
C LYS E 284 11.07 23.92 -4.97
N ASN E 285 10.91 22.87 -5.75
CA ASN E 285 10.41 23.10 -7.13
C ASN E 285 9.01 23.67 -7.11
N THR E 286 8.15 23.28 -6.19
CA THR E 286 6.83 23.88 -6.08
C THR E 286 6.97 25.35 -5.63
N ASP E 287 7.80 25.64 -4.64
CA ASP E 287 8.02 27.01 -4.20
C ASP E 287 8.38 27.87 -5.42
N ASP E 288 9.35 27.39 -6.19
CA ASP E 288 9.88 28.24 -7.29
C ASP E 288 8.86 28.38 -8.42
N MET E 289 8.01 27.38 -8.63
CA MET E 289 6.90 27.53 -9.60
C MET E 289 5.96 28.64 -9.11
N LEU E 290 5.59 28.61 -7.83
CA LEU E 290 4.68 29.64 -7.32
C LEU E 290 5.35 31.02 -7.35
N ARG E 291 6.63 31.11 -7.09
CA ARG E 291 7.32 32.42 -7.19
C ARG E 291 7.25 32.91 -8.64
N LYS E 292 7.44 32.02 -9.63
CA LYS E 292 7.35 32.48 -11.02
C LYS E 292 5.93 32.93 -11.37
N ILE E 293 4.92 32.22 -10.91
CA ILE E 293 3.52 32.63 -11.16
C ILE E 293 3.30 34.02 -10.54
N ALA E 294 3.77 34.26 -9.34
CA ALA E 294 3.62 35.56 -8.68
C ALA E 294 4.31 36.61 -9.53
N GLU E 295 5.51 36.36 -9.99
CA GLU E 295 6.30 37.35 -10.77
C GLU E 295 5.52 37.73 -12.02
N VAL E 296 5.04 36.74 -12.76
CA VAL E 296 4.46 36.97 -14.08
C VAL E 296 3.09 37.65 -13.94
N THR E 297 2.37 37.35 -12.87
CA THR E 297 0.96 37.81 -12.70
C THR E 297 0.86 39.05 -11.82
N GLY E 298 1.83 39.28 -10.94
CA GLY E 298 1.76 40.34 -9.92
C GLY E 298 0.85 39.93 -8.78
N LYS E 299 0.38 38.66 -8.72
CA LYS E 299 -0.53 38.19 -7.65
C LYS E 299 0.33 37.60 -6.51
N GLU E 300 -0.13 37.76 -5.28
N GLU E 300 -0.04 37.84 -5.26
CA GLU E 300 0.53 37.21 -4.07
CA GLU E 300 0.69 37.25 -4.12
C GLU E 300 0.33 35.70 -4.00
C GLU E 300 0.34 35.77 -3.95
N ILE E 301 1.31 35.02 -3.43
CA ILE E 301 1.07 33.62 -3.06
C ILE E 301 0.15 33.62 -1.85
N PRO E 302 -0.96 32.89 -1.86
CA PRO E 302 -1.90 32.89 -0.75
C PRO E 302 -1.44 32.12 0.51
N GLU E 303 -2.00 32.54 1.64
CA GLU E 303 -1.79 31.84 2.94
C GLU E 303 -2.18 30.36 2.82
N SER E 304 -3.20 30.02 2.02
CA SER E 304 -3.63 28.63 1.91
C SER E 304 -2.49 27.74 1.40
N LEU E 305 -1.63 28.23 0.54
CA LEU E 305 -0.52 27.44 0.01
C LEU E 305 0.62 27.34 1.03
N VAL E 306 0.85 28.40 1.79
CA VAL E 306 1.78 28.31 2.95
C VAL E 306 1.31 27.15 3.87
N ARG E 307 0.04 27.10 4.15
CA ARG E 307 -0.53 26.02 5.01
C ARG E 307 -0.35 24.65 4.40
N GLU E 308 -0.70 24.49 3.12
CA GLU E 308 -0.59 23.20 2.48
C GLU E 308 0.88 22.74 2.50
N ARG E 309 1.78 23.65 2.21
CA ARG E 309 3.22 23.39 2.29
C ARG E 309 3.61 22.93 3.70
N GLY E 310 3.12 23.64 4.68
CA GLY E 310 3.45 23.30 6.07
C GLY E 310 2.91 21.95 6.47
N ILE E 311 1.71 21.59 6.03
CA ILE E 311 1.15 20.25 6.32
C ILE E 311 2.01 19.18 5.65
N ALA E 312 2.44 19.43 4.41
CA ALA E 312 3.32 18.48 3.73
C ALA E 312 4.66 18.31 4.48
N LEU E 313 5.25 19.43 4.87
CA LEU E 313 6.54 19.33 5.59
C LEU E 313 6.33 18.58 6.92
N ASP E 314 5.23 18.83 7.61
CA ASP E 314 4.97 18.17 8.89
C ASP E 314 4.95 16.66 8.68
N ALA E 315 4.27 16.23 7.63
CA ALA E 315 4.11 14.81 7.33
C ALA E 315 5.46 14.19 6.94
N LEU E 316 6.21 14.89 6.10
CA LEU E 316 7.49 14.34 5.63
C LEU E 316 8.48 14.29 6.79
N ALA E 317 8.38 15.20 7.74
CA ALA E 317 9.31 15.22 8.90
C ALA E 317 9.09 13.99 9.78
N ASP E 318 7.92 13.41 9.78
CA ASP E 318 7.67 12.16 10.50
C ASP E 318 8.40 10.96 9.90
N LEU E 319 8.92 11.12 8.66
CA LEU E 319 9.44 10.01 7.87
C LEU E 319 10.93 10.11 7.60
N ALA E 320 11.44 11.31 7.35
CA ALA E 320 12.73 11.46 6.68
C ALA E 320 13.92 10.87 7.43
N HIS E 321 14.23 11.34 8.64
CA HIS E 321 15.40 10.79 9.33
C HIS E 321 15.11 9.41 9.93
N MET E 322 13.89 9.11 10.23
CA MET E 322 13.55 7.81 10.83
C MET E 322 13.65 6.71 9.80
N PHE E 323 12.94 6.86 8.65
CA PHE E 323 12.80 5.75 7.69
C PHE E 323 13.54 5.96 6.39
N PHE E 324 13.85 7.20 5.99
CA PHE E 324 14.37 7.42 4.64
C PHE E 324 15.86 7.60 4.61
N ALA E 325 16.45 8.19 5.66
CA ALA E 325 17.84 8.60 5.54
C ALA E 325 18.73 7.45 5.14
N ASN E 326 19.61 7.74 4.19
CA ASN E 326 20.62 6.82 3.67
C ASN E 326 20.04 5.65 2.91
N LYS E 327 18.76 5.66 2.59
CA LYS E 327 18.20 4.59 1.77
C LYS E 327 18.42 4.89 0.28
N LYS E 328 18.79 3.88 -0.47
N LYS E 328 18.69 3.82 -0.49
CA LYS E 328 19.17 4.11 -1.85
CA LYS E 328 19.20 3.83 -1.88
C LYS E 328 17.94 3.84 -2.73
C LYS E 328 18.03 3.63 -2.87
N VAL E 329 17.82 4.65 -3.73
CA VAL E 329 16.65 4.68 -4.63
C VAL E 329 17.09 4.61 -6.10
N ALA E 330 16.36 3.85 -6.89
CA ALA E 330 16.42 3.94 -8.34
C ALA E 330 15.11 4.50 -8.84
N ILE E 331 15.21 5.41 -9.84
CA ILE E 331 14.00 6.09 -10.40
C ILE E 331 14.03 5.95 -11.90
N PHE E 332 12.90 5.61 -12.49
CA PHE E 332 12.79 5.62 -13.96
C PHE E 332 11.44 6.16 -14.35
N GLY E 333 11.42 6.68 -15.59
CA GLY E 333 10.21 7.35 -16.10
C GLY E 333 10.59 8.48 -17.05
N HIS E 334 9.63 9.31 -17.31
CA HIS E 334 9.85 10.48 -18.21
C HIS E 334 10.96 11.32 -17.63
N PRO E 335 11.78 12.00 -18.46
CA PRO E 335 12.91 12.76 -17.92
C PRO E 335 12.55 13.87 -16.94
N ASP E 336 11.49 14.62 -17.19
CA ASP E 336 11.12 15.68 -16.22
C ASP E 336 10.76 15.07 -14.87
N LEU E 337 10.07 13.94 -14.88
CA LEU E 337 9.65 13.23 -13.67
C LEU E 337 10.88 12.64 -12.96
N VAL E 338 11.81 12.03 -13.69
CA VAL E 338 12.97 11.41 -13.06
C VAL E 338 13.79 12.46 -12.35
N LEU E 339 14.09 13.57 -13.05
CA LEU E 339 14.92 14.61 -12.49
C LEU E 339 14.20 15.29 -11.34
N GLY E 340 12.93 15.57 -11.46
CA GLY E 340 12.19 16.18 -10.37
C GLY E 340 12.10 15.27 -9.16
N LEU E 341 11.78 14.00 -9.36
CA LEU E 341 11.69 13.07 -8.21
C LEU E 341 13.04 12.92 -7.56
N ALA E 342 14.14 12.96 -8.30
CA ALA E 342 15.47 12.87 -7.65
C ALA E 342 15.63 14.03 -6.66
N GLN E 343 15.21 15.23 -7.06
CA GLN E 343 15.29 16.38 -6.16
C GLN E 343 14.39 16.20 -4.96
N PHE E 344 13.16 15.80 -5.15
CA PHE E 344 12.25 15.49 -4.02
C PHE E 344 12.88 14.47 -3.08
N CYS E 345 13.45 13.42 -3.62
CA CYS E 345 14.03 12.38 -2.75
C CYS E 345 15.09 12.96 -1.84
N MET E 346 15.93 13.84 -2.35
CA MET E 346 17.00 14.38 -1.50
C MET E 346 16.42 15.30 -0.44
N GLU E 347 15.32 15.98 -0.66
CA GLU E 347 14.69 16.82 0.37
C GLU E 347 14.27 15.97 1.59
N VAL E 348 13.98 14.71 1.39
CA VAL E 348 13.51 13.83 2.47
C VAL E 348 14.57 12.81 2.86
N GLU E 349 15.84 13.08 2.49
CA GLU E 349 17.05 12.32 2.90
C GLU E 349 17.16 10.96 2.19
N LEU E 350 16.35 10.67 1.17
CA LEU E 350 16.60 9.52 0.31
C LEU E 350 17.79 9.81 -0.58
N GLU E 351 18.41 8.75 -1.09
CA GLU E 351 19.60 8.88 -1.95
C GLU E 351 19.32 8.23 -3.27
N PRO E 352 18.94 9.03 -4.30
CA PRO E 352 18.63 8.52 -5.63
C PRO E 352 19.95 8.25 -6.40
N VAL E 353 20.44 7.05 -6.30
CA VAL E 353 21.76 6.64 -6.81
C VAL E 353 21.72 6.22 -8.27
N LEU E 354 20.52 5.91 -8.79
CA LEU E 354 20.40 5.43 -10.19
C LEU E 354 19.17 6.03 -10.80
N LEU E 355 19.39 6.84 -11.82
CA LEU E 355 18.30 7.48 -12.58
C LEU E 355 18.34 6.94 -14.00
N LEU E 356 17.22 6.46 -14.49
CA LEU E 356 17.14 5.88 -15.82
CA LEU E 356 17.09 5.82 -15.81
C LEU E 356 16.14 6.66 -16.66
N ILE E 357 16.62 7.14 -17.80
CA ILE E 357 15.83 7.89 -18.78
C ILE E 357 15.91 7.16 -20.10
N GLY E 358 14.77 6.97 -20.74
CA GLY E 358 14.61 5.87 -21.70
C GLY E 358 14.69 6.14 -23.17
N ASP E 359 15.28 7.24 -23.64
CA ASP E 359 15.31 7.50 -25.08
C ASP E 359 16.58 8.16 -25.52
N ASP E 360 16.61 8.44 -26.82
CA ASP E 360 17.78 8.89 -27.58
C ASP E 360 18.03 10.39 -27.44
N GLN E 361 17.53 11.08 -26.42
CA GLN E 361 17.62 12.54 -26.30
C GLN E 361 18.75 12.98 -25.37
N GLY E 362 19.77 12.17 -25.24
CA GLY E 362 20.90 12.46 -24.34
C GLY E 362 21.60 13.79 -24.60
N ASN E 363 21.63 14.26 -25.84
CA ASN E 363 22.26 15.55 -26.12
C ASN E 363 21.52 16.64 -25.35
N LYS E 364 20.21 16.50 -25.24
CA LYS E 364 19.43 17.47 -24.48
C LYS E 364 19.62 17.25 -22.99
N TYR E 365 19.60 16.01 -22.53
CA TYR E 365 19.64 15.73 -21.09
C TYR E 365 20.95 16.24 -20.52
N LYS E 366 22.05 16.13 -21.26
CA LYS E 366 23.37 16.58 -20.73
C LYS E 366 23.34 18.06 -20.39
N LYS E 367 22.49 18.84 -21.03
CA LYS E 367 22.39 20.29 -20.84
C LYS E 367 21.30 20.65 -19.85
N ASP E 368 20.60 19.68 -19.25
CA ASP E 368 19.48 20.03 -18.36
C ASP E 368 20.08 20.66 -17.10
N PRO E 369 19.62 21.85 -16.70
CA PRO E 369 20.20 22.47 -15.50
C PRO E 369 19.98 21.68 -14.23
N ARG E 370 19.03 20.77 -14.21
CA ARG E 370 18.79 20.01 -12.98
C ARG E 370 19.93 19.02 -12.79
N ILE E 371 20.65 18.61 -13.81
CA ILE E 371 21.84 17.70 -13.65
CA ILE E 371 21.75 17.64 -13.56
C ILE E 371 22.86 18.42 -12.82
N GLU E 372 23.13 19.68 -13.17
CA GLU E 372 24.08 20.51 -12.40
C GLU E 372 23.57 20.66 -10.98
N GLU E 373 22.28 20.91 -10.78
CA GLU E 373 21.67 21.05 -9.43
C GLU E 373 21.98 19.77 -8.62
N LEU E 374 21.84 18.60 -9.23
CA LEU E 374 22.16 17.33 -8.54
C LEU E 374 23.66 17.28 -8.27
N LYS E 375 24.51 17.59 -9.26
CA LYS E 375 26.00 17.54 -9.06
C LYS E 375 26.42 18.41 -7.88
N ASN E 376 25.70 19.51 -7.68
CA ASN E 376 26.09 20.50 -6.66
C ASN E 376 25.54 20.13 -5.29
N THR E 377 24.63 19.18 -5.17
CA THR E 377 24.01 18.81 -3.88
C THR E 377 24.41 17.40 -3.47
N ALA E 378 24.52 16.44 -4.34
CA ALA E 378 24.56 15.02 -3.94
C ALA E 378 25.87 14.76 -3.20
N HIS E 379 25.77 13.96 -2.14
CA HIS E 379 26.95 13.47 -1.36
C HIS E 379 27.25 12.00 -1.63
N PHE E 380 26.62 11.47 -2.61
CA PHE E 380 26.73 10.05 -3.04
C PHE E 380 26.82 10.08 -4.56
N ASP E 381 27.47 9.08 -5.10
CA ASP E 381 27.52 8.93 -6.56
C ASP E 381 26.10 8.75 -7.11
N ILE E 382 25.82 9.34 -8.26
CA ILE E 382 24.58 9.11 -9.02
C ILE E 382 24.98 8.68 -10.41
N GLU E 383 24.43 7.57 -10.88
CA GLU E 383 24.54 7.17 -12.29
C GLU E 383 23.22 7.52 -12.96
N ILE E 384 23.32 8.32 -14.02
CA ILE E 384 22.17 8.66 -14.88
C ILE E 384 22.38 7.94 -16.18
N VAL E 385 21.58 6.92 -16.45
CA VAL E 385 21.67 6.15 -17.68
C VAL E 385 20.62 6.68 -18.63
N HIS E 386 21.07 7.24 -19.76
CA HIS E 386 20.13 7.67 -20.83
C HIS E 386 20.09 6.63 -21.94
N ASN E 387 19.07 6.71 -22.77
CA ASN E 387 18.77 5.65 -23.72
C ASN E 387 18.59 4.32 -22.97
N ALA E 388 18.16 4.38 -21.73
CA ALA E 388 18.04 3.17 -20.91
C ALA E 388 16.81 2.35 -21.28
N ASP E 389 16.91 1.04 -21.11
CA ASP E 389 15.76 0.16 -21.00
C ASP E 389 15.67 -0.34 -19.57
N LEU E 390 14.65 -1.15 -19.26
CA LEU E 390 14.48 -1.61 -17.89
C LEU E 390 15.37 -2.81 -17.63
N TRP E 391 15.89 -3.45 -18.63
CA TRP E 391 16.92 -4.45 -18.38
C TRP E 391 18.15 -3.80 -17.76
N GLU E 392 18.46 -2.55 -18.08
CA GLU E 392 19.59 -1.88 -17.43
C GLU E 392 19.41 -1.87 -15.91
N LEU E 393 18.20 -1.69 -15.43
CA LEU E 393 17.98 -1.74 -13.96
C LEU E 393 18.18 -3.17 -13.45
N GLU E 394 17.52 -4.13 -14.07
CA GLU E 394 17.57 -5.52 -13.62
C GLU E 394 19.00 -6.05 -13.63
N LYS E 395 19.76 -5.74 -14.68
CA LYS E 395 21.14 -6.22 -14.80
C LYS E 395 21.96 -5.61 -13.67
N ARG E 396 21.78 -4.34 -13.36
CA ARG E 396 22.57 -3.72 -12.29
C ARG E 396 22.25 -4.33 -10.94
N ILE E 397 20.99 -4.62 -10.68
CA ILE E 397 20.61 -5.36 -9.45
C ILE E 397 21.24 -6.73 -9.45
N ASN E 398 21.20 -7.43 -10.54
CA ASN E 398 21.82 -8.76 -10.63
C ASN E 398 23.33 -8.73 -10.33
N ALA E 399 23.97 -7.64 -10.72
CA ALA E 399 25.44 -7.47 -10.55
C ALA E 399 25.73 -6.97 -9.16
N GLY E 400 24.79 -6.73 -8.31
CA GLY E 400 25.01 -6.40 -6.89
C GLY E 400 24.62 -5.01 -6.45
N LEU E 401 23.95 -4.23 -7.27
CA LEU E 401 23.51 -2.92 -6.80
C LEU E 401 22.48 -3.09 -5.68
N GLN E 402 22.75 -2.49 -4.51
CA GLN E 402 21.83 -2.63 -3.36
C GLN E 402 20.88 -1.40 -3.35
N LEU E 403 19.61 -1.67 -3.52
CA LEU E 403 18.54 -0.68 -3.54
C LEU E 403 17.57 -0.96 -2.42
N ASP E 404 17.09 0.11 -1.80
CA ASP E 404 16.02 0.04 -0.83
C ASP E 404 14.65 0.37 -1.41
N LEU E 405 14.60 0.99 -2.59
CA LEU E 405 13.34 1.47 -3.17
C LEU E 405 13.55 1.63 -4.65
N ILE E 406 12.50 1.34 -5.40
CA ILE E 406 12.38 1.69 -6.82
C ILE E 406 11.18 2.60 -6.95
N MET E 407 11.30 3.67 -7.74
CA MET E 407 10.17 4.51 -8.14
C MET E 407 10.05 4.46 -9.65
N GLY E 408 8.94 3.97 -10.16
CA GLY E 408 8.78 3.91 -11.62
C GLY E 408 7.43 3.41 -11.97
N HIS E 409 7.19 3.25 -13.26
CA HIS E 409 5.89 2.81 -13.78
C HIS E 409 5.76 1.29 -13.72
N SER E 410 4.52 0.85 -13.95
CA SER E 410 4.18 -0.56 -13.71
C SER E 410 4.83 -1.54 -14.64
N LYS E 411 5.36 -1.12 -15.82
CA LYS E 411 6.01 -2.14 -16.64
C LYS E 411 7.37 -2.56 -16.08
N GLY E 412 7.84 -1.90 -14.99
CA GLY E 412 9.00 -2.44 -14.27
C GLY E 412 8.64 -3.33 -13.10
N ARG E 413 7.38 -3.64 -12.90
CA ARG E 413 6.97 -4.34 -11.67
C ARG E 413 7.73 -5.63 -11.42
N TYR E 414 7.97 -6.45 -12.43
CA TYR E 414 8.60 -7.75 -12.15
C TYR E 414 10.03 -7.60 -11.68
N VAL E 415 10.70 -6.51 -12.02
CA VAL E 415 12.04 -6.30 -11.52
C VAL E 415 12.01 -6.20 -10.00
N ALA E 416 11.12 -5.33 -9.51
CA ALA E 416 10.99 -5.11 -8.07
C ALA E 416 10.47 -6.38 -7.39
N ILE E 417 9.48 -7.02 -7.94
CA ILE E 417 8.88 -8.19 -7.29
C ILE E 417 9.96 -9.27 -7.11
N GLU E 418 10.65 -9.59 -8.19
N GLU E 418 10.69 -9.56 -8.18
CA GLU E 418 11.61 -10.69 -8.10
CA GLU E 418 11.69 -10.65 -8.15
C GLU E 418 12.79 -10.31 -7.19
C GLU E 418 12.88 -10.31 -7.26
N ALA E 419 13.26 -9.05 -7.21
CA ALA E 419 14.40 -8.64 -6.38
C ALA E 419 13.96 -8.37 -4.94
N ASN E 420 12.69 -8.44 -4.67
CA ASN E 420 12.15 -8.17 -3.34
C ASN E 420 12.51 -6.77 -2.83
N ILE E 421 12.30 -5.78 -3.71
CA ILE E 421 12.54 -4.36 -3.40
C ILE E 421 11.17 -3.67 -3.41
N PRO E 422 10.83 -2.88 -2.40
CA PRO E 422 9.56 -2.15 -2.50
C PRO E 422 9.62 -1.14 -3.64
N MET E 423 8.49 -1.08 -4.36
N MET E 423 8.44 -0.77 -4.09
CA MET E 423 8.36 -0.06 -5.42
CA MET E 423 8.38 -0.05 -5.36
C MET E 423 7.13 0.86 -5.27
C MET E 423 7.15 0.82 -5.34
N VAL E 424 7.35 2.12 -5.50
CA VAL E 424 6.26 3.10 -5.59
C VAL E 424 6.03 3.36 -7.07
N ARG E 425 4.77 3.28 -7.47
CA ARG E 425 4.34 3.47 -8.84
C ARG E 425 4.13 4.93 -9.11
N VAL E 426 4.92 5.45 -10.07
CA VAL E 426 4.90 6.86 -10.52
C VAL E 426 4.94 6.89 -12.03
N GLY E 427 4.44 8.01 -12.55
CA GLY E 427 4.49 8.24 -14.00
C GLY E 427 3.52 7.34 -14.73
N PHE E 428 3.86 6.95 -15.94
CA PHE E 428 2.92 6.35 -16.89
C PHE E 428 3.51 5.11 -17.50
N PRO E 429 2.79 3.99 -17.54
CA PRO E 429 1.46 3.70 -17.00
C PRO E 429 1.56 3.07 -15.60
N THR E 430 0.57 3.34 -14.77
CA THR E 430 0.52 2.75 -13.43
C THR E 430 -0.71 1.86 -13.29
N PHE E 431 -0.76 0.81 -14.08
CA PHE E 431 -1.90 -0.08 -14.19
C PHE E 431 -2.02 -1.11 -13.09
N ASP E 432 -0.94 -1.38 -12.33
CA ASP E 432 -0.96 -2.50 -11.38
C ASP E 432 -1.27 -2.04 -9.96
N ARG E 433 -1.78 -0.84 -9.78
CA ARG E 433 -2.37 -0.38 -8.52
C ARG E 433 -3.62 0.40 -8.88
N ALA E 434 -4.50 0.57 -7.91
CA ALA E 434 -5.79 1.21 -8.10
C ALA E 434 -5.75 2.68 -7.67
N GLY E 435 -6.29 3.54 -8.55
CA GLY E 435 -6.60 4.91 -8.20
C GLY E 435 -5.46 5.90 -8.33
N LEU E 436 -4.27 5.51 -8.76
CA LEU E 436 -3.11 6.41 -8.69
C LEU E 436 -3.26 7.61 -9.61
N TYR E 437 -4.05 7.46 -10.68
CA TYR E 437 -4.28 8.58 -11.61
C TYR E 437 -5.03 9.71 -10.89
N ARG E 438 -5.67 9.47 -9.76
CA ARG E 438 -6.45 10.46 -9.04
C ARG E 438 -5.62 11.13 -7.96
N LYS E 439 -4.43 10.64 -7.70
CA LYS E 439 -3.58 11.13 -6.58
C LYS E 439 -2.58 12.09 -7.17
N PRO E 440 -2.41 13.32 -6.64
CA PRO E 440 -1.37 14.20 -7.14
C PRO E 440 0.01 13.69 -6.73
N SER E 441 0.96 13.96 -7.60
CA SER E 441 2.38 13.72 -7.36
C SER E 441 3.15 15.03 -7.31
N ILE E 442 2.72 16.04 -8.04
CA ILE E 442 3.31 17.36 -8.02
C ILE E 442 2.76 18.21 -6.86
N GLY E 443 3.41 19.34 -6.62
CA GLY E 443 2.95 20.26 -5.60
C GLY E 443 3.25 19.81 -4.19
N TYR E 444 2.75 20.56 -3.25
CA TYR E 444 2.96 20.24 -1.82
C TYR E 444 2.21 18.98 -1.42
N GLN E 445 0.89 18.97 -1.72
CA GLN E 445 0.09 17.78 -1.43
C GLN E 445 0.69 16.58 -2.13
N GLY E 446 1.14 16.73 -3.39
CA GLY E 446 1.73 15.61 -4.07
C GLY E 446 3.02 15.11 -3.43
N ALA E 447 3.85 16.00 -2.95
CA ALA E 447 5.09 15.57 -2.27
C ALA E 447 4.72 14.76 -1.01
N MET E 448 3.74 15.23 -0.28
CA MET E 448 3.24 14.51 0.90
C MET E 448 2.71 13.12 0.50
N GLU E 449 1.89 13.08 -0.53
CA GLU E 449 1.33 11.80 -0.98
C GLU E 449 2.44 10.84 -1.42
N LEU E 450 3.42 11.37 -2.15
CA LEU E 450 4.53 10.50 -2.59
C LEU E 450 5.31 9.97 -1.37
N GLY E 451 5.63 10.87 -0.47
CA GLY E 451 6.38 10.44 0.72
C GLY E 451 5.65 9.37 1.52
N GLU E 452 4.36 9.58 1.70
CA GLU E 452 3.58 8.58 2.43
C GLU E 452 3.46 7.29 1.66
N MET E 453 3.36 7.33 0.33
N MET E 453 3.35 7.34 0.34
CA MET E 453 3.39 6.07 -0.46
CA MET E 453 3.37 6.10 -0.46
C MET E 453 4.71 5.35 -0.26
C MET E 453 4.71 5.36 -0.27
N ILE E 454 5.83 6.07 -0.25
CA ILE E 454 7.15 5.46 -0.01
C ILE E 454 7.16 4.77 1.39
N ALA E 455 6.77 5.54 2.39
CA ALA E 455 6.79 4.99 3.76
C ALA E 455 5.88 3.78 3.83
N ASN E 456 4.66 3.88 3.31
CA ASN E 456 3.74 2.74 3.43
C ASN E 456 4.23 1.52 2.69
N ALA E 457 4.91 1.72 1.54
CA ALA E 457 5.51 0.57 0.84
C ALA E 457 6.63 -0.05 1.69
N MET E 458 7.45 0.79 2.30
CA MET E 458 8.51 0.27 3.20
C MET E 458 7.91 -0.45 4.41
N PHE E 459 6.84 0.10 4.96
CA PHE E 459 6.22 -0.51 6.14
C PHE E 459 5.70 -1.89 5.81
N ALA E 460 4.97 -2.00 4.70
CA ALA E 460 4.45 -3.32 4.32
C ALA E 460 5.63 -4.28 4.08
N HIS E 461 6.71 -3.80 3.47
CA HIS E 461 7.86 -4.67 3.19
C HIS E 461 8.51 -5.15 4.51
N MET E 462 8.56 -4.27 5.48
CA MET E 462 9.11 -4.66 6.80
C MET E 462 8.28 -5.76 7.40
N GLU E 463 6.97 -5.66 7.27
CA GLU E 463 6.09 -6.73 7.79
C GLU E 463 6.26 -8.03 7.04
N TYR E 464 6.19 -8.00 5.70
CA TYR E 464 6.30 -9.24 4.92
C TYR E 464 7.67 -9.91 5.12
N THR E 465 8.73 -9.15 5.31
CA THR E 465 10.07 -9.70 5.43
C THR E 465 10.48 -9.84 6.88
N ARG E 466 9.65 -9.46 7.83
CA ARG E 466 9.96 -9.49 9.27
C ARG E 466 11.26 -8.77 9.56
N ASN E 467 11.38 -7.55 9.07
CA ASN E 467 12.56 -6.70 9.26
C ASN E 467 12.22 -5.60 10.24
N LYS E 468 12.43 -5.87 11.53
CA LYS E 468 12.13 -4.90 12.59
C LYS E 468 10.67 -4.43 12.51
N GLU E 469 9.75 -5.35 12.22
CA GLU E 469 8.35 -4.95 12.01
C GLU E 469 7.73 -4.37 13.29
N TRP E 470 8.32 -4.70 14.42
CA TRP E 470 7.87 -4.17 15.73
C TRP E 470 8.13 -2.70 15.92
N ILE E 471 8.87 -2.04 14.99
CA ILE E 471 9.28 -0.64 15.13
C ILE E 471 8.17 0.32 14.71
N LEU E 472 7.11 -0.18 14.09
CA LEU E 472 6.05 0.69 13.50
C LEU E 472 5.01 1.15 14.50
N ASN E 473 5.39 1.24 15.77
CA ASN E 473 4.48 1.57 16.88
C ASN E 473 4.56 3.01 17.37
N THR E 474 5.74 3.52 17.63
CA THR E 474 5.92 4.82 18.30
C THR E 474 6.86 5.73 17.54
N TRP E 475 6.84 5.59 16.23
CA TRP E 475 7.48 6.55 15.33
C TRP E 475 6.66 7.82 15.25
N GLN F 3 -41.94 -32.48 -38.54
CA GLN F 3 -40.63 -32.62 -39.26
C GLN F 3 -40.11 -34.08 -39.34
N SER F 4 -39.51 -34.36 -40.48
CA SER F 4 -39.13 -35.74 -40.83
C SER F 4 -38.00 -36.18 -39.89
N HIS F 5 -37.73 -37.46 -39.93
CA HIS F 5 -36.54 -38.06 -39.30
C HIS F 5 -35.28 -37.39 -39.87
N LEU F 6 -35.25 -37.11 -41.17
CA LEU F 6 -34.04 -36.52 -41.80
C LEU F 6 -33.89 -35.06 -41.34
N ASP F 7 -35.00 -34.33 -41.17
CA ASP F 7 -34.96 -32.95 -40.60
C ASP F 7 -34.30 -33.01 -39.22
N ASP F 8 -34.70 -33.94 -38.37
CA ASP F 8 -34.14 -34.12 -37.02
C ASP F 8 -32.62 -34.34 -37.13
N LEU F 9 -32.19 -35.27 -37.94
CA LEU F 9 -30.74 -35.56 -38.09
C LEU F 9 -29.98 -34.32 -38.55
N PHE F 10 -30.51 -33.63 -39.55
CA PHE F 10 -29.83 -32.46 -40.12
C PHE F 10 -29.71 -31.39 -39.06
N ALA F 11 -30.80 -31.12 -38.36
CA ALA F 11 -30.83 -30.09 -37.30
C ALA F 11 -29.82 -30.45 -36.22
N TYR F 12 -29.69 -31.71 -35.83
CA TYR F 12 -28.68 -32.11 -34.85
C TYR F 12 -27.28 -31.80 -35.38
N VAL F 13 -26.96 -32.23 -36.56
CA VAL F 13 -25.59 -32.07 -37.08
C VAL F 13 -25.25 -30.56 -37.13
N GLU F 14 -26.17 -29.77 -37.65
CA GLU F 14 -25.91 -28.34 -37.86
C GLU F 14 -25.59 -27.69 -36.52
N GLU F 15 -26.35 -27.98 -35.49
CA GLU F 15 -26.17 -27.24 -34.22
C GLU F 15 -25.08 -27.87 -33.38
N ARG F 16 -24.65 -29.08 -33.61
CA ARG F 16 -23.70 -29.75 -32.71
C ARG F 16 -22.32 -30.00 -33.32
N CYS F 17 -22.25 -30.40 -34.59
CA CYS F 17 -20.99 -30.95 -35.10
C CYS F 17 -20.11 -29.87 -35.77
N LEU F 18 -18.81 -30.19 -35.81
CA LEU F 18 -17.83 -29.29 -36.39
C LEU F 18 -17.18 -29.90 -37.64
N TRP F 19 -17.26 -31.20 -37.82
CA TRP F 19 -16.48 -31.90 -38.85
C TRP F 19 -16.95 -31.50 -40.26
N GLN F 20 -18.19 -31.04 -40.39
CA GLN F 20 -18.71 -30.61 -41.70
C GLN F 20 -18.23 -29.19 -42.02
N PHE F 21 -17.52 -28.50 -41.09
CA PHE F 21 -17.08 -27.11 -41.25
C PHE F 21 -15.55 -26.99 -41.31
N PHE F 22 -14.90 -28.04 -41.75
CA PHE F 22 -13.44 -28.03 -41.95
C PHE F 22 -13.06 -26.98 -43.02
N SER F 23 -11.77 -26.80 -43.21
CA SER F 23 -11.28 -25.57 -43.86
C SER F 23 -11.51 -25.56 -45.35
N ARG F 24 -11.59 -26.70 -46.01
CA ARG F 24 -11.63 -26.76 -47.46
C ARG F 24 -12.72 -27.75 -47.87
N THR F 25 -13.17 -27.60 -49.09
CA THR F 25 -14.18 -28.49 -49.71
C THR F 25 -13.81 -29.95 -49.58
N TRP F 26 -12.57 -30.29 -49.92
CA TRP F 26 -12.15 -31.68 -49.97
C TRP F 26 -12.22 -32.31 -48.56
N ASP F 27 -11.87 -31.53 -47.53
CA ASP F 27 -11.92 -32.05 -46.14
C ASP F 27 -13.37 -32.17 -45.66
N ARG F 28 -14.23 -31.23 -46.01
CA ARG F 28 -15.66 -31.35 -45.70
C ARG F 28 -16.22 -32.62 -46.36
N GLU F 29 -15.91 -32.83 -47.62
CA GLU F 29 -16.41 -34.01 -48.36
C GLU F 29 -15.93 -35.29 -47.66
N GLU F 30 -14.64 -35.35 -47.31
CA GLU F 30 -14.07 -36.54 -46.69
C GLU F 30 -14.79 -36.81 -45.37
N ASN F 31 -15.05 -35.78 -44.59
CA ASN F 31 -15.63 -35.97 -43.27
C ASN F 31 -17.10 -36.36 -43.37
N ILE F 32 -17.85 -35.73 -44.24
CA ILE F 32 -19.30 -36.04 -44.38
C ILE F 32 -19.43 -37.51 -44.75
N GLU F 33 -18.64 -37.97 -45.71
CA GLU F 33 -18.70 -39.38 -46.13
C GLU F 33 -18.24 -40.29 -45.01
N GLY F 34 -17.09 -39.99 -44.42
CA GLY F 34 -16.44 -40.93 -43.47
C GLY F 34 -17.22 -41.01 -42.18
N VAL F 35 -17.61 -39.89 -41.60
CA VAL F 35 -18.35 -39.92 -40.32
C VAL F 35 -19.70 -40.58 -40.56
N LEU F 36 -20.42 -40.19 -41.60
CA LEU F 36 -21.79 -40.74 -41.73
C LEU F 36 -21.78 -42.22 -42.14
N ASN F 37 -20.76 -42.74 -42.79
CA ASN F 37 -20.70 -44.18 -43.05
C ASN F 37 -20.53 -44.91 -41.71
N GLN F 38 -19.70 -44.37 -40.80
CA GLN F 38 -19.55 -44.97 -39.48
C GLN F 38 -20.85 -44.88 -38.70
N VAL F 39 -21.57 -43.78 -38.81
CA VAL F 39 -22.88 -43.62 -38.13
C VAL F 39 -23.85 -44.72 -38.58
N GLY F 40 -23.87 -44.99 -39.86
CA GLY F 40 -24.70 -46.04 -40.46
C GLY F 40 -24.38 -47.38 -39.87
N ARG F 41 -23.10 -47.73 -39.77
CA ARG F 41 -22.67 -48.98 -39.13
C ARG F 41 -23.14 -49.02 -37.66
N LEU F 42 -22.95 -47.94 -36.89
CA LEU F 42 -23.28 -47.94 -35.45
C LEU F 42 -24.79 -48.01 -35.22
N LEU F 43 -25.61 -47.33 -36.04
CA LEU F 43 -27.09 -47.35 -35.82
C LEU F 43 -27.73 -48.61 -36.37
N THR F 44 -27.04 -49.51 -37.05
CA THR F 44 -27.63 -50.75 -37.53
C THR F 44 -26.88 -51.93 -36.92
N GLY F 45 -26.07 -51.73 -35.89
CA GLY F 45 -25.39 -52.83 -35.17
C GLY F 45 -24.28 -53.50 -35.96
N GLN F 46 -23.75 -52.86 -36.99
CA GLN F 46 -22.53 -53.36 -37.67
C GLN F 46 -21.23 -52.83 -37.00
N GLU F 47 -20.13 -53.55 -37.23
CA GLU F 47 -18.82 -53.22 -36.63
C GLU F 47 -18.28 -51.96 -37.32
N PRO F 48 -17.76 -50.96 -36.59
CA PRO F 48 -17.18 -49.82 -37.27
C PRO F 48 -15.82 -50.17 -37.87
N LEU F 49 -15.38 -49.36 -38.86
CA LEU F 49 -13.98 -49.49 -39.33
C LEU F 49 -13.05 -48.88 -38.26
N ARG F 50 -12.00 -49.55 -37.87
CA ARG F 50 -11.03 -48.95 -36.93
C ARG F 50 -9.59 -49.27 -37.40
N GLY F 51 -9.41 -49.63 -38.69
CA GLY F 51 -8.14 -50.12 -39.25
C GLY F 51 -7.09 -49.03 -39.41
N THR F 52 -7.45 -47.83 -39.83
CA THR F 52 -6.46 -46.72 -40.05
C THR F 52 -6.72 -45.64 -39.03
N PRO F 53 -5.74 -44.76 -38.76
CA PRO F 53 -6.02 -43.62 -37.89
C PRO F 53 -7.25 -42.83 -38.33
N GLN F 54 -7.35 -42.56 -39.62
CA GLN F 54 -8.51 -41.77 -40.10
C GLN F 54 -9.84 -42.49 -39.83
N GLU F 55 -9.90 -43.80 -40.04
CA GLU F 55 -11.14 -44.54 -39.74
C GLU F 55 -11.45 -44.46 -38.25
N ARG F 56 -10.43 -44.57 -37.40
N ARG F 56 -10.42 -44.57 -37.41
CA ARG F 56 -10.67 -44.52 -35.94
CA ARG F 56 -10.60 -44.52 -35.95
C ARG F 56 -11.18 -43.14 -35.55
C ARG F 56 -11.15 -43.15 -35.54
N LEU F 57 -10.72 -42.08 -36.23
CA LEU F 57 -11.28 -40.78 -35.88
C LEU F 57 -12.71 -40.64 -36.43
N PHE F 58 -12.97 -41.12 -37.66
CA PHE F 58 -14.35 -41.07 -38.11
C PHE F 58 -15.25 -41.84 -37.11
N TYR F 59 -14.75 -42.97 -36.58
CA TYR F 59 -15.49 -43.72 -35.53
C TYR F 59 -15.78 -42.84 -34.34
N ALA F 60 -14.77 -42.12 -33.85
CA ALA F 60 -14.93 -41.29 -32.64
C ALA F 60 -16.01 -40.23 -32.86
N ASP F 61 -15.96 -39.52 -34.00
CA ASP F 61 -17.01 -38.52 -34.29
C ASP F 61 -18.38 -39.17 -34.48
N ALA F 62 -18.42 -40.32 -35.15
CA ALA F 62 -19.67 -41.02 -35.43
C ALA F 62 -20.29 -41.51 -34.12
N LEU F 63 -19.47 -41.99 -33.20
CA LEU F 63 -20.02 -42.57 -31.94
C LEU F 63 -20.75 -41.50 -31.16
N ALA F 64 -20.23 -40.28 -31.11
CA ALA F 64 -20.90 -39.15 -30.45
C ALA F 64 -22.22 -38.90 -31.13
N MET F 65 -22.24 -38.85 -32.45
CA MET F 65 -23.48 -38.58 -33.16
C MET F 65 -24.50 -39.74 -32.94
N ALA F 66 -24.04 -40.98 -33.09
CA ALA F 66 -24.96 -42.16 -32.98
C ALA F 66 -25.56 -42.17 -31.59
N ASN F 67 -24.73 -42.00 -30.57
CA ASN F 67 -25.23 -42.01 -29.18
C ASN F 67 -26.23 -40.89 -29.01
N ASP F 68 -25.89 -39.68 -29.49
CA ASP F 68 -26.76 -38.52 -29.28
C ASP F 68 -28.09 -38.73 -30.00
N VAL F 69 -28.08 -39.21 -31.21
CA VAL F 69 -29.35 -39.38 -31.96
C VAL F 69 -30.20 -40.44 -31.26
N ARG F 70 -29.61 -41.53 -30.77
CA ARG F 70 -30.43 -42.58 -30.07
C ARG F 70 -30.97 -41.97 -28.75
N GLU F 71 -30.21 -41.09 -28.11
CA GLU F 71 -30.73 -40.47 -26.89
C GLU F 71 -31.86 -39.46 -27.19
N ARG F 72 -31.73 -38.72 -28.29
CA ARG F 72 -32.65 -37.59 -28.57
C ARG F 72 -33.96 -38.03 -29.18
N PHE F 73 -33.90 -39.02 -30.05
CA PHE F 73 -35.00 -39.26 -31.00
C PHE F 73 -35.51 -40.67 -30.78
N PRO F 74 -36.69 -40.88 -30.12
CA PRO F 74 -37.21 -42.22 -29.93
C PRO F 74 -37.18 -43.02 -31.25
N TRP F 75 -37.55 -42.35 -32.34
CA TRP F 75 -37.63 -43.02 -33.65
C TRP F 75 -36.33 -43.74 -33.93
N ALA F 76 -35.17 -43.21 -33.55
CA ALA F 76 -33.88 -43.68 -34.07
C ALA F 76 -33.51 -45.05 -33.51
N SER F 77 -34.27 -45.56 -32.53
CA SER F 77 -34.15 -46.93 -31.98
C SER F 77 -35.34 -47.78 -32.45
N GLN F 78 -36.28 -47.23 -33.26
CA GLN F 78 -37.53 -47.96 -33.66
C GLN F 78 -37.70 -47.80 -35.18
N VAL F 79 -36.57 -47.75 -35.90
CA VAL F 79 -36.66 -47.67 -37.40
C VAL F 79 -35.99 -48.89 -37.97
N ASN F 80 -36.42 -49.25 -39.18
CA ASN F 80 -35.78 -50.30 -40.02
C ASN F 80 -34.33 -49.92 -40.31
N LYS F 81 -33.45 -50.89 -40.48
CA LYS F 81 -32.11 -50.63 -41.01
C LYS F 81 -32.22 -49.94 -42.35
N GLU F 82 -33.13 -50.36 -43.24
CA GLU F 82 -33.19 -49.75 -44.61
C GLU F 82 -33.47 -48.26 -44.51
N GLU F 83 -34.22 -47.85 -43.47
CA GLU F 83 -34.53 -46.41 -43.26
C GLU F 83 -33.18 -45.73 -42.96
N ILE F 84 -32.35 -46.34 -42.13
CA ILE F 84 -31.09 -45.62 -41.71
C ILE F 84 -30.33 -45.30 -42.98
N GLU F 85 -30.18 -46.22 -43.91
CA GLU F 85 -29.43 -46.00 -45.18
C GLU F 85 -30.04 -44.87 -46.04
N PHE F 86 -31.34 -44.91 -46.27
CA PHE F 86 -32.11 -43.81 -46.86
C PHE F 86 -31.80 -42.49 -46.15
N LEU F 87 -31.87 -42.44 -44.82
CA LEU F 87 -31.76 -41.17 -44.07
C LEU F 87 -30.33 -40.64 -44.25
N LEU F 88 -29.32 -41.51 -44.21
CA LEU F 88 -27.91 -41.03 -44.25
C LEU F 88 -27.55 -40.65 -45.68
N ASP F 89 -28.13 -41.29 -46.68
CA ASP F 89 -27.91 -40.83 -48.09
C ASP F 89 -28.49 -39.41 -48.26
N GLY F 90 -29.67 -39.18 -47.65
CA GLY F 90 -30.29 -37.86 -47.75
C GLY F 90 -29.52 -36.85 -46.91
N LEU F 91 -28.97 -37.27 -45.79
CA LEU F 91 -28.22 -36.36 -44.89
C LEU F 91 -26.88 -35.98 -45.57
N LYS F 92 -26.20 -36.91 -46.19
CA LYS F 92 -25.01 -36.56 -46.93
C LYS F 92 -25.32 -35.53 -48.00
N SER F 93 -26.45 -35.70 -48.67
N SER F 93 -26.35 -35.73 -48.81
CA SER F 93 -26.90 -34.78 -49.72
CA SER F 93 -26.61 -34.78 -49.91
C SER F 93 -27.17 -33.41 -49.11
C SER F 93 -26.88 -33.39 -49.33
N ARG F 94 -27.86 -33.35 -47.99
N ARG F 94 -27.71 -33.30 -48.30
CA ARG F 94 -28.18 -32.03 -47.39
CA ARG F 94 -28.06 -31.99 -47.68
C ARG F 94 -26.90 -31.34 -46.93
C ARG F 94 -26.78 -31.35 -47.11
N LEU F 95 -25.97 -32.11 -46.39
CA LEU F 95 -24.74 -31.50 -45.82
C LEU F 95 -23.81 -31.00 -46.93
N VAL F 96 -23.65 -31.76 -48.00
CA VAL F 96 -22.84 -31.31 -49.13
C VAL F 96 -23.49 -30.04 -49.69
N ASP F 97 -24.81 -30.03 -49.84
CA ASP F 97 -25.46 -28.85 -50.39
C ASP F 97 -25.17 -27.58 -49.58
N VAL F 98 -25.29 -27.64 -48.25
CA VAL F 98 -25.22 -26.39 -47.44
C VAL F 98 -23.78 -26.03 -47.06
N THR F 99 -22.91 -27.00 -46.93
CA THR F 99 -21.54 -26.73 -46.48
C THR F 99 -20.57 -26.60 -47.66
N ILE F 100 -20.98 -27.02 -48.86
CA ILE F 100 -20.07 -26.96 -50.04
C ILE F 100 -20.77 -26.27 -51.19
N THR F 101 -21.78 -26.87 -51.76
CA THR F 101 -22.29 -26.40 -53.05
C THR F 101 -22.81 -24.98 -52.96
N ARG F 102 -23.56 -24.65 -51.90
CA ARG F 102 -24.19 -23.33 -51.77
C ARG F 102 -23.55 -22.48 -50.69
N SER F 103 -22.43 -22.92 -50.12
CA SER F 103 -21.68 -22.11 -49.18
C SER F 103 -20.96 -21.02 -49.97
N THR F 104 -21.06 -19.78 -49.53
CA THR F 104 -20.36 -18.62 -50.10
C THR F 104 -19.01 -18.40 -49.40
N ASN F 105 -18.57 -19.30 -48.56
CA ASN F 105 -17.23 -19.21 -47.92
C ASN F 105 -16.18 -19.26 -49.04
N ARG F 106 -15.50 -18.14 -49.23
CA ARG F 106 -14.64 -17.99 -50.42
C ARG F 106 -13.33 -18.72 -50.34
N GLU F 107 -13.00 -19.29 -49.18
N GLU F 107 -12.96 -19.29 -49.20
CA GLU F 107 -11.74 -20.02 -49.00
CA GLU F 107 -11.67 -20.00 -49.20
C GLU F 107 -11.86 -21.51 -49.34
C GLU F 107 -11.85 -21.52 -49.33
N LEU F 108 -13.07 -22.01 -49.56
CA LEU F 108 -13.26 -23.47 -49.55
C LEU F 108 -12.44 -24.18 -50.60
N ASN F 109 -12.21 -23.55 -51.79
CA ASN F 109 -11.48 -24.20 -52.89
C ASN F 109 -10.05 -23.75 -52.99
N HIS F 110 -9.50 -23.12 -51.96
CA HIS F 110 -8.11 -22.66 -52.04
C HIS F 110 -7.16 -23.84 -51.84
N HIS F 111 -6.42 -24.22 -52.84
CA HIS F 111 -5.44 -25.29 -52.81
C HIS F 111 -4.49 -25.18 -51.63
N LEU F 112 -4.05 -23.97 -51.36
CA LEU F 112 -3.06 -23.74 -50.29
C LEU F 112 -3.78 -23.62 -48.96
N TYR F 113 -3.31 -24.37 -47.97
CA TYR F 113 -3.78 -24.21 -46.60
C TYR F 113 -3.23 -22.93 -45.96
FE1 D6N G . 16.34 2.43 33.34
S1A D6N G . 15.35 4.35 34.17
S2A D6N G . 14.58 1.07 33.04
S4A D6N G . 17.21 2.77 31.20
FE2 D6N G . 13.81 3.21 33.06
FE3 D6N G . 15.04 2.06 31.04
FE4 D6N G . 15.76 4.47 31.90
CX D6N G . 13.98 3.87 31.21
S5A D6N G . 14.27 1.13 29.18
FE5 D6N G . 13.88 5.58 30.20
FE6 D6N G . 12.02 4.24 31.51
FE7 D6N G . 13.25 3.10 29.50
S1B D6N G . 11.88 6.41 30.89
S3B D6N G . 11.02 3.09 29.88
S4B D6N G . 13.69 4.78 28.08
V1 D6N G . 11.56 5.18 28.91
C1 HCA H . 6.87 4.90 29.96
C2 HCA H . 7.65 4.20 28.85
C3 HCA H . 8.54 5.16 28.08
C4 HCA H . 7.68 6.26 27.43
C5 HCA H . 8.48 7.20 26.56
C6 HCA H . 7.66 8.39 26.17
C7 HCA H . 9.36 4.40 27.05
O1 HCA H . 7.59 5.61 30.76
O2 HCA H . 5.64 4.80 30.00
O3 HCA H . 7.67 9.36 26.87
O4 HCA H . 6.95 8.33 25.16
O5 HCA H . 10.62 4.39 27.18
O6 HCA H . 8.75 3.79 26.14
O7 HCA H . 9.49 5.75 28.99
C BCT I . 16.20 7.16 31.02
O1 BCT I . 16.74 6.11 31.47
O2 BCT I . 15.06 7.15 30.37
O3 BCT I . 16.79 8.31 31.13
C CMO J . 11.86 3.51 33.39
O CMO J . 11.37 3.26 34.35
C CMO K . 10.31 4.49 32.42
O CMO K . 9.28 4.60 32.93
C1 EDO L . -15.49 -7.01 48.35
O1 EDO L . -15.14 -6.99 49.73
C2 EDO L . -14.65 -6.06 47.57
O2 EDO L . -14.63 -4.73 47.96
C1 EDO M . 7.68 -22.32 29.58
O1 EDO M . 7.89 -22.56 30.99
C2 EDO M . 7.85 -20.86 29.34
O2 EDO M . 6.68 -20.20 29.71
C TRS N . -17.06 -1.93 47.90
C1 TRS N . -16.93 -1.65 49.39
C2 TRS N . -15.88 -1.35 47.13
C3 TRS N . -18.42 -1.43 47.39
N TRS N . -17.00 -3.41 47.67
O1 TRS N . -15.74 -2.19 49.96
O2 TRS N . -15.84 0.05 47.26
O3 TRS N . -18.64 -1.79 46.04
C TRS O . 1.42 -19.07 20.82
C1 TRS O . 2.32 -18.58 21.94
C2 TRS O . 1.06 -20.54 21.05
C3 TRS O . 0.17 -18.20 20.74
N TRS O . 2.15 -18.96 19.53
O1 TRS O . 3.48 -19.40 22.01
O2 TRS O . 0.19 -20.71 22.16
O3 TRS O . -0.84 -18.93 20.09
FE1 CLF P . -3.87 3.25 37.64
FE2 CLF P . -3.95 4.44 35.42
FE3 CLF P . -1.51 3.25 36.14
FE4 CLF P . -3.73 1.82 35.48
S1 CLF P . -5.77 2.93 36.16
S2A CLF P . -2.54 5.10 37.11
S4A CLF P . -2.56 3.19 34.08
S3A CLF P . -2.43 1.46 37.34
FE5 CLF P . -6.21 1.81 34.00
FE6 CLF P . -8.11 2.71 35.42
FE6 CLF P . -8.88 2.48 35.23
FE7 CLF P . -8.23 3.13 32.62
FE8 CLF P . -6.62 4.36 34.40
S2B CLF P . -8.34 1.07 33.70
S3B CLF P . -8.86 4.57 34.30
S4B CLF P . -5.97 3.43 32.41
MG MG Q . 1.62 16.27 11.82
MG MG R . -13.19 5.12 -14.13
C1 EDO S . -28.45 3.20 13.20
O1 EDO S . -27.85 3.58 14.38
C2 EDO S . -29.47 4.12 12.85
O2 EDO S . -30.57 4.21 13.79
C1 EDO T . -16.98 29.75 36.74
O1 EDO T . -17.67 31.01 36.82
C2 EDO T . -15.47 29.83 36.85
O2 EDO T . -14.87 30.82 36.02
C1 EDO U . -15.32 17.96 47.51
O1 EDO U . -15.06 17.08 48.63
C2 EDO U . -15.13 19.44 47.90
O2 EDO U . -13.87 19.73 48.45
MG MG V . 34.25 18.77 37.71
C1 EDO W . 32.53 -1.45 43.18
O1 EDO W . 32.41 -1.35 41.73
C2 EDO W . 33.81 -1.00 43.62
O2 EDO W . 34.92 -1.87 43.20
FE1 D6N X . -7.88 -18.40 -31.14
S1A D6N X . -8.84 -16.68 -32.38
S2A D6N X . -5.81 -17.59 -30.77
S4A D6N X . -8.84 -18.54 -29.01
FE2 D6N X . -7.15 -15.83 -31.23
FE3 D6N X . -7.08 -17.11 -28.94
FE4 D6N X . -9.39 -16.58 -30.13
CX D6N X . -7.98 -15.29 -29.45
S5A D6N X . -6.07 -16.64 -27.01
FE5 D6N X . -9.41 -14.12 -28.85
FE6 D6N X . -7.14 -13.54 -30.09
FE7 D6N X . -7.08 -14.78 -27.77
S1B D6N X . -8.92 -12.16 -29.89
S3B D6N X . -5.79 -13.03 -28.38
S4B D6N X . -8.84 -13.98 -26.67
V1 D6N X . -7.91 -12.17 -27.77
C1 HCA Y . -4.95 -8.68 -29.23
C2 HCA Y . -4.90 -9.49 -27.94
C3 HCA Y . -6.28 -9.54 -27.26
C4 HCA Y . -6.76 -8.14 -26.90
C5 HCA Y . -8.08 -8.14 -26.13
C6 HCA Y . -8.63 -6.74 -26.08
C7 HCA Y . -6.23 -10.46 -26.04
O1 HCA Y . -4.18 -7.71 -29.37
O2 HCA Y . -5.86 -9.02 -30.06
O3 HCA Y . -8.32 -5.99 -25.15
O4 HCA Y . -9.36 -6.38 -27.00
O5 HCA Y . -5.46 -10.09 -25.10
O6 HCA Y . -6.90 -11.50 -26.03
O7 HCA Y . -7.21 -10.15 -28.18
C BCT Z . -11.94 -15.35 -29.69
O1 BCT Z . -11.35 -14.27 -29.18
O2 BCT Z . -11.34 -16.40 -29.92
O3 BCT Z . -13.20 -15.25 -29.96
C CMO AA . -6.31 -14.12 -31.84
O CMO AA . -5.70 -13.91 -32.63
C CMO BA . -6.26 -12.13 -31.03
O CMO BA . -5.73 -11.28 -31.57
C TRS CA . 17.13 -15.14 -16.51
C1 TRS CA . 17.20 -13.64 -16.74
C2 TRS CA . 16.33 -15.81 -17.61
C3 TRS CA . 18.53 -15.72 -16.46
N TRS CA . 16.48 -15.42 -15.22
O1 TRS CA . 18.14 -13.04 -15.87
O2 TRS CA . 16.43 -17.22 -17.43
O3 TRS CA . 19.31 -15.48 -17.62
FE1 CLF DA . 3.13 -2.17 -37.53
FE2 CLF DA . 1.98 -1.03 -35.60
FE3 CLF DA . 1.69 -3.82 -35.80
FE4 CLF DA . 4.02 -2.62 -35.14
S1 CLF DA . 4.30 -0.49 -36.24
S2A CLF DA . 0.82 -2.17 -37.23
S4A CLF DA . 2.12 -2.59 -33.90
S3A CLF DA . 3.79 -4.25 -36.74
FE5 CLF DA . 5.26 -0.31 -33.96
FE6 CLF DA . 5.74 1.43 -35.70
FE6 CLF DA . 6.17 2.14 -35.51
FE7 CLF DA . 5.16 2.31 -33.05
FE8 CLF DA . 3.42 1.30 -34.84
S2B CLF DA . 7.04 1.13 -33.73
S3B CLF DA . 4.49 3.31 -35.02
S4B CLF DA . 3.63 0.63 -32.66
C1 EDO EA . -8.26 34.78 -31.54
O1 EDO EA . -7.10 35.32 -31.13
C2 EDO EA . -8.58 33.45 -30.87
O2 EDO EA . -8.81 33.57 -29.46
C1 EDO FA . 14.21 24.09 -15.96
O1 EDO FA . 14.90 24.81 -16.98
C2 EDO FA . 14.46 22.62 -16.01
O2 EDO FA . 13.92 22.11 -17.21
C1 EDO GA . -11.43 22.84 -43.14
O1 EDO GA . -12.03 24.06 -43.58
C2 EDO GA . -12.39 21.69 -43.20
O2 EDO GA . -13.47 21.84 -42.38
C1 EDO HA . 5.07 21.14 -35.16
O1 EDO HA . 6.40 20.77 -35.52
C2 EDO HA . 4.68 22.42 -35.64
O2 EDO HA . 5.59 23.41 -35.05
MG MG IA . -30.92 -25.37 -36.53
C1 EDO JA . -12.85 -35.54 -38.46
O1 EDO JA . -12.90 -35.17 -37.06
C2 EDO JA . -13.92 -36.48 -38.90
O2 EDO JA . -13.80 -37.76 -38.18
#